data_6PCM
#
_entry.id   6PCM
#
_cell.length_a   133.325
_cell.length_b   135.067
_cell.length_c   145.087
_cell.angle_alpha   90.00
_cell.angle_beta   90.00
_cell.angle_gamma   90.00
#
_symmetry.space_group_name_H-M   'P 21 21 21'
#
loop_
_entity.id
_entity.type
_entity.pdbx_description
1 polymer 'DNA topoisomerase 1'
2 polymer "DNA (5'-D(P*AP*GP*TP*GP*AP*GP*CP*GP*AP*GP*CP*TP*TP*CP*CP*GP*CP*TP*TP*GP*AP*CP*TP*T)-3')"
3 non-polymer 'SULFATE ION'
#
loop_
_entity_poly.entity_id
_entity_poly.type
_entity_poly.pdbx_seq_one_letter_code
_entity_poly.pdbx_strand_id
1 'polypeptide(L)'
;SNAMAGGDRGSGGTGNVRRLVIVESPTKARKIAGYLGSNYVVESSRGHIRDLPRNAADVPAKFKSEPWARLGVNVDQNFE
PLYIVSPEKKSTVTELKGLLKDVDELYLATDGDREGEAIAWHLLETLKPRVPVKRMVFHEITEPAIRNAAENPRDLDIAL
VDAQETRRILDRLYGYEVSPVLWKKVAPKLSAGRVQSVATRIIVQRERERMAFHSASYWDVTAELDASVSDPSASPPKFT
AKLNTVDGRRVATGRDFDSLGQLKRPDEVLVLDEASAGALASGLRGAQLAVTSVEQKPYTRRPYAPFMTSTLQQEAARKL
RFSSERTMSIAQRLYENGYITYMRTDSTTLSESAINAARTQARQLYGEEYVHPSPRQYTRKVKNAQEAHEAIRPAGDVFQ
TPGQLHSALDTDEFRLYELIWQRTVASQMADARGTTLSLRIGGSASSGEQVVFNASGRTITFPGFLKAYVESIDELAGGE
SDDAESRLPNLTQGQRVDAADLSADGHQTSPPARYTEASLIKALEELGIGRPSTYSSIIKTIQDRGYVQKKGSALVPSWV
AFAVVGLLEQHFGRLVDYDFTAAMEDELDEIANGQEQRTNWLNNFYFGGEHGVEGSIARAGGLKQLVGGNLEGIDAREVN
SIKVFDDSEGRPVYVRVGRNGPYLERMVDDPDNPGEQKPQRANLKEDLTPDELTPELAEKLFATPQEGRSLGIDPETGHE
IVAKDGRFGPYVTEVLPEPEDGGDDGTAGTPAKKGKKPTGPKPRTGSLFRSMDLETVTLEDALKLLSLPRVVGVDPTTNE
EITAQNGRYGPYLKRGTDSRSLATEDQIFTITLDEALKIYAE
;
A,B
2 'polydeoxyribonucleotide'
;(DC)(DA)(DG)(DT)(DG)(DA)(DG)(DC)(DG)(DA)(DG)(DC)(DT)(DT)(DC)(DC)(DG)(DC)(DT)(DT)
(DG)(DA)(DC)(DT)(DT)
;
C,D
#
loop_
_chem_comp.id
_chem_comp.type
_chem_comp.name
_chem_comp.formula
DA DNA linking 2'-DEOXYADENOSINE-5'-MONOPHOSPHATE 'C10 H14 N5 O6 P'
DC DNA linking 2'-DEOXYCYTIDINE-5'-MONOPHOSPHATE 'C9 H14 N3 O7 P'
DG DNA linking 2'-DEOXYGUANOSINE-5'-MONOPHOSPHATE 'C10 H14 N5 O7 P'
DT DNA linking THYMIDINE-5'-MONOPHOSPHATE 'C10 H15 N2 O8 P'
SO4 non-polymer 'SULFATE ION' 'O4 S -2'
#
# COMPACT_ATOMS: atom_id res chain seq x y z
N ASN A 16 -23.72 -69.79 3.64
CA ASN A 16 -23.40 -68.54 4.32
C ASN A 16 -21.97 -68.10 3.99
N VAL A 17 -21.84 -67.16 3.06
CA VAL A 17 -20.56 -66.65 2.61
C VAL A 17 -20.49 -65.16 2.94
N ARG A 18 -19.41 -64.74 3.58
CA ARG A 18 -19.20 -63.34 3.91
C ARG A 18 -18.61 -62.63 2.71
N ARG A 19 -19.37 -61.70 2.12
CA ARG A 19 -18.98 -61.03 0.90
C ARG A 19 -18.67 -59.56 1.18
N LEU A 20 -17.59 -59.07 0.60
CA LEU A 20 -17.17 -57.68 0.75
C LEU A 20 -17.66 -56.88 -0.44
N VAL A 21 -18.32 -55.75 -0.16
CA VAL A 21 -18.92 -54.90 -1.18
C VAL A 21 -18.23 -53.54 -1.14
N ILE A 22 -17.86 -53.02 -2.31
CA ILE A 22 -17.23 -51.72 -2.44
C ILE A 22 -18.10 -50.85 -3.33
N VAL A 23 -18.65 -49.77 -2.77
CA VAL A 23 -19.44 -48.81 -3.54
C VAL A 23 -18.65 -47.53 -3.71
N GLU A 24 -19.26 -46.54 -4.35
CA GLU A 24 -18.62 -45.24 -4.60
C GLU A 24 -19.00 -44.20 -3.55
N SER A 25 -20.30 -44.07 -3.24
CA SER A 25 -20.76 -43.06 -2.29
C SER A 25 -20.85 -43.65 -0.90
N PRO A 26 -20.30 -42.99 0.12
CA PRO A 26 -20.39 -43.54 1.49
C PRO A 26 -21.80 -43.56 2.05
N THR A 27 -22.64 -42.56 1.71
CA THR A 27 -24.02 -42.58 2.20
C THR A 27 -24.84 -43.66 1.52
N LYS A 28 -24.44 -44.09 0.32
CA LYS A 28 -25.08 -45.26 -0.28
C LYS A 28 -24.66 -46.54 0.43
N ALA A 29 -23.42 -46.58 0.94
CA ALA A 29 -22.95 -47.76 1.64
C ALA A 29 -23.78 -48.05 2.89
N ARG A 30 -24.25 -47.00 3.56
CA ARG A 30 -25.11 -47.18 4.72
C ARG A 30 -26.45 -47.81 4.32
N LYS A 31 -27.01 -47.38 3.18
CA LYS A 31 -28.28 -47.94 2.74
C LYS A 31 -28.12 -49.36 2.20
N ILE A 32 -27.01 -49.65 1.54
CA ILE A 32 -26.78 -51.01 1.04
C ILE A 32 -26.63 -51.97 2.21
N ALA A 33 -25.87 -51.57 3.24
CA ALA A 33 -25.68 -52.40 4.42
C ALA A 33 -26.96 -52.58 5.23
N GLY A 34 -28.00 -51.79 4.96
CA GLY A 34 -29.28 -51.98 5.61
C GLY A 34 -30.13 -53.01 4.90
N TYR A 35 -30.04 -53.04 3.56
CA TYR A 35 -30.80 -54.02 2.78
C TYR A 35 -30.19 -55.41 2.92
N LEU A 36 -28.87 -55.49 2.98
CA LEU A 36 -28.16 -56.75 3.12
C LEU A 36 -27.59 -56.82 4.54
N GLY A 37 -27.95 -57.86 5.27
CA GLY A 37 -27.77 -57.88 6.71
C GLY A 37 -26.44 -58.36 7.26
N SER A 38 -26.49 -59.48 8.00
CA SER A 38 -25.39 -59.87 8.88
C SER A 38 -24.13 -60.22 8.09
N ASN A 39 -24.23 -61.18 7.18
CA ASN A 39 -23.06 -61.65 6.44
C ASN A 39 -22.76 -60.75 5.24
N TYR A 40 -22.57 -59.46 5.55
CA TYR A 40 -22.31 -58.47 4.51
C TYR A 40 -21.54 -57.30 5.12
N VAL A 41 -20.47 -56.89 4.43
CA VAL A 41 -19.67 -55.74 4.83
C VAL A 41 -19.58 -54.81 3.63
N VAL A 42 -20.15 -53.62 3.76
CA VAL A 42 -20.23 -52.65 2.67
C VAL A 42 -19.39 -51.43 3.05
N GLU A 43 -18.44 -51.09 2.18
CA GLU A 43 -17.59 -49.92 2.38
C GLU A 43 -17.50 -49.14 1.08
N SER A 44 -16.99 -47.91 1.17
CA SER A 44 -16.94 -47.00 0.04
C SER A 44 -15.48 -46.72 -0.34
N SER A 45 -15.29 -46.36 -1.61
CA SER A 45 -14.00 -45.96 -2.13
C SER A 45 -13.88 -44.46 -2.38
N ARG A 46 -15.00 -43.73 -2.32
CA ARG A 46 -15.01 -42.28 -2.49
C ARG A 46 -14.43 -41.87 -3.84
N GLY A 47 -14.91 -42.54 -4.89
CA GLY A 47 -14.50 -42.24 -6.25
C GLY A 47 -13.28 -43.01 -6.70
N HIS A 48 -12.49 -42.40 -7.58
CA HIS A 48 -11.27 -43.06 -8.06
C HIS A 48 -10.26 -43.24 -6.93
N ILE A 49 -9.40 -44.24 -7.08
CA ILE A 49 -8.28 -44.43 -6.18
C ILE A 49 -6.94 -44.15 -6.85
N ARG A 50 -6.84 -44.30 -8.16
CA ARG A 50 -5.63 -44.03 -8.89
C ARG A 50 -5.92 -43.09 -10.06
N ASP A 51 -4.88 -42.42 -10.52
CA ASP A 51 -4.98 -41.49 -11.65
C ASP A 51 -3.57 -41.22 -12.15
N LEU A 52 -3.48 -40.66 -13.34
CA LEU A 52 -2.19 -40.27 -13.89
C LEU A 52 -1.55 -39.20 -13.02
N PRO A 53 -0.22 -39.17 -12.94
CA PRO A 53 0.44 -38.13 -12.14
C PRO A 53 0.22 -36.76 -12.75
N ARG A 54 -0.25 -35.82 -11.93
CA ARG A 54 -0.64 -34.51 -12.44
C ARG A 54 0.58 -33.64 -12.75
N ASN A 55 1.62 -33.72 -11.93
CA ASN A 55 2.83 -32.93 -12.09
C ASN A 55 4.05 -33.84 -12.03
N ALA A 56 5.23 -33.26 -12.23
CA ALA A 56 6.45 -34.03 -12.15
C ALA A 56 6.72 -34.55 -10.75
N ALA A 57 6.05 -33.98 -9.73
CA ALA A 57 6.25 -34.44 -8.36
C ALA A 57 5.47 -35.71 -8.07
N ASP A 58 4.28 -35.85 -8.65
CA ASP A 58 3.46 -37.04 -8.43
C ASP A 58 4.01 -38.27 -9.14
N VAL A 59 4.93 -38.10 -10.08
CA VAL A 59 5.48 -39.26 -10.80
C VAL A 59 6.30 -40.09 -9.82
N PRO A 60 6.13 -41.42 -9.79
CA PRO A 60 6.87 -42.23 -8.83
C PRO A 60 8.37 -42.14 -9.05
N ALA A 61 9.12 -42.19 -7.94
CA ALA A 61 10.54 -41.85 -7.94
C ALA A 61 11.31 -42.60 -9.05
N LYS A 62 11.12 -43.91 -9.12
CA LYS A 62 11.86 -44.71 -10.10
C LYS A 62 11.48 -44.33 -11.53
N PHE A 63 10.19 -44.45 -11.86
CA PHE A 63 9.74 -44.19 -13.22
C PHE A 63 9.76 -42.72 -13.60
N LYS A 64 10.09 -41.82 -12.66
CA LYS A 64 10.14 -40.39 -12.94
C LYS A 64 11.52 -39.96 -13.42
N SER A 65 12.56 -40.27 -12.64
CA SER A 65 13.87 -39.69 -12.86
C SER A 65 14.54 -40.18 -14.13
N GLU A 66 14.14 -41.34 -14.66
CA GLU A 66 14.88 -41.90 -15.78
C GLU A 66 14.31 -41.47 -17.13
N PRO A 67 13.04 -41.79 -17.47
CA PRO A 67 12.59 -41.55 -18.85
C PRO A 67 11.87 -40.22 -19.04
N TRP A 68 11.02 -40.17 -20.06
CA TRP A 68 10.29 -38.97 -20.45
C TRP A 68 8.80 -39.19 -20.19
N ALA A 69 8.44 -39.14 -18.91
CA ALA A 69 7.07 -39.43 -18.46
C ALA A 69 6.37 -38.16 -17.98
N ARG A 70 6.56 -37.04 -18.70
CA ARG A 70 5.82 -35.83 -18.38
C ARG A 70 4.34 -35.99 -18.68
N LEU A 71 4.00 -36.87 -19.64
CA LEU A 71 2.62 -37.13 -20.00
C LEU A 71 1.94 -38.16 -19.09
N GLY A 72 2.72 -38.96 -18.37
CA GLY A 72 2.18 -40.10 -17.68
C GLY A 72 1.75 -41.23 -18.58
N VAL A 73 1.96 -41.09 -19.88
CA VAL A 73 1.64 -42.11 -20.87
C VAL A 73 2.82 -42.19 -21.82
N ASN A 74 3.79 -43.06 -21.50
CA ASN A 74 4.91 -43.30 -22.40
C ASN A 74 4.39 -43.88 -23.71
N VAL A 75 4.15 -43.00 -24.68
CA VAL A 75 3.40 -43.37 -25.88
C VAL A 75 4.16 -44.41 -26.70
N ASP A 76 5.49 -44.28 -26.78
CA ASP A 76 6.28 -45.20 -27.58
C ASP A 76 6.16 -46.64 -27.10
N GLN A 77 5.70 -46.86 -25.87
CA GLN A 77 5.55 -48.20 -25.30
C GLN A 77 4.08 -48.63 -25.28
N ASN A 78 3.42 -48.47 -26.42
CA ASN A 78 2.04 -48.97 -26.63
C ASN A 78 1.04 -48.28 -25.71
N PHE A 79 1.26 -46.99 -25.44
CA PHE A 79 0.32 -46.15 -24.69
C PHE A 79 0.06 -46.71 -23.29
N GLU A 80 1.08 -47.28 -22.67
CA GLU A 80 0.91 -47.84 -21.34
C GLU A 80 0.74 -46.70 -20.33
N PRO A 81 -0.38 -46.61 -19.64
CA PRO A 81 -0.59 -45.51 -18.70
C PRO A 81 0.19 -45.73 -17.41
N LEU A 82 0.42 -44.62 -16.70
CA LEU A 82 1.11 -44.61 -15.42
C LEU A 82 0.12 -44.20 -14.34
N TYR A 83 -0.43 -45.18 -13.63
CA TYR A 83 -1.41 -44.94 -12.60
C TYR A 83 -0.75 -44.93 -11.23
N ILE A 84 -1.00 -43.89 -10.45
CA ILE A 84 -0.49 -43.77 -9.09
C ILE A 84 -1.66 -43.51 -8.16
N VAL A 85 -1.58 -44.07 -6.96
CA VAL A 85 -2.66 -43.96 -5.98
C VAL A 85 -2.61 -42.58 -5.34
N SER A 86 -3.79 -42.00 -5.12
CA SER A 86 -3.87 -40.69 -4.50
C SER A 86 -3.43 -40.78 -3.04
N PRO A 87 -2.60 -39.85 -2.57
CA PRO A 87 -2.17 -39.90 -1.16
C PRO A 87 -3.32 -39.78 -0.17
N GLU A 88 -4.40 -39.11 -0.54
CA GLU A 88 -5.54 -39.00 0.36
C GLU A 88 -6.31 -40.32 0.44
N LYS A 89 -6.40 -41.03 -0.67
CA LYS A 89 -7.05 -42.34 -0.71
C LYS A 89 -6.09 -43.47 -0.35
N LYS A 90 -4.82 -43.17 -0.13
CA LYS A 90 -3.86 -44.21 0.24
C LYS A 90 -4.22 -44.85 1.57
N SER A 91 -4.78 -44.06 2.50
CA SER A 91 -5.27 -44.63 3.76
C SER A 91 -6.60 -45.35 3.57
N THR A 92 -7.33 -45.04 2.50
CA THR A 92 -8.57 -45.77 2.22
C THR A 92 -8.29 -47.10 1.51
N VAL A 93 -7.25 -47.14 0.68
CA VAL A 93 -6.89 -48.39 0.01
C VAL A 93 -6.40 -49.42 1.01
N THR A 94 -5.53 -49.00 1.94
CA THR A 94 -5.04 -49.93 2.96
C THR A 94 -6.17 -50.39 3.88
N GLU A 95 -7.22 -49.57 4.03
CA GLU A 95 -8.36 -49.99 4.83
C GLU A 95 -9.15 -51.09 4.14
N LEU A 96 -9.18 -51.10 2.80
CA LEU A 96 -9.91 -52.13 2.07
C LEU A 96 -9.11 -53.43 2.01
N LYS A 97 -7.78 -53.33 1.91
CA LYS A 97 -6.95 -54.53 1.90
C LYS A 97 -7.07 -55.32 3.19
N GLY A 98 -7.23 -54.62 4.32
CA GLY A 98 -7.37 -55.31 5.60
C GLY A 98 -8.71 -56.02 5.73
N LEU A 99 -9.79 -55.40 5.24
CA LEU A 99 -11.10 -56.00 5.31
C LEU A 99 -11.28 -57.14 4.31
N LEU A 100 -10.48 -57.17 3.24
CA LEU A 100 -10.59 -58.22 2.23
C LEU A 100 -10.04 -59.55 2.73
N LYS A 101 -9.07 -59.53 3.65
CA LYS A 101 -8.48 -60.75 4.17
C LYS A 101 -9.39 -61.49 5.15
N ASP A 102 -10.59 -60.96 5.43
CA ASP A 102 -11.50 -61.58 6.38
C ASP A 102 -12.87 -61.87 5.77
N VAL A 103 -12.95 -61.89 4.44
CA VAL A 103 -14.21 -62.18 3.76
C VAL A 103 -14.01 -63.36 2.80
N ASP A 104 -15.08 -63.80 2.16
CA ASP A 104 -15.03 -64.94 1.25
C ASP A 104 -14.97 -64.52 -0.22
N GLU A 105 -15.87 -63.66 -0.66
CA GLU A 105 -15.90 -63.15 -2.01
C GLU A 105 -15.89 -61.62 -2.00
N LEU A 106 -15.63 -61.04 -3.16
CA LEU A 106 -15.51 -59.59 -3.32
C LEU A 106 -16.45 -59.12 -4.42
N TYR A 107 -17.44 -58.31 -4.03
CA TYR A 107 -18.37 -57.70 -4.97
C TYR A 107 -17.92 -56.27 -5.26
N LEU A 108 -17.73 -55.97 -6.55
CA LEU A 108 -17.40 -54.62 -7.00
C LEU A 108 -18.70 -53.93 -7.42
N ALA A 109 -19.14 -52.96 -6.63
CA ALA A 109 -20.43 -52.31 -6.81
C ALA A 109 -20.22 -50.83 -7.14
N THR A 110 -19.66 -50.56 -8.31
CA THR A 110 -19.52 -49.20 -8.80
C THR A 110 -20.69 -48.86 -9.72
N ASP A 111 -20.70 -47.62 -10.21
CA ASP A 111 -21.82 -47.15 -11.03
C ASP A 111 -21.81 -47.84 -12.39
N GLY A 112 -22.99 -47.84 -13.02
CA GLY A 112 -23.17 -48.43 -14.33
C GLY A 112 -22.74 -47.51 -15.47
N ASP A 113 -21.62 -46.84 -15.28
CA ASP A 113 -21.04 -45.98 -16.30
C ASP A 113 -19.61 -46.44 -16.59
N ARG A 114 -19.07 -46.01 -17.72
CA ARG A 114 -17.73 -46.46 -18.09
C ARG A 114 -16.66 -45.93 -17.16
N GLU A 115 -16.94 -44.86 -16.40
CA GLU A 115 -15.99 -44.41 -15.38
C GLU A 115 -15.99 -45.36 -14.19
N GLY A 116 -17.18 -45.81 -13.76
CA GLY A 116 -17.26 -46.73 -12.64
C GLY A 116 -16.67 -48.10 -12.96
N GLU A 117 -16.79 -48.54 -14.21
CA GLU A 117 -16.17 -49.80 -14.61
C GLU A 117 -14.66 -49.74 -14.44
N ALA A 118 -14.06 -48.60 -14.79
CA ALA A 118 -12.63 -48.42 -14.56
C ALA A 118 -12.31 -48.42 -13.07
N ILE A 119 -13.18 -47.81 -12.25
CA ILE A 119 -12.99 -47.83 -10.81
C ILE A 119 -13.00 -49.26 -10.29
N ALA A 120 -13.86 -50.11 -10.86
CA ALA A 120 -13.84 -51.52 -10.52
C ALA A 120 -12.51 -52.15 -10.90
N TRP A 121 -12.02 -51.85 -12.11
CA TRP A 121 -10.75 -52.41 -12.55
C TRP A 121 -9.59 -51.89 -11.70
N HIS A 122 -9.62 -50.59 -11.36
CA HIS A 122 -8.55 -50.02 -10.55
C HIS A 122 -8.53 -50.63 -9.15
N LEU A 123 -9.71 -50.87 -8.57
CA LEU A 123 -9.77 -51.57 -7.29
C LEU A 123 -9.24 -52.99 -7.41
N LEU A 124 -9.47 -53.63 -8.57
CA LEU A 124 -8.97 -54.99 -8.78
C LEU A 124 -7.45 -55.01 -8.87
N GLU A 125 -6.88 -54.10 -9.66
CA GLU A 125 -5.44 -54.11 -9.89
C GLU A 125 -4.65 -53.58 -8.70
N THR A 126 -5.31 -52.86 -7.79
CA THR A 126 -4.63 -52.31 -6.63
C THR A 126 -4.70 -53.24 -5.43
N LEU A 127 -5.89 -53.75 -5.11
CA LEU A 127 -6.04 -54.64 -3.97
C LEU A 127 -5.42 -56.00 -4.22
N LYS A 128 -5.36 -56.42 -5.49
CA LYS A 128 -4.84 -57.73 -5.90
C LYS A 128 -5.54 -58.83 -5.09
N PRO A 129 -6.83 -59.07 -5.31
CA PRO A 129 -7.57 -60.02 -4.47
C PRO A 129 -7.27 -61.45 -4.89
N ARG A 130 -6.78 -62.24 -3.94
CA ARG A 130 -6.66 -63.69 -4.11
C ARG A 130 -7.98 -64.41 -3.84
N VAL A 131 -9.07 -63.86 -4.34
CA VAL A 131 -10.42 -64.28 -3.97
C VAL A 131 -11.33 -64.03 -5.17
N PRO A 132 -12.33 -64.88 -5.42
CA PRO A 132 -13.21 -64.66 -6.59
C PRO A 132 -13.92 -63.32 -6.51
N VAL A 133 -14.08 -62.69 -7.68
CA VAL A 133 -14.67 -61.36 -7.78
C VAL A 133 -15.87 -61.41 -8.72
N LYS A 134 -16.86 -60.57 -8.42
CA LYS A 134 -18.04 -60.42 -9.26
C LYS A 134 -18.41 -58.94 -9.32
N ARG A 135 -19.11 -58.57 -10.39
CA ARG A 135 -19.45 -57.18 -10.69
C ARG A 135 -20.93 -56.96 -10.42
N MET A 136 -21.24 -56.16 -9.40
CA MET A 136 -22.61 -55.80 -9.07
C MET A 136 -22.92 -54.42 -9.63
N VAL A 137 -24.00 -54.32 -10.40
CA VAL A 137 -24.42 -53.07 -11.02
C VAL A 137 -25.89 -52.83 -10.70
N PHE A 138 -26.25 -51.56 -10.60
CA PHE A 138 -27.61 -51.15 -10.27
C PHE A 138 -27.81 -49.71 -10.70
N HIS A 139 -29.03 -49.40 -11.12
CA HIS A 139 -29.36 -48.03 -11.52
C HIS A 139 -30.03 -47.29 -10.36
N GLU A 140 -31.31 -47.55 -10.15
CA GLU A 140 -31.97 -47.00 -8.96
C GLU A 140 -31.44 -47.69 -7.71
N ILE A 141 -31.46 -46.97 -6.59
CA ILE A 141 -30.98 -47.50 -5.33
C ILE A 141 -32.16 -47.69 -4.38
N THR A 142 -32.74 -48.88 -4.39
CA THR A 142 -33.84 -49.24 -3.51
C THR A 142 -33.58 -50.64 -2.96
N GLU A 143 -34.48 -51.13 -2.11
CA GLU A 143 -34.33 -52.48 -1.57
C GLU A 143 -34.46 -53.55 -2.65
N PRO A 144 -35.46 -53.53 -3.54
CA PRO A 144 -35.48 -54.52 -4.62
C PRO A 144 -34.30 -54.40 -5.58
N ALA A 145 -33.96 -53.16 -5.98
CA ALA A 145 -32.94 -52.97 -7.01
C ALA A 145 -31.58 -53.47 -6.58
N ILE A 146 -31.26 -53.38 -5.29
CA ILE A 146 -29.95 -53.82 -4.81
C ILE A 146 -29.97 -55.29 -4.39
N ARG A 147 -31.09 -55.80 -3.88
CA ARG A 147 -31.18 -57.22 -3.59
C ARG A 147 -31.14 -58.04 -4.88
N ASN A 148 -31.85 -57.60 -5.91
CA ASN A 148 -31.77 -58.27 -7.21
C ASN A 148 -30.36 -58.20 -7.78
N ALA A 149 -29.70 -57.04 -7.63
CA ALA A 149 -28.35 -56.88 -8.16
C ALA A 149 -27.35 -57.74 -7.38
N ALA A 150 -27.51 -57.82 -6.06
CA ALA A 150 -26.59 -58.62 -5.25
C ALA A 150 -26.78 -60.10 -5.49
N GLU A 151 -27.99 -60.52 -5.88
CA GLU A 151 -28.25 -61.93 -6.14
C GLU A 151 -27.83 -62.36 -7.54
N ASN A 152 -27.75 -61.41 -8.48
CA ASN A 152 -27.40 -61.71 -9.87
C ASN A 152 -26.28 -60.78 -10.31
N PRO A 153 -25.03 -61.06 -9.90
CA PRO A 153 -23.92 -60.19 -10.27
C PRO A 153 -23.52 -60.34 -11.73
N ARG A 154 -22.39 -59.75 -12.11
CA ARG A 154 -21.94 -59.72 -13.50
C ARG A 154 -20.42 -59.86 -13.50
N ASP A 155 -19.82 -59.76 -14.68
CA ASP A 155 -18.38 -59.81 -14.84
C ASP A 155 -17.85 -58.46 -15.33
N LEU A 156 -16.59 -58.19 -15.02
CA LEU A 156 -15.97 -56.94 -15.44
C LEU A 156 -15.94 -56.85 -16.96
N ASP A 157 -16.30 -55.68 -17.49
CA ASP A 157 -16.30 -55.43 -18.93
C ASP A 157 -14.96 -54.79 -19.30
N ILE A 158 -14.02 -55.61 -19.78
CA ILE A 158 -12.71 -55.11 -20.14
C ILE A 158 -12.81 -54.13 -21.30
N ALA A 159 -13.73 -54.36 -22.23
CA ALA A 159 -13.89 -53.44 -23.35
C ALA A 159 -14.34 -52.06 -22.88
N LEU A 160 -15.14 -52.00 -21.81
CA LEU A 160 -15.56 -50.71 -21.28
C LEU A 160 -14.42 -50.05 -20.51
N VAL A 161 -13.61 -50.84 -19.81
CA VAL A 161 -12.48 -50.29 -19.07
C VAL A 161 -11.46 -49.68 -20.02
N ASP A 162 -11.18 -50.36 -21.13
CA ASP A 162 -10.22 -49.84 -22.10
C ASP A 162 -10.76 -48.60 -22.81
N ALA A 163 -12.08 -48.49 -22.94
CA ALA A 163 -12.65 -47.28 -23.52
C ALA A 163 -12.54 -46.09 -22.58
N GLN A 164 -12.49 -46.35 -21.26
CA GLN A 164 -12.25 -45.26 -20.31
C GLN A 164 -10.78 -44.85 -20.33
N GLU A 165 -9.87 -45.80 -20.48
CA GLU A 165 -8.47 -45.46 -20.60
C GLU A 165 -8.17 -44.73 -21.89
N THR A 166 -8.92 -45.02 -22.96
CA THR A 166 -8.69 -44.36 -24.23
C THR A 166 -9.02 -42.87 -24.14
N ARG A 167 -10.13 -42.53 -23.48
CA ARG A 167 -10.50 -41.13 -23.33
C ARG A 167 -9.66 -40.42 -22.27
N ARG A 168 -9.24 -41.14 -21.22
CA ARG A 168 -8.37 -40.54 -20.21
C ARG A 168 -7.03 -40.16 -20.80
N ILE A 169 -6.49 -41.03 -21.67
CA ILE A 169 -5.24 -40.71 -22.35
C ILE A 169 -5.47 -39.66 -23.45
N LEU A 170 -6.64 -39.68 -24.09
CA LEU A 170 -6.93 -38.69 -25.11
C LEU A 170 -6.99 -37.29 -24.52
N ASP A 171 -7.70 -37.14 -23.39
CA ASP A 171 -7.70 -35.86 -22.69
C ASP A 171 -6.34 -35.53 -22.10
N ARG A 172 -5.49 -36.55 -21.91
CA ARG A 172 -4.14 -36.30 -21.42
C ARG A 172 -3.24 -35.76 -22.54
N LEU A 173 -3.28 -36.39 -23.72
CA LEU A 173 -2.50 -35.90 -24.85
C LEU A 173 -3.00 -34.53 -25.30
N TYR A 174 -4.32 -34.34 -25.33
CA TYR A 174 -4.87 -33.03 -25.64
C TYR A 174 -4.39 -31.98 -24.65
N GLY A 175 -4.42 -32.32 -23.36
CA GLY A 175 -4.08 -31.37 -22.33
C GLY A 175 -2.62 -30.99 -22.24
N TYR A 176 -1.76 -31.95 -21.89
CA TYR A 176 -0.38 -31.66 -21.55
C TYR A 176 0.53 -31.54 -22.77
N GLU A 177 -0.02 -31.57 -23.98
CA GLU A 177 0.77 -31.34 -25.19
C GLU A 177 0.37 -30.09 -25.95
N VAL A 178 -0.88 -29.66 -25.85
CA VAL A 178 -1.34 -28.46 -26.54
C VAL A 178 -1.20 -27.22 -25.65
N SER A 179 -1.51 -27.34 -24.35
CA SER A 179 -1.36 -26.20 -23.46
C SER A 179 0.08 -25.69 -23.38
N PRO A 180 1.13 -26.52 -23.40
CA PRO A 180 2.49 -25.97 -23.49
C PRO A 180 2.76 -25.20 -24.77
N VAL A 181 2.00 -25.47 -25.84
CA VAL A 181 2.10 -24.62 -27.03
C VAL A 181 1.61 -23.22 -26.72
N LEU A 182 0.53 -23.11 -25.92
CA LEU A 182 0.03 -21.80 -25.52
C LEU A 182 1.05 -21.06 -24.68
N TRP A 183 1.83 -21.78 -23.87
CA TRP A 183 2.85 -21.15 -23.04
C TRP A 183 3.89 -20.45 -23.90
N LYS A 184 4.36 -21.12 -24.95
CA LYS A 184 5.39 -20.57 -25.82
C LYS A 184 4.85 -19.66 -26.90
N LYS A 185 3.53 -19.48 -26.99
CA LYS A 185 2.93 -18.68 -28.06
C LYS A 185 1.91 -17.66 -27.58
N VAL A 186 1.43 -17.75 -26.34
CA VAL A 186 0.46 -16.78 -25.82
C VAL A 186 0.96 -16.24 -24.49
N ALA A 187 0.84 -17.02 -23.43
CA ALA A 187 1.25 -16.61 -22.09
C ALA A 187 1.49 -17.85 -21.26
N PRO A 188 2.37 -17.80 -20.26
CA PRO A 188 2.66 -18.99 -19.47
C PRO A 188 1.49 -19.39 -18.58
N LYS A 189 1.52 -20.65 -18.16
CA LYS A 189 0.57 -21.26 -17.24
C LYS A 189 -0.85 -21.31 -17.79
N LEU A 190 -1.05 -21.05 -19.08
CA LEU A 190 -2.36 -21.17 -19.67
C LEU A 190 -2.70 -22.64 -19.91
N SER A 191 -3.91 -22.89 -20.42
CA SER A 191 -4.42 -24.24 -20.53
C SER A 191 -5.25 -24.40 -21.80
N ALA A 192 -5.25 -25.62 -22.32
CA ALA A 192 -6.14 -26.02 -23.42
C ALA A 192 -6.68 -27.40 -23.11
N GLY A 193 -7.88 -27.68 -23.59
CA GLY A 193 -8.50 -28.96 -23.32
C GLY A 193 -9.60 -29.28 -24.30
N ARG A 194 -10.11 -30.51 -24.19
CA ARG A 194 -11.21 -30.91 -25.07
C ARG A 194 -12.52 -30.27 -24.64
N VAL A 195 -12.72 -30.10 -23.34
CA VAL A 195 -13.98 -29.60 -22.81
C VAL A 195 -13.94 -28.08 -22.65
N GLN A 196 -12.89 -27.54 -22.03
CA GLN A 196 -12.88 -26.12 -21.72
C GLN A 196 -12.65 -25.26 -22.95
N SER A 197 -11.81 -25.74 -23.89
CA SER A 197 -11.51 -24.93 -25.07
C SER A 197 -12.75 -24.73 -25.94
N VAL A 198 -13.67 -25.69 -25.93
CA VAL A 198 -14.90 -25.52 -26.71
C VAL A 198 -15.83 -24.53 -26.04
N ALA A 199 -15.98 -24.64 -24.72
CA ALA A 199 -16.80 -23.67 -23.99
C ALA A 199 -16.27 -22.25 -24.15
N THR A 200 -14.94 -22.10 -24.10
CA THR A 200 -14.36 -20.78 -24.32
C THR A 200 -14.54 -20.32 -25.76
N ARG A 201 -14.41 -21.25 -26.72
CA ARG A 201 -14.68 -20.90 -28.11
C ARG A 201 -16.13 -20.50 -28.31
N ILE A 202 -17.05 -21.07 -27.52
CA ILE A 202 -18.45 -20.67 -27.59
C ILE A 202 -18.62 -19.24 -27.07
N ILE A 203 -17.99 -18.93 -25.94
CA ILE A 203 -18.08 -17.57 -25.40
C ILE A 203 -17.44 -16.57 -26.34
N VAL A 204 -16.28 -16.92 -26.91
CA VAL A 204 -15.61 -16.03 -27.85
C VAL A 204 -16.45 -15.85 -29.11
N GLN A 205 -17.03 -16.95 -29.63
CA GLN A 205 -17.83 -16.86 -30.84
C GLN A 205 -19.09 -16.04 -30.61
N ARG A 206 -19.71 -16.18 -29.43
CA ARG A 206 -20.88 -15.37 -29.12
C ARG A 206 -20.51 -13.90 -28.97
N GLU A 207 -19.34 -13.62 -28.41
CA GLU A 207 -18.90 -12.23 -28.27
C GLU A 207 -18.63 -11.60 -29.63
N ARG A 208 -18.07 -12.37 -30.56
CA ARG A 208 -17.87 -11.88 -31.92
C ARG A 208 -19.19 -11.54 -32.59
N GLU A 209 -20.25 -12.27 -32.26
CA GLU A 209 -21.57 -11.96 -32.81
C GLU A 209 -22.06 -10.60 -32.33
N ARG A 210 -21.75 -10.25 -31.09
CA ARG A 210 -22.10 -8.92 -30.58
C ARG A 210 -21.14 -7.85 -31.10
N MET A 211 -19.86 -8.19 -31.29
CA MET A 211 -18.90 -7.23 -31.79
C MET A 211 -19.12 -6.88 -33.26
N ALA A 212 -19.84 -7.73 -33.99
CA ALA A 212 -20.19 -7.45 -35.39
C ALA A 212 -21.66 -7.15 -35.56
N PHE A 213 -22.39 -6.96 -34.45
CA PHE A 213 -23.82 -6.68 -34.50
C PHE A 213 -24.05 -5.18 -34.64
N HIS A 214 -24.78 -4.80 -35.67
CA HIS A 214 -25.18 -3.40 -35.88
C HIS A 214 -26.63 -3.23 -35.44
N SER A 215 -26.88 -2.19 -34.66
CA SER A 215 -28.22 -1.94 -34.13
C SER A 215 -29.02 -1.07 -35.08
N ALA A 216 -30.34 -1.22 -35.02
CA ALA A 216 -31.27 -0.44 -35.82
C ALA A 216 -32.39 0.07 -34.92
N SER A 217 -32.73 1.34 -35.06
CA SER A 217 -33.72 2.00 -34.21
C SER A 217 -35.08 2.02 -34.89
N TYR A 218 -36.12 1.71 -34.12
CA TYR A 218 -37.48 1.75 -34.60
C TYR A 218 -38.36 2.38 -33.52
N TRP A 219 -39.62 2.63 -33.87
CA TRP A 219 -40.56 3.29 -32.97
C TRP A 219 -41.86 2.50 -32.93
N ASP A 220 -42.31 2.17 -31.72
CA ASP A 220 -43.56 1.45 -31.51
C ASP A 220 -44.60 2.39 -30.91
N VAL A 221 -45.87 2.09 -31.18
CA VAL A 221 -46.99 2.93 -30.76
C VAL A 221 -47.95 2.06 -29.95
N THR A 222 -47.99 2.30 -28.63
CA THR A 222 -48.95 1.63 -27.77
C THR A 222 -50.23 2.45 -27.67
N ALA A 223 -51.36 1.76 -27.50
CA ALA A 223 -52.65 2.42 -27.45
C ALA A 223 -53.61 1.61 -26.60
N GLU A 224 -54.35 2.29 -25.75
CA GLU A 224 -55.37 1.66 -24.92
C GLU A 224 -56.72 1.81 -25.61
N LEU A 225 -57.23 0.70 -26.15
CA LEU A 225 -58.48 0.74 -26.90
C LEU A 225 -59.64 1.06 -25.97
N ASP A 226 -60.49 2.00 -26.39
CA ASP A 226 -61.63 2.44 -25.61
C ASP A 226 -62.92 1.86 -26.21
N ALA A 227 -63.08 0.55 -26.07
CA ALA A 227 -64.28 -0.14 -26.53
C ALA A 227 -65.37 -0.18 -25.48
N SER A 228 -65.27 0.65 -24.44
CA SER A 228 -66.25 0.62 -23.36
C SER A 228 -67.60 1.17 -23.79
N VAL A 229 -67.67 1.91 -24.90
CA VAL A 229 -68.95 2.40 -25.40
C VAL A 229 -69.78 1.31 -26.05
N SER A 230 -69.22 0.12 -26.25
CA SER A 230 -69.97 -0.98 -26.84
C SER A 230 -70.82 -1.67 -25.77
N ASP A 231 -70.17 -2.38 -24.85
CA ASP A 231 -70.86 -3.12 -23.79
C ASP A 231 -70.22 -2.79 -22.46
N PRO A 232 -70.86 -1.95 -21.63
CA PRO A 232 -70.31 -1.63 -20.32
C PRO A 232 -70.88 -2.51 -19.21
N SER A 233 -70.80 -3.82 -19.39
CA SER A 233 -71.34 -4.76 -18.41
C SER A 233 -70.58 -4.70 -17.09
N PRO A 236 -65.11 -5.16 -14.58
CA PRO A 236 -63.99 -4.27 -14.87
C PRO A 236 -63.45 -4.43 -16.28
N PRO A 237 -63.07 -3.34 -16.94
CA PRO A 237 -62.60 -3.44 -18.32
C PRO A 237 -61.58 -2.36 -18.68
N LYS A 238 -60.41 -2.79 -19.16
CA LYS A 238 -59.38 -1.88 -19.64
C LYS A 238 -58.44 -2.68 -20.54
N PHE A 239 -58.45 -2.38 -21.84
CA PHE A 239 -57.73 -3.16 -22.83
C PHE A 239 -56.68 -2.30 -23.53
N THR A 240 -55.47 -2.83 -23.64
CA THR A 240 -54.37 -2.19 -24.34
C THR A 240 -54.12 -2.91 -25.66
N ALA A 241 -53.66 -2.15 -26.65
CA ALA A 241 -53.44 -2.68 -28.00
C ALA A 241 -52.13 -2.12 -28.55
N LYS A 242 -51.79 -2.54 -29.76
CA LYS A 242 -50.59 -2.08 -30.44
C LYS A 242 -50.82 -2.15 -31.94
N LEU A 243 -50.17 -1.24 -32.67
CA LEU A 243 -50.34 -1.17 -34.12
C LEU A 243 -49.55 -2.28 -34.80
N ASN A 244 -50.15 -2.88 -35.82
CA ASN A 244 -49.55 -4.01 -36.54
C ASN A 244 -49.06 -3.62 -37.93
N THR A 245 -49.90 -3.01 -38.75
CA THR A 245 -49.52 -2.67 -40.11
C THR A 245 -50.37 -1.50 -40.59
N VAL A 246 -49.95 -0.91 -41.70
CA VAL A 246 -50.65 0.22 -42.31
C VAL A 246 -50.65 0.05 -43.82
N ASP A 247 -51.78 -0.41 -44.36
CA ASP A 247 -51.96 -0.66 -45.80
C ASP A 247 -50.93 -1.69 -46.22
N GLY A 248 -50.13 -1.46 -47.26
CA GLY A 248 -49.15 -2.43 -47.70
C GLY A 248 -47.82 -2.30 -46.99
N ARG A 249 -47.82 -1.69 -45.80
CA ARG A 249 -46.63 -1.49 -45.01
C ARG A 249 -46.89 -1.93 -43.58
N ARG A 250 -46.00 -2.76 -43.04
CA ARG A 250 -46.14 -3.28 -41.69
C ARG A 250 -45.27 -2.49 -40.71
N VAL A 251 -45.70 -2.48 -39.45
CA VAL A 251 -44.94 -1.81 -38.40
C VAL A 251 -43.65 -2.59 -38.17
N ALA A 252 -42.52 -1.99 -38.51
CA ALA A 252 -41.24 -2.66 -38.37
C ALA A 252 -40.88 -2.82 -36.89
N THR A 253 -40.49 -4.02 -36.52
CA THR A 253 -40.09 -4.34 -35.15
C THR A 253 -38.65 -4.85 -35.15
N GLY A 254 -38.20 -5.34 -34.00
CA GLY A 254 -36.86 -5.89 -33.89
C GLY A 254 -36.64 -7.18 -34.66
N ARG A 255 -37.68 -7.75 -35.25
CA ARG A 255 -37.58 -8.98 -36.01
C ARG A 255 -37.10 -8.76 -37.43
N ASP A 256 -36.78 -7.53 -37.82
CA ASP A 256 -36.19 -7.26 -39.13
C ASP A 256 -34.75 -6.80 -38.96
N PHE A 257 -33.91 -7.66 -38.39
CA PHE A 257 -32.49 -7.38 -38.24
C PHE A 257 -31.64 -8.20 -39.21
N ASP A 258 -32.26 -8.86 -40.18
CA ASP A 258 -31.61 -9.77 -41.13
C ASP A 258 -30.49 -10.57 -40.46
N SER A 259 -30.83 -11.16 -39.32
CA SER A 259 -29.88 -11.90 -38.48
C SER A 259 -28.69 -11.02 -38.08
N LEU A 260 -29.01 -10.03 -37.25
CA LEU A 260 -28.02 -9.18 -36.58
C LEU A 260 -27.33 -8.21 -37.55
N GLY A 261 -28.10 -7.63 -38.46
CA GLY A 261 -27.54 -6.69 -39.42
C GLY A 261 -28.24 -5.35 -39.45
N GLN A 262 -28.90 -5.03 -40.56
CA GLN A 262 -29.64 -3.78 -40.69
C GLN A 262 -31.13 -4.07 -40.91
N LEU A 263 -31.49 -4.48 -42.12
CA LEU A 263 -32.86 -4.81 -42.46
C LEU A 263 -32.88 -5.57 -43.77
N LYS A 264 -34.02 -6.20 -44.05
CA LYS A 264 -34.22 -6.93 -45.29
C LYS A 264 -35.71 -7.01 -45.57
N ARG A 265 -36.06 -7.14 -46.84
CA ARG A 265 -37.44 -7.12 -47.32
C ARG A 265 -38.12 -5.83 -46.86
N PRO A 266 -37.78 -4.69 -47.46
CA PRO A 266 -38.36 -3.42 -47.00
C PRO A 266 -39.70 -3.06 -47.63
N ASP A 267 -40.20 -3.85 -48.59
CA ASP A 267 -41.47 -3.53 -49.22
C ASP A 267 -42.66 -3.94 -48.36
N GLU A 268 -42.47 -4.93 -47.49
CA GLU A 268 -43.57 -5.42 -46.65
C GLU A 268 -43.72 -4.64 -45.35
N VAL A 269 -42.64 -4.08 -44.82
CA VAL A 269 -42.70 -3.34 -43.57
C VAL A 269 -42.34 -1.89 -43.82
N LEU A 270 -42.39 -1.08 -42.76
CA LEU A 270 -42.06 0.34 -42.87
C LEU A 270 -41.41 0.80 -41.57
N VAL A 271 -40.22 1.39 -41.70
CA VAL A 271 -39.49 1.86 -40.52
C VAL A 271 -40.19 3.07 -39.93
N LEU A 272 -40.17 3.17 -38.61
CA LEU A 272 -40.83 4.25 -37.89
C LEU A 272 -39.80 5.00 -37.03
N ASP A 273 -39.83 6.33 -37.12
CA ASP A 273 -38.95 7.19 -36.33
C ASP A 273 -39.78 7.95 -35.30
N GLU A 274 -39.19 8.99 -34.72
CA GLU A 274 -39.89 9.78 -33.72
C GLU A 274 -40.97 10.64 -34.35
N ALA A 275 -40.74 11.15 -35.56
CA ALA A 275 -41.72 12.00 -36.24
C ALA A 275 -42.73 11.21 -37.05
N SER A 276 -42.32 10.08 -37.64
CA SER A 276 -43.26 9.28 -38.43
C SER A 276 -44.23 8.54 -37.52
N ALA A 277 -43.72 7.80 -36.54
CA ALA A 277 -44.62 7.10 -35.61
C ALA A 277 -45.33 8.08 -34.69
N GLY A 278 -44.66 9.17 -34.31
CA GLY A 278 -45.29 10.19 -33.49
C GLY A 278 -46.45 10.88 -34.16
N ALA A 279 -46.54 10.79 -35.49
CA ALA A 279 -47.68 11.36 -36.21
C ALA A 279 -48.87 10.43 -36.21
N LEU A 280 -48.65 9.11 -36.11
CA LEU A 280 -49.75 8.16 -36.08
C LEU A 280 -50.47 8.19 -34.74
N ALA A 281 -49.72 8.34 -33.64
CA ALA A 281 -50.35 8.47 -32.34
C ALA A 281 -51.05 9.82 -32.19
N SER A 282 -50.55 10.85 -32.86
CA SER A 282 -51.18 12.17 -32.83
C SER A 282 -52.19 12.38 -33.94
N GLY A 283 -52.13 11.59 -35.01
CA GLY A 283 -53.08 11.72 -36.10
C GLY A 283 -54.47 11.27 -35.74
N LEU A 284 -54.62 10.41 -34.72
CA LEU A 284 -55.94 9.93 -34.32
C LEU A 284 -55.84 9.45 -32.88
N ARG A 285 -56.23 10.30 -31.93
CA ARG A 285 -56.40 9.87 -30.55
C ARG A 285 -57.47 8.79 -30.47
N GLY A 286 -58.67 9.10 -30.95
CA GLY A 286 -59.73 8.13 -31.09
C GLY A 286 -60.22 8.11 -32.53
N ALA A 287 -60.68 6.94 -32.97
CA ALA A 287 -61.13 6.78 -34.34
C ALA A 287 -62.20 5.71 -34.39
N GLN A 288 -63.00 5.76 -35.47
CA GLN A 288 -64.06 4.78 -35.69
C GLN A 288 -63.43 3.57 -36.38
N LEU A 289 -63.01 2.61 -35.57
CA LEU A 289 -62.35 1.40 -36.05
C LEU A 289 -63.30 0.22 -35.94
N ALA A 290 -63.10 -0.77 -36.81
CA ALA A 290 -63.91 -1.97 -36.85
C ALA A 290 -63.05 -3.19 -36.55
N VAL A 291 -63.67 -4.20 -35.95
CA VAL A 291 -62.98 -5.45 -35.63
C VAL A 291 -62.91 -6.30 -36.89
N THR A 292 -61.73 -6.36 -37.51
CA THR A 292 -61.58 -7.10 -38.75
C THR A 292 -61.52 -8.61 -38.54
N SER A 293 -61.14 -9.07 -37.35
CA SER A 293 -61.03 -10.51 -37.09
C SER A 293 -60.93 -10.74 -35.60
N VAL A 294 -61.57 -11.81 -35.13
CA VAL A 294 -61.46 -12.29 -33.76
C VAL A 294 -61.34 -13.80 -33.81
N GLU A 295 -60.31 -14.34 -33.16
CA GLU A 295 -60.04 -15.77 -33.21
C GLU A 295 -59.42 -16.21 -31.89
N GLN A 296 -60.15 -17.02 -31.13
CA GLN A 296 -59.63 -17.64 -29.93
C GLN A 296 -59.44 -19.14 -30.15
N LYS A 297 -58.41 -19.69 -29.51
CA LYS A 297 -58.08 -21.10 -29.68
C LYS A 297 -57.58 -21.68 -28.37
N PRO A 298 -57.98 -22.91 -28.04
CA PRO A 298 -57.48 -23.55 -26.81
C PRO A 298 -56.05 -24.05 -27.02
N TYR A 299 -55.17 -23.74 -26.08
CA TYR A 299 -53.79 -24.16 -26.11
C TYR A 299 -53.50 -25.13 -24.97
N THR A 300 -52.37 -25.82 -25.09
CA THR A 300 -51.93 -26.78 -24.09
C THR A 300 -50.44 -26.58 -23.82
N ARG A 301 -49.99 -27.14 -22.70
CA ARG A 301 -48.59 -27.10 -22.31
C ARG A 301 -48.25 -28.38 -21.56
N ARG A 302 -47.30 -29.15 -22.10
CA ARG A 302 -46.88 -30.37 -21.45
C ARG A 302 -45.92 -30.06 -20.30
N PRO A 303 -45.89 -30.91 -19.28
CA PRO A 303 -44.96 -30.68 -18.16
C PRO A 303 -43.52 -30.97 -18.57
N TYR A 304 -42.61 -30.57 -17.69
CA TYR A 304 -41.18 -30.77 -17.90
C TYR A 304 -40.72 -32.12 -17.35
N ALA A 305 -39.66 -32.65 -17.95
CA ALA A 305 -39.07 -33.88 -17.46
C ALA A 305 -38.45 -33.67 -16.08
N PRO A 306 -38.31 -34.73 -15.29
CA PRO A 306 -37.70 -34.59 -13.97
C PRO A 306 -36.27 -34.08 -14.06
N PHE A 307 -35.74 -33.72 -12.90
CA PHE A 307 -34.44 -33.06 -12.81
C PHE A 307 -33.29 -34.05 -12.99
N MET A 308 -32.41 -33.75 -13.93
CA MET A 308 -31.05 -34.25 -13.89
C MET A 308 -30.16 -33.10 -13.42
N THR A 309 -28.84 -33.28 -13.51
CA THR A 309 -27.93 -32.28 -12.95
C THR A 309 -27.97 -30.98 -13.75
N SER A 310 -27.98 -31.07 -15.08
CA SER A 310 -27.97 -29.87 -15.90
C SER A 310 -29.27 -29.08 -15.74
N THR A 311 -30.42 -29.76 -15.74
CA THR A 311 -31.69 -29.07 -15.65
C THR A 311 -31.91 -28.48 -14.25
N LEU A 312 -31.35 -29.10 -13.21
CA LEU A 312 -31.47 -28.54 -11.88
C LEU A 312 -30.62 -27.29 -11.72
N GLN A 313 -29.40 -27.30 -12.29
CA GLN A 313 -28.53 -26.14 -12.19
C GLN A 313 -29.08 -24.96 -12.99
N GLN A 314 -29.84 -25.23 -14.05
CA GLN A 314 -30.40 -24.14 -14.84
C GLN A 314 -31.62 -23.52 -14.17
N GLU A 315 -32.49 -24.34 -13.58
CA GLU A 315 -33.69 -23.82 -12.95
C GLU A 315 -33.41 -23.22 -11.58
N ALA A 316 -32.35 -23.67 -10.91
CA ALA A 316 -31.94 -23.01 -9.66
C ALA A 316 -31.44 -21.60 -9.93
N ALA A 317 -30.75 -21.40 -11.06
CA ALA A 317 -30.28 -20.05 -11.40
C ALA A 317 -31.41 -19.16 -11.84
N ARG A 318 -32.47 -19.72 -12.43
CA ARG A 318 -33.56 -18.90 -12.95
C ARG A 318 -34.56 -18.54 -11.87
N LYS A 319 -34.95 -19.51 -11.04
CA LYS A 319 -35.99 -19.29 -10.04
C LYS A 319 -35.45 -19.01 -8.65
N LEU A 320 -34.17 -19.31 -8.39
CA LEU A 320 -33.59 -19.08 -7.07
C LEU A 320 -32.32 -18.23 -7.13
N ARG A 321 -31.85 -17.86 -8.32
CA ARG A 321 -30.63 -17.06 -8.49
C ARG A 321 -29.42 -17.74 -7.85
N PHE A 322 -29.42 -19.07 -7.81
CA PHE A 322 -28.30 -19.83 -7.29
C PHE A 322 -27.26 -20.04 -8.40
N SER A 323 -26.04 -20.35 -7.97
CA SER A 323 -24.96 -20.68 -8.89
C SER A 323 -24.75 -22.18 -8.93
N SER A 324 -24.10 -22.64 -10.00
CA SER A 324 -23.80 -24.06 -10.14
C SER A 324 -23.01 -24.58 -8.95
N GLU A 325 -21.98 -23.81 -8.55
CA GLU A 325 -21.20 -24.19 -7.38
C GLU A 325 -22.05 -24.17 -6.11
N ARG A 326 -23.02 -23.25 -6.04
CA ARG A 326 -23.88 -23.17 -4.87
C ARG A 326 -24.96 -24.25 -4.89
N THR A 327 -25.59 -24.45 -6.05
CA THR A 327 -26.66 -25.45 -6.16
C THR A 327 -26.17 -26.84 -5.78
N MET A 328 -24.99 -27.23 -6.28
CA MET A 328 -24.50 -28.57 -6.03
C MET A 328 -24.09 -28.76 -4.58
N SER A 329 -23.58 -27.70 -3.93
CA SER A 329 -23.22 -27.81 -2.52
C SER A 329 -24.44 -28.05 -1.66
N ILE A 330 -25.57 -27.42 -1.99
CA ILE A 330 -26.82 -27.66 -1.27
C ILE A 330 -27.29 -29.09 -1.51
N ALA A 331 -27.35 -29.50 -2.79
CA ALA A 331 -27.85 -30.84 -3.11
C ALA A 331 -27.00 -31.92 -2.47
N GLN A 332 -25.70 -31.67 -2.31
CA GLN A 332 -24.85 -32.60 -1.58
C GLN A 332 -25.33 -32.76 -0.14
N ARG A 333 -25.69 -31.66 0.51
CA ARG A 333 -26.24 -31.74 1.86
C ARG A 333 -27.55 -32.51 1.88
N LEU A 334 -28.40 -32.30 0.87
CA LEU A 334 -29.68 -33.00 0.83
C LEU A 334 -29.49 -34.49 0.58
N TYR A 335 -28.54 -34.85 -0.29
CA TYR A 335 -28.30 -36.26 -0.59
C TYR A 335 -27.67 -36.98 0.60
N GLU A 336 -26.62 -36.39 1.19
CA GLU A 336 -25.92 -37.03 2.29
C GLU A 336 -26.78 -37.16 3.54
N ASN A 337 -27.83 -36.35 3.67
CA ASN A 337 -28.77 -36.47 4.77
C ASN A 337 -29.97 -37.34 4.43
N GLY A 338 -30.09 -37.78 3.19
CA GLY A 338 -31.17 -38.68 2.80
C GLY A 338 -32.48 -37.99 2.52
N TYR A 339 -32.44 -36.89 1.77
CA TYR A 339 -33.66 -36.19 1.36
C TYR A 339 -33.93 -36.27 -0.13
N ILE A 340 -32.90 -36.41 -0.97
CA ILE A 340 -33.04 -36.58 -2.39
C ILE A 340 -32.17 -37.75 -2.83
N THR A 341 -32.27 -38.09 -4.12
CA THR A 341 -31.42 -39.14 -4.68
C THR A 341 -30.13 -38.49 -5.19
N TYR A 342 -29.39 -39.20 -6.05
CA TYR A 342 -28.10 -38.72 -6.49
C TYR A 342 -28.25 -37.48 -7.37
N MET A 343 -27.51 -36.43 -7.04
CA MET A 343 -27.59 -35.17 -7.79
C MET A 343 -26.73 -35.16 -9.04
N ARG A 344 -25.69 -35.99 -9.11
CA ARG A 344 -24.85 -36.10 -10.30
C ARG A 344 -25.44 -37.19 -11.18
N THR A 345 -26.40 -36.81 -12.04
CA THR A 345 -27.09 -37.75 -12.89
C THR A 345 -27.35 -37.11 -14.25
N ASP A 346 -27.45 -37.96 -15.27
CA ASP A 346 -27.75 -37.52 -16.63
C ASP A 346 -28.98 -38.25 -17.19
N SER A 347 -29.89 -38.66 -16.30
CA SER A 347 -31.09 -39.37 -16.70
C SER A 347 -32.31 -38.71 -16.06
N THR A 348 -33.39 -38.59 -16.83
CA THR A 348 -34.66 -38.09 -16.34
C THR A 348 -35.62 -39.22 -15.96
N THR A 349 -35.12 -40.44 -15.82
CA THR A 349 -35.96 -41.59 -15.54
C THR A 349 -36.24 -41.70 -14.05
N LEU A 350 -37.51 -41.89 -13.70
CA LEU A 350 -37.92 -42.14 -12.32
C LEU A 350 -38.16 -43.62 -12.11
N SER A 351 -37.77 -44.11 -10.94
CA SER A 351 -38.01 -45.51 -10.61
C SER A 351 -39.49 -45.76 -10.40
N GLU A 352 -39.88 -47.04 -10.49
CA GLU A 352 -41.28 -47.40 -10.31
C GLU A 352 -41.78 -47.01 -8.93
N SER A 353 -40.93 -47.16 -7.91
CA SER A 353 -41.30 -46.75 -6.56
C SER A 353 -41.49 -45.24 -6.49
N ALA A 354 -40.65 -44.48 -7.20
CA ALA A 354 -40.78 -43.02 -7.19
C ALA A 354 -42.07 -42.58 -7.88
N ILE A 355 -42.43 -43.22 -8.98
CA ILE A 355 -43.67 -42.87 -9.68
C ILE A 355 -44.87 -43.16 -8.79
N ASN A 356 -44.85 -44.29 -8.09
CA ASN A 356 -45.92 -44.59 -7.13
C ASN A 356 -45.96 -43.56 -6.01
N ALA A 357 -44.78 -43.11 -5.55
CA ALA A 357 -44.74 -42.04 -4.56
C ALA A 357 -45.17 -40.71 -5.14
N ALA A 358 -44.87 -40.47 -6.43
CA ALA A 358 -45.21 -39.19 -7.04
C ALA A 358 -46.71 -39.07 -7.28
N ARG A 359 -47.34 -40.14 -7.77
CA ARG A 359 -48.77 -40.07 -8.08
C ARG A 359 -49.62 -40.13 -6.82
N THR A 360 -49.19 -40.88 -5.81
CA THR A 360 -49.93 -40.90 -4.55
C THR A 360 -49.87 -39.55 -3.85
N GLN A 361 -48.69 -38.91 -3.86
CA GLN A 361 -48.54 -37.62 -3.23
C GLN A 361 -49.44 -36.57 -3.87
N ALA A 362 -49.56 -36.60 -5.20
CA ALA A 362 -50.43 -35.64 -5.89
C ALA A 362 -51.90 -35.99 -5.71
N ARG A 363 -52.22 -37.29 -5.66
CA ARG A 363 -53.61 -37.70 -5.47
C ARG A 363 -54.10 -37.33 -4.08
N GLN A 364 -53.23 -37.45 -3.07
CA GLN A 364 -53.63 -37.14 -1.70
C GLN A 364 -53.76 -35.64 -1.46
N LEU A 365 -52.84 -34.85 -1.99
CA LEU A 365 -52.81 -33.42 -1.72
C LEU A 365 -53.67 -32.63 -2.71
N TYR A 366 -53.33 -32.68 -3.99
CA TYR A 366 -54.04 -31.88 -4.98
C TYR A 366 -55.33 -32.52 -5.45
N GLY A 367 -55.47 -33.84 -5.35
CA GLY A 367 -56.68 -34.53 -5.69
C GLY A 367 -56.49 -35.49 -6.86
N GLU A 368 -57.53 -36.30 -7.06
CA GLU A 368 -57.51 -37.31 -8.12
C GLU A 368 -57.76 -36.71 -9.51
N GLU A 369 -58.34 -35.51 -9.58
CA GLU A 369 -58.62 -34.88 -10.86
C GLU A 369 -57.37 -34.33 -11.53
N TYR A 370 -56.34 -34.01 -10.75
CA TYR A 370 -55.14 -33.36 -11.27
C TYR A 370 -54.03 -34.35 -11.60
N VAL A 371 -54.24 -35.64 -11.38
CA VAL A 371 -53.26 -36.66 -11.74
C VAL A 371 -53.45 -37.02 -13.21
N HIS A 372 -52.67 -37.99 -13.69
CA HIS A 372 -52.69 -38.41 -15.08
C HIS A 372 -53.17 -39.85 -15.20
N PRO A 373 -53.93 -40.19 -16.24
CA PRO A 373 -54.38 -41.58 -16.42
C PRO A 373 -53.21 -42.55 -16.56
N SER A 374 -52.34 -42.31 -17.53
CA SER A 374 -51.19 -43.16 -17.79
C SER A 374 -49.93 -42.54 -17.19
N PRO A 375 -49.08 -43.35 -16.56
CA PRO A 375 -47.84 -42.82 -15.98
C PRO A 375 -46.96 -42.20 -17.05
N ARG A 376 -46.51 -40.97 -16.80
CA ARG A 376 -45.74 -40.22 -17.77
C ARG A 376 -44.28 -40.66 -17.76
N GLN A 377 -43.78 -41.08 -18.91
CA GLN A 377 -42.38 -41.43 -19.08
C GLN A 377 -41.73 -40.42 -20.00
N TYR A 378 -40.57 -39.90 -19.59
CA TYR A 378 -39.82 -38.92 -20.35
C TYR A 378 -38.59 -39.60 -20.92
N THR A 379 -38.59 -39.87 -22.22
CA THR A 379 -37.51 -40.60 -22.87
C THR A 379 -36.84 -39.73 -23.93
N ARG A 380 -36.47 -38.51 -23.57
CA ARG A 380 -35.72 -37.62 -24.45
C ARG A 380 -34.26 -37.66 -24.01
N LYS A 381 -33.53 -38.64 -24.54
CA LYS A 381 -32.17 -38.89 -24.08
C LYS A 381 -31.21 -37.78 -24.49
N VAL A 382 -30.18 -37.59 -23.69
CA VAL A 382 -29.15 -36.59 -23.97
C VAL A 382 -28.09 -37.21 -24.87
N LYS A 383 -27.36 -36.36 -25.58
CA LYS A 383 -26.31 -36.82 -26.48
C LYS A 383 -25.23 -37.56 -25.70
N ASN A 384 -24.95 -38.79 -26.12
CA ASN A 384 -24.02 -39.71 -25.46
C ASN A 384 -24.17 -39.68 -23.95
N ALA A 385 -25.39 -39.93 -23.50
CA ALA A 385 -25.66 -40.13 -22.07
C ALA A 385 -25.22 -41.53 -21.66
N GLN A 386 -25.29 -41.81 -20.35
CA GLN A 386 -24.79 -43.07 -19.83
C GLN A 386 -25.75 -43.80 -18.89
N GLU A 387 -26.72 -43.11 -18.29
CA GLU A 387 -27.87 -43.75 -17.62
C GLU A 387 -27.43 -44.67 -16.49
N ALA A 388 -26.74 -44.10 -15.50
CA ALA A 388 -26.30 -44.88 -14.34
C ALA A 388 -27.12 -44.61 -13.09
N HIS A 389 -27.83 -43.50 -13.03
CA HIS A 389 -28.66 -43.15 -11.87
C HIS A 389 -30.02 -42.69 -12.36
N GLU A 390 -30.95 -42.55 -11.43
CA GLU A 390 -32.26 -42.03 -11.74
C GLU A 390 -32.27 -40.50 -11.58
N ALA A 391 -33.39 -39.90 -11.98
CA ALA A 391 -33.51 -38.45 -11.89
C ALA A 391 -33.52 -38.00 -10.43
N ILE A 392 -33.12 -36.74 -10.21
CA ILE A 392 -33.11 -36.19 -8.86
C ILE A 392 -34.54 -36.08 -8.36
N ARG A 393 -34.86 -36.81 -7.30
CA ARG A 393 -36.20 -36.85 -6.76
C ARG A 393 -36.14 -37.06 -5.26
N PRO A 394 -37.19 -36.71 -4.53
CA PRO A 394 -37.18 -36.91 -3.07
C PRO A 394 -36.93 -38.36 -2.69
N ALA A 395 -36.23 -38.54 -1.57
CA ALA A 395 -35.86 -39.88 -1.13
C ALA A 395 -37.06 -40.59 -0.48
N GLY A 396 -36.90 -41.90 -0.30
CA GLY A 396 -37.91 -42.70 0.38
C GLY A 396 -38.96 -43.24 -0.58
N ASP A 397 -39.56 -44.37 -0.18
CA ASP A 397 -40.64 -44.96 -0.95
C ASP A 397 -41.89 -44.09 -0.94
N VAL A 398 -42.05 -43.24 0.07
CA VAL A 398 -43.12 -42.25 0.11
C VAL A 398 -42.48 -40.88 0.31
N PHE A 399 -42.83 -39.94 -0.56
CA PHE A 399 -42.20 -38.63 -0.53
C PHE A 399 -42.62 -37.86 0.71
N GLN A 400 -41.64 -37.30 1.41
CA GLN A 400 -41.94 -36.44 2.55
C GLN A 400 -42.24 -35.03 2.05
N THR A 401 -43.38 -34.50 2.47
CA THR A 401 -43.85 -33.22 1.95
C THR A 401 -42.88 -32.10 2.33
N PRO A 402 -42.69 -31.10 1.47
CA PRO A 402 -41.78 -30.00 1.82
C PRO A 402 -42.14 -29.31 3.12
N GLY A 403 -43.42 -29.26 3.47
CA GLY A 403 -43.80 -28.66 4.75
C GLY A 403 -43.39 -29.51 5.94
N GLN A 404 -43.30 -30.83 5.75
CA GLN A 404 -42.87 -31.72 6.82
C GLN A 404 -41.37 -31.68 7.06
N LEU A 405 -40.63 -30.88 6.29
CA LEU A 405 -39.18 -30.79 6.41
C LEU A 405 -38.69 -29.38 6.71
N HIS A 406 -39.59 -28.42 6.94
CA HIS A 406 -39.16 -27.05 7.15
C HIS A 406 -38.38 -26.90 8.45
N SER A 407 -38.68 -27.73 9.46
CA SER A 407 -38.02 -27.61 10.75
C SER A 407 -36.58 -28.14 10.72
N ALA A 408 -36.23 -28.96 9.73
CA ALA A 408 -34.90 -29.55 9.64
C ALA A 408 -34.04 -28.95 8.54
N LEU A 409 -34.64 -28.41 7.48
CA LEU A 409 -33.87 -27.91 6.36
C LEU A 409 -33.44 -26.45 6.61
N ASP A 410 -32.40 -26.04 5.89
CA ASP A 410 -31.95 -24.66 5.92
C ASP A 410 -32.84 -23.82 5.01
N THR A 411 -32.48 -22.55 4.84
CA THR A 411 -33.21 -21.72 3.89
C THR A 411 -32.90 -22.14 2.46
N ASP A 412 -31.62 -22.35 2.14
CA ASP A 412 -31.25 -22.80 0.81
C ASP A 412 -31.60 -24.26 0.58
N GLU A 413 -31.51 -25.08 1.63
CA GLU A 413 -31.90 -26.48 1.50
C GLU A 413 -33.39 -26.61 1.21
N PHE A 414 -34.22 -25.84 1.93
CA PHE A 414 -35.66 -25.91 1.74
C PHE A 414 -36.06 -25.49 0.34
N ARG A 415 -35.57 -24.32 -0.11
CA ARG A 415 -35.96 -23.81 -1.41
C ARG A 415 -35.55 -24.76 -2.54
N LEU A 416 -34.38 -25.40 -2.40
CA LEU A 416 -33.94 -26.33 -3.42
C LEU A 416 -34.78 -27.61 -3.40
N TYR A 417 -34.98 -28.19 -2.21
CA TYR A 417 -35.83 -29.36 -2.09
C TYR A 417 -37.25 -29.07 -2.55
N GLU A 418 -37.73 -27.84 -2.29
CA GLU A 418 -39.05 -27.43 -2.76
C GLU A 418 -39.10 -27.44 -4.28
N LEU A 419 -38.02 -26.99 -4.94
CA LEU A 419 -37.97 -27.01 -6.39
C LEU A 419 -37.84 -28.42 -6.93
N ILE A 420 -37.12 -29.30 -6.22
CA ILE A 420 -36.97 -30.68 -6.67
C ILE A 420 -38.27 -31.46 -6.48
N TRP A 421 -38.95 -31.24 -5.35
CA TRP A 421 -40.19 -31.95 -5.08
C TRP A 421 -41.27 -31.57 -6.09
N GLN A 422 -41.39 -30.27 -6.40
CA GLN A 422 -42.40 -29.84 -7.36
C GLN A 422 -42.14 -30.41 -8.75
N ARG A 423 -40.87 -30.46 -9.16
CA ARG A 423 -40.54 -30.95 -10.49
C ARG A 423 -40.95 -32.41 -10.64
N THR A 424 -40.72 -33.23 -9.61
CA THR A 424 -41.05 -34.65 -9.69
C THR A 424 -42.55 -34.86 -9.76
N VAL A 425 -43.32 -34.17 -8.90
CA VAL A 425 -44.75 -34.36 -8.85
C VAL A 425 -45.41 -33.81 -10.12
N ALA A 426 -45.00 -32.60 -10.54
CA ALA A 426 -45.57 -32.00 -11.73
C ALA A 426 -45.27 -32.82 -12.99
N SER A 427 -44.22 -33.63 -12.96
CA SER A 427 -43.89 -34.49 -14.10
C SER A 427 -44.91 -35.61 -14.30
N GLN A 428 -45.76 -35.88 -13.33
CA GLN A 428 -46.77 -36.93 -13.43
C GLN A 428 -48.20 -36.39 -13.46
N MET A 429 -48.38 -35.08 -13.37
CA MET A 429 -49.70 -34.50 -13.31
C MET A 429 -50.21 -34.18 -14.72
N ALA A 430 -51.50 -33.86 -14.79
CA ALA A 430 -52.17 -33.64 -16.07
C ALA A 430 -51.61 -32.41 -16.78
N ASP A 431 -51.86 -32.35 -18.08
CA ASP A 431 -51.46 -31.21 -18.89
C ASP A 431 -52.28 -29.97 -18.51
N ALA A 432 -51.75 -28.81 -18.90
CA ALA A 432 -52.43 -27.54 -18.67
C ALA A 432 -53.21 -27.16 -19.92
N ARG A 433 -54.52 -26.97 -19.76
CA ARG A 433 -55.40 -26.56 -20.84
C ARG A 433 -55.88 -25.14 -20.59
N GLY A 434 -55.87 -24.34 -21.64
CA GLY A 434 -56.26 -22.94 -21.54
C GLY A 434 -56.89 -22.47 -22.83
N THR A 435 -56.85 -21.15 -23.06
CA THR A 435 -57.41 -20.56 -24.26
C THR A 435 -56.79 -19.18 -24.45
N THR A 436 -56.33 -18.91 -25.68
CA THR A 436 -55.74 -17.62 -26.01
C THR A 436 -56.72 -16.78 -26.83
N LEU A 437 -56.55 -15.46 -26.76
CA LEU A 437 -57.41 -14.51 -27.45
C LEU A 437 -56.55 -13.70 -28.42
N SER A 438 -56.94 -13.71 -29.69
CA SER A 438 -56.22 -12.99 -30.75
C SER A 438 -57.22 -12.16 -31.54
N LEU A 439 -57.23 -10.85 -31.30
CA LEU A 439 -58.14 -9.94 -31.98
C LEU A 439 -57.34 -8.93 -32.79
N ARG A 440 -57.84 -8.59 -33.98
CA ARG A 440 -57.21 -7.63 -34.87
C ARG A 440 -58.14 -6.44 -35.09
N ILE A 441 -57.56 -5.25 -35.06
CA ILE A 441 -58.31 -4.01 -35.25
C ILE A 441 -57.84 -3.35 -36.54
N GLY A 442 -58.80 -2.93 -37.36
CA GLY A 442 -58.49 -2.28 -38.62
C GLY A 442 -59.30 -0.99 -38.78
N GLY A 443 -59.03 -0.31 -39.88
CA GLY A 443 -59.72 0.93 -40.19
C GLY A 443 -58.82 1.83 -41.03
N SER A 444 -58.99 3.13 -40.82
CA SER A 444 -58.25 4.14 -41.56
C SER A 444 -57.79 5.22 -40.60
N ALA A 445 -56.84 6.03 -41.05
CA ALA A 445 -56.29 7.13 -40.28
C ALA A 445 -56.90 8.45 -40.73
N SER A 446 -56.81 9.46 -39.85
CA SER A 446 -57.35 10.77 -40.17
C SER A 446 -56.49 11.50 -41.20
N SER A 447 -55.16 11.30 -41.15
CA SER A 447 -54.28 11.93 -42.12
C SER A 447 -54.39 11.30 -43.50
N GLY A 448 -54.81 10.04 -43.58
CA GLY A 448 -54.93 9.37 -44.85
C GLY A 448 -54.08 8.11 -44.95
N GLU A 449 -54.42 7.10 -44.16
CA GLU A 449 -53.67 5.84 -44.16
C GLU A 449 -54.57 4.74 -43.63
N GLN A 450 -54.48 3.56 -44.24
CA GLN A 450 -55.25 2.39 -43.83
C GLN A 450 -54.44 1.61 -42.79
N VAL A 451 -54.55 2.03 -41.54
CA VAL A 451 -53.79 1.43 -40.45
C VAL A 451 -54.55 0.22 -39.91
N VAL A 452 -53.81 -0.73 -39.35
CA VAL A 452 -54.38 -1.95 -38.79
C VAL A 452 -53.67 -2.26 -37.48
N PHE A 453 -54.44 -2.41 -36.40
CA PHE A 453 -53.90 -2.72 -35.09
C PHE A 453 -54.09 -4.19 -34.76
N ASN A 454 -53.53 -4.60 -33.62
CA ASN A 454 -53.59 -6.00 -33.20
C ASN A 454 -53.35 -6.09 -31.70
N ALA A 455 -53.97 -7.08 -31.08
CA ALA A 455 -53.82 -7.30 -29.64
C ALA A 455 -54.05 -8.77 -29.35
N SER A 456 -53.12 -9.39 -28.62
CA SER A 456 -53.16 -10.80 -28.31
C SER A 456 -53.22 -11.00 -26.80
N GLY A 457 -54.02 -11.98 -26.36
CA GLY A 457 -54.14 -12.29 -24.96
C GLY A 457 -54.28 -13.78 -24.74
N ARG A 458 -53.99 -14.19 -23.51
CA ARG A 458 -54.04 -15.60 -23.13
C ARG A 458 -54.71 -15.74 -21.78
N THR A 459 -55.52 -16.79 -21.62
CA THR A 459 -56.26 -17.04 -20.39
C THR A 459 -56.19 -18.51 -20.04
N ILE A 460 -55.83 -18.81 -18.80
CA ILE A 460 -55.71 -20.20 -18.36
C ILE A 460 -57.10 -20.75 -18.03
N THR A 461 -57.22 -22.08 -18.12
CA THR A 461 -58.49 -22.74 -17.83
C THR A 461 -58.28 -23.90 -16.86
N PHE A 462 -57.58 -24.95 -17.31
CA PHE A 462 -57.30 -26.11 -16.48
C PHE A 462 -55.85 -26.08 -16.03
N PRO A 463 -55.57 -25.98 -14.73
CA PRO A 463 -54.16 -25.91 -14.29
C PRO A 463 -53.41 -27.20 -14.50
N GLY A 464 -53.84 -28.28 -13.87
CA GLY A 464 -53.15 -29.55 -13.97
C GLY A 464 -51.87 -29.57 -13.18
N PHE A 465 -50.73 -29.64 -13.88
CA PHE A 465 -49.44 -29.61 -13.21
C PHE A 465 -49.06 -28.23 -12.71
N LEU A 466 -49.72 -27.18 -13.22
CA LEU A 466 -49.39 -25.82 -12.82
C LEU A 466 -49.79 -25.52 -11.38
N LYS A 467 -50.63 -26.33 -10.78
CA LYS A 467 -51.01 -26.14 -9.37
C LYS A 467 -49.84 -26.33 -8.42
N ALA A 468 -48.71 -26.86 -8.90
CA ALA A 468 -47.52 -27.04 -8.09
C ALA A 468 -46.29 -26.41 -8.76
N TYR A 469 -46.49 -25.56 -9.75
CA TYR A 469 -45.39 -24.97 -10.49
C TYR A 469 -45.72 -23.52 -10.82
N VAL A 470 -44.69 -22.75 -11.14
CA VAL A 470 -44.84 -21.35 -11.49
C VAL A 470 -43.68 -20.89 -12.36
N SER A 481 -43.11 -18.66 -19.47
CA SER A 481 -44.30 -17.83 -19.46
C SER A 481 -45.50 -18.58 -20.03
N ASP A 482 -45.76 -19.76 -19.48
CA ASP A 482 -46.90 -20.56 -19.90
C ASP A 482 -48.24 -20.00 -19.41
N ASP A 483 -48.23 -18.94 -18.61
CA ASP A 483 -49.45 -18.36 -18.08
C ASP A 483 -49.37 -16.84 -18.13
N ALA A 484 -48.84 -16.29 -19.22
CA ALA A 484 -48.81 -14.85 -19.42
C ALA A 484 -50.22 -14.38 -19.77
N GLU A 485 -50.86 -13.68 -18.84
CA GLU A 485 -52.28 -13.36 -18.95
C GLU A 485 -52.49 -11.89 -19.31
N SER A 486 -53.53 -11.64 -20.11
CA SER A 486 -53.96 -10.28 -20.46
C SER A 486 -55.48 -10.33 -20.60
N ARG A 487 -56.18 -10.09 -19.50
CA ARG A 487 -57.63 -10.26 -19.47
C ARG A 487 -58.32 -9.28 -20.41
N LEU A 488 -59.39 -9.76 -21.02
CA LEU A 488 -60.24 -8.98 -21.91
C LEU A 488 -61.70 -9.24 -21.56
N PRO A 489 -62.62 -8.44 -22.10
CA PRO A 489 -64.03 -8.61 -21.76
C PRO A 489 -64.81 -9.39 -22.81
N ASN A 490 -65.15 -8.73 -23.90
CA ASN A 490 -65.89 -9.38 -24.99
C ASN A 490 -65.65 -8.58 -26.27
N LEU A 491 -66.13 -9.14 -27.38
CA LEU A 491 -65.96 -8.52 -28.69
C LEU A 491 -66.89 -9.21 -29.68
N THR A 492 -66.88 -8.73 -30.92
CA THR A 492 -67.67 -9.30 -31.99
C THR A 492 -66.93 -9.08 -33.30
N GLN A 493 -67.04 -10.05 -34.21
CA GLN A 493 -66.41 -9.94 -35.52
C GLN A 493 -67.14 -8.87 -36.34
N GLY A 494 -66.47 -7.76 -36.61
CA GLY A 494 -67.07 -6.67 -37.33
C GLY A 494 -67.72 -5.60 -36.48
N GLN A 495 -67.49 -5.62 -35.17
CA GLN A 495 -68.11 -4.66 -34.27
C GLN A 495 -67.34 -3.35 -34.29
N ARG A 496 -68.05 -2.26 -34.01
CA ARG A 496 -67.45 -0.93 -33.99
C ARG A 496 -66.73 -0.70 -32.67
N VAL A 497 -65.47 -0.25 -32.75
CA VAL A 497 -64.67 0.06 -31.57
C VAL A 497 -64.10 1.47 -31.72
N ASP A 498 -63.72 2.05 -30.59
CA ASP A 498 -63.18 3.40 -30.54
C ASP A 498 -61.82 3.38 -29.86
N ALA A 499 -60.90 4.20 -30.36
CA ALA A 499 -59.56 4.27 -29.81
C ALA A 499 -59.47 5.30 -28.69
N ASP A 501 -56.25 6.63 -25.39
CA ASP A 501 -54.88 6.89 -24.95
C ASP A 501 -53.89 6.44 -26.01
N LEU A 502 -52.94 7.30 -26.33
CA LEU A 502 -51.95 7.03 -27.37
C LEU A 502 -50.56 7.41 -26.87
N SER A 503 -49.57 6.61 -27.25
CA SER A 503 -48.18 6.87 -26.86
C SER A 503 -47.28 6.18 -27.88
N ALA A 504 -46.25 6.91 -28.32
CA ALA A 504 -45.29 6.41 -29.31
C ALA A 504 -43.91 6.36 -28.66
N ASP A 505 -43.39 5.16 -28.47
CA ASP A 505 -42.10 4.95 -27.86
C ASP A 505 -41.11 4.40 -28.88
N GLY A 506 -39.82 4.68 -28.64
CA GLY A 506 -38.76 4.26 -29.54
C GLY A 506 -37.92 3.16 -28.90
N HIS A 507 -37.37 2.29 -29.75
CA HIS A 507 -36.55 1.18 -29.30
C HIS A 507 -35.41 0.96 -30.28
N GLN A 508 -34.42 0.19 -29.84
CA GLN A 508 -33.30 -0.21 -30.66
C GLN A 508 -33.12 -1.71 -30.58
N THR A 509 -32.67 -2.32 -31.67
CA THR A 509 -32.45 -3.75 -31.71
C THR A 509 -31.34 -4.14 -30.75
N SER A 510 -31.63 -5.13 -29.87
CA SER A 510 -30.71 -5.60 -28.86
C SER A 510 -29.81 -6.70 -29.40
N PRO A 511 -28.56 -6.76 -28.95
CA PRO A 511 -27.65 -7.82 -29.41
C PRO A 511 -27.98 -9.14 -28.76
N PRO A 512 -27.50 -10.26 -29.34
CA PRO A 512 -27.76 -11.56 -28.71
C PRO A 512 -27.12 -11.64 -27.34
N ALA A 513 -27.89 -12.11 -26.36
CA ALA A 513 -27.42 -12.14 -24.98
C ALA A 513 -26.20 -13.03 -24.83
N ARG A 514 -25.36 -12.69 -23.86
CA ARG A 514 -24.21 -13.51 -23.55
C ARG A 514 -24.65 -14.81 -22.87
N TYR A 515 -23.69 -15.68 -22.60
CA TYR A 515 -23.95 -16.92 -21.91
C TYR A 515 -23.82 -16.72 -20.40
N THR A 516 -24.78 -17.28 -19.67
CA THR A 516 -24.72 -17.35 -18.23
C THR A 516 -24.18 -18.72 -17.82
N GLU A 517 -24.18 -19.02 -16.52
CA GLU A 517 -23.81 -20.35 -16.09
C GLU A 517 -24.82 -21.39 -16.57
N ALA A 518 -26.10 -21.00 -16.67
CA ALA A 518 -27.12 -21.93 -17.12
C ALA A 518 -27.14 -22.05 -18.65
N SER A 519 -27.12 -20.93 -19.36
CA SER A 519 -27.21 -20.96 -20.81
C SER A 519 -25.98 -21.62 -21.44
N LEU A 520 -24.82 -21.53 -20.79
CA LEU A 520 -23.63 -22.20 -21.31
C LEU A 520 -23.73 -23.71 -21.13
N ILE A 521 -24.19 -24.16 -19.96
CA ILE A 521 -24.27 -25.58 -19.68
C ILE A 521 -25.25 -26.27 -20.63
N LYS A 522 -26.41 -25.65 -20.83
CA LYS A 522 -27.37 -26.21 -21.79
C LYS A 522 -26.83 -26.16 -23.21
N ALA A 523 -25.87 -25.29 -23.49
CA ALA A 523 -25.23 -25.28 -24.81
C ALA A 523 -24.27 -26.45 -24.95
N LEU A 524 -23.52 -26.77 -23.89
CA LEU A 524 -22.61 -27.90 -23.95
C LEU A 524 -23.37 -29.22 -24.00
N GLU A 525 -24.50 -29.31 -23.28
CA GLU A 525 -25.31 -30.52 -23.31
C GLU A 525 -25.85 -30.80 -24.72
N GLU A 526 -26.22 -29.74 -25.43
CA GLU A 526 -26.67 -29.90 -26.82
C GLU A 526 -25.56 -30.39 -27.72
N LEU A 527 -24.30 -30.28 -27.29
CA LEU A 527 -23.15 -30.74 -28.06
C LEU A 527 -22.57 -32.04 -27.49
N GLY A 528 -23.14 -32.57 -26.42
CA GLY A 528 -22.60 -33.77 -25.80
C GLY A 528 -21.29 -33.57 -25.08
N ILE A 529 -21.06 -32.36 -24.55
CA ILE A 529 -19.80 -32.00 -23.91
C ILE A 529 -20.05 -31.81 -22.42
N GLY A 530 -19.10 -32.27 -21.61
CA GLY A 530 -19.21 -32.18 -20.17
C GLY A 530 -20.04 -33.30 -19.59
N ARG A 531 -19.93 -33.45 -18.27
CA ARG A 531 -20.64 -34.48 -17.53
C ARG A 531 -21.17 -33.87 -16.24
N PRO A 532 -22.20 -34.50 -15.62
CA PRO A 532 -22.79 -33.94 -14.41
C PRO A 532 -21.80 -33.64 -13.28
N SER A 533 -20.65 -34.30 -13.29
CA SER A 533 -19.63 -34.06 -12.28
C SER A 533 -18.64 -32.98 -12.69
N THR A 534 -18.83 -32.32 -13.83
CA THR A 534 -17.92 -31.30 -14.29
C THR A 534 -18.58 -29.97 -14.64
N TYR A 535 -19.90 -29.87 -14.63
CA TYR A 535 -20.58 -28.66 -15.07
C TYR A 535 -20.19 -27.45 -14.21
N SER A 536 -20.34 -27.58 -12.89
CA SER A 536 -19.99 -26.48 -12.00
C SER A 536 -18.50 -26.19 -12.01
N SER A 537 -17.66 -27.16 -12.40
CA SER A 537 -16.22 -26.98 -12.38
C SER A 537 -15.68 -26.37 -13.68
N ILE A 538 -16.39 -26.51 -14.80
CA ILE A 538 -15.97 -25.84 -16.02
C ILE A 538 -15.99 -24.33 -15.83
N ILE A 539 -17.05 -23.82 -15.21
CA ILE A 539 -17.15 -22.39 -14.97
C ILE A 539 -15.99 -21.90 -14.13
N LYS A 540 -15.69 -22.62 -13.04
CA LYS A 540 -14.59 -22.23 -12.17
C LYS A 540 -13.24 -22.29 -12.89
N THR A 541 -13.10 -23.20 -13.84
CA THR A 541 -11.81 -23.38 -14.51
C THR A 541 -11.55 -22.29 -15.55
N ILE A 542 -12.55 -21.98 -16.37
CA ILE A 542 -12.37 -20.92 -17.36
C ILE A 542 -12.29 -19.55 -16.71
N GLN A 543 -12.73 -19.43 -15.45
CA GLN A 543 -12.60 -18.17 -14.73
C GLN A 543 -11.22 -18.01 -14.13
N ASP A 544 -10.75 -19.03 -13.41
CA ASP A 544 -9.49 -18.97 -12.69
C ASP A 544 -8.26 -18.90 -13.59
N ARG A 545 -8.43 -18.81 -14.91
CA ARG A 545 -7.29 -18.72 -15.83
C ARG A 545 -7.41 -17.51 -16.75
N GLY A 546 -8.24 -16.54 -16.38
CA GLY A 546 -8.35 -15.30 -17.14
C GLY A 546 -9.07 -15.40 -18.46
N TYR A 547 -9.72 -16.53 -18.75
CA TYR A 547 -10.39 -16.68 -20.03
C TYR A 547 -11.76 -16.01 -20.05
N VAL A 548 -12.40 -15.87 -18.90
CA VAL A 548 -13.74 -15.30 -18.85
C VAL A 548 -13.89 -14.52 -17.54
N GLN A 549 -14.63 -13.41 -17.62
CA GLN A 549 -14.96 -12.60 -16.46
C GLN A 549 -16.46 -12.66 -16.21
N LYS A 550 -16.85 -12.80 -14.95
CA LYS A 550 -18.27 -12.92 -14.59
C LYS A 550 -18.80 -11.52 -14.30
N LYS A 551 -19.41 -10.90 -15.30
CA LYS A 551 -19.96 -9.56 -15.16
C LYS A 551 -21.38 -9.68 -14.61
N GLY A 552 -21.47 -9.77 -13.28
CA GLY A 552 -22.75 -9.90 -12.61
C GLY A 552 -23.36 -11.27 -12.76
N SER A 553 -24.08 -11.49 -13.87
CA SER A 553 -24.69 -12.77 -14.17
C SER A 553 -24.43 -13.17 -15.62
N ALA A 554 -23.30 -12.75 -16.19
CA ALA A 554 -22.97 -13.02 -17.57
C ALA A 554 -21.48 -13.33 -17.67
N LEU A 555 -21.14 -14.20 -18.62
CA LEU A 555 -19.77 -14.64 -18.84
C LEU A 555 -19.17 -13.84 -20.00
N VAL A 556 -18.23 -12.98 -19.69
CA VAL A 556 -17.59 -12.09 -20.66
C VAL A 556 -16.18 -12.59 -20.93
N PRO A 557 -15.80 -12.82 -22.18
CA PRO A 557 -14.44 -13.31 -22.46
C PRO A 557 -13.43 -12.18 -22.45
N SER A 558 -12.19 -12.54 -22.12
CA SER A 558 -11.08 -11.61 -22.11
C SER A 558 -10.33 -11.68 -23.44
N TRP A 559 -9.38 -10.76 -23.61
CA TRP A 559 -8.58 -10.74 -24.83
C TRP A 559 -7.65 -11.93 -24.92
N VAL A 560 -7.28 -12.53 -23.78
CA VAL A 560 -6.49 -13.76 -23.83
C VAL A 560 -7.32 -14.90 -24.40
N ALA A 561 -8.62 -14.92 -24.11
CA ALA A 561 -9.50 -15.93 -24.68
C ALA A 561 -9.61 -15.79 -26.20
N PHE A 562 -9.66 -14.55 -26.69
CA PHE A 562 -9.66 -14.34 -28.14
C PHE A 562 -8.34 -14.77 -28.77
N ALA A 563 -7.23 -14.66 -28.03
CA ALA A 563 -5.95 -15.10 -28.56
C ALA A 563 -5.79 -16.60 -28.47
N VAL A 564 -6.24 -17.21 -27.38
CA VAL A 564 -6.15 -18.66 -27.24
C VAL A 564 -7.10 -19.35 -28.20
N VAL A 565 -8.35 -18.90 -28.27
CA VAL A 565 -9.30 -19.47 -29.22
C VAL A 565 -8.87 -19.16 -30.65
N GLY A 566 -8.42 -17.93 -30.90
CA GLY A 566 -7.93 -17.59 -32.22
C GLY A 566 -6.77 -18.45 -32.68
N LEU A 567 -5.92 -18.88 -31.75
CA LEU A 567 -4.82 -19.77 -32.08
C LEU A 567 -5.33 -21.17 -32.37
N LEU A 568 -6.21 -21.69 -31.51
CA LEU A 568 -6.68 -23.06 -31.68
C LEU A 568 -7.55 -23.22 -32.91
N GLU A 569 -8.29 -22.17 -33.29
CA GLU A 569 -9.12 -22.24 -34.48
C GLU A 569 -8.28 -22.38 -35.75
N GLN A 570 -7.06 -21.84 -35.75
CA GLN A 570 -6.24 -21.81 -36.94
C GLN A 570 -5.19 -22.91 -36.99
N HIS A 571 -4.87 -23.55 -35.85
CA HIS A 571 -3.87 -24.60 -35.82
C HIS A 571 -4.34 -25.90 -35.19
N PHE A 572 -5.52 -25.93 -34.58
CA PHE A 572 -6.06 -27.15 -34.00
C PHE A 572 -7.58 -27.18 -34.17
N GLY A 573 -8.07 -26.71 -35.31
CA GLY A 573 -9.50 -26.55 -35.50
C GLY A 573 -10.29 -27.81 -35.25
N ARG A 574 -9.76 -28.96 -35.69
CA ARG A 574 -10.43 -30.23 -35.43
C ARG A 574 -10.55 -30.51 -33.93
N LEU A 575 -9.61 -29.97 -33.13
CA LEU A 575 -9.66 -30.19 -31.69
C LEU A 575 -10.71 -29.33 -31.00
N VAL A 576 -11.04 -28.18 -31.57
CA VAL A 576 -12.00 -27.26 -30.96
C VAL A 576 -13.34 -27.26 -31.69
N ASP A 577 -13.49 -28.11 -32.70
CA ASP A 577 -14.79 -28.25 -33.34
C ASP A 577 -15.81 -28.83 -32.37
N TYR A 578 -17.06 -28.37 -32.47
CA TYR A 578 -18.10 -28.84 -31.57
C TYR A 578 -18.37 -30.33 -31.76
N ASP A 579 -18.20 -30.83 -32.98
CA ASP A 579 -18.42 -32.24 -33.29
C ASP A 579 -17.28 -33.14 -32.84
N PHE A 580 -16.15 -32.57 -32.39
CA PHE A 580 -15.01 -33.38 -32.00
C PHE A 580 -15.34 -34.28 -30.82
N THR A 581 -16.09 -33.77 -29.85
CA THR A 581 -16.47 -34.58 -28.70
C THR A 581 -17.45 -35.67 -29.10
N ALA A 582 -18.37 -35.37 -30.03
CA ALA A 582 -19.25 -36.40 -30.57
C ALA A 582 -18.48 -37.38 -31.44
N ALA A 583 -17.44 -36.91 -32.12
CA ALA A 583 -16.63 -37.81 -32.94
C ALA A 583 -15.79 -38.75 -32.09
N MET A 584 -15.43 -38.32 -30.88
CA MET A 584 -14.70 -39.20 -29.97
C MET A 584 -15.61 -40.28 -29.40
N GLU A 585 -16.84 -39.91 -29.03
CA GLU A 585 -17.75 -40.88 -28.42
C GLU A 585 -18.11 -41.99 -29.40
N ASP A 586 -18.28 -41.65 -30.68
CA ASP A 586 -18.54 -42.68 -31.68
C ASP A 586 -17.35 -43.62 -31.84
N GLU A 587 -16.13 -43.12 -31.58
CA GLU A 587 -14.95 -43.97 -31.66
C GLU A 587 -14.77 -44.80 -30.40
N LEU A 588 -15.19 -44.28 -29.24
CA LEU A 588 -15.12 -45.06 -28.02
C LEU A 588 -16.19 -46.14 -27.95
N ASP A 589 -17.27 -45.99 -28.72
CA ASP A 589 -18.29 -47.03 -28.76
C ASP A 589 -17.79 -48.27 -29.49
N GLU A 590 -17.02 -48.08 -30.57
CA GLU A 590 -16.42 -49.21 -31.26
C GLU A 590 -15.40 -49.94 -30.40
N ILE A 591 -14.86 -49.27 -29.38
CA ILE A 591 -13.99 -49.94 -28.42
C ILE A 591 -14.80 -50.53 -27.26
N ALA A 592 -16.00 -50.01 -26.99
CA ALA A 592 -16.82 -50.53 -25.90
C ALA A 592 -17.53 -51.82 -26.28
N ASN A 593 -17.94 -51.96 -27.55
CA ASN A 593 -18.56 -53.20 -27.99
C ASN A 593 -17.54 -54.24 -28.41
N GLY A 594 -16.32 -53.82 -28.73
CA GLY A 594 -15.26 -54.75 -29.09
C GLY A 594 -14.94 -54.82 -30.57
N GLN A 595 -15.29 -53.80 -31.35
CA GLN A 595 -15.02 -53.82 -32.79
C GLN A 595 -13.66 -53.23 -33.14
N GLU A 596 -13.17 -52.25 -32.38
CA GLU A 596 -11.90 -51.62 -32.64
C GLU A 596 -11.00 -51.74 -31.42
N GLN A 597 -9.70 -51.89 -31.66
CA GLN A 597 -8.73 -51.99 -30.58
C GLN A 597 -8.57 -50.65 -29.88
N ARG A 598 -8.21 -50.73 -28.60
CA ARG A 598 -7.99 -49.51 -27.80
C ARG A 598 -6.83 -48.70 -28.37
N THR A 599 -5.67 -49.34 -28.56
CA THR A 599 -4.46 -48.63 -28.95
C THR A 599 -4.52 -48.09 -30.37
N ASN A 600 -5.37 -48.66 -31.23
CA ASN A 600 -5.30 -48.37 -32.66
C ASN A 600 -5.64 -46.91 -32.94
N TRP A 601 -6.70 -46.38 -32.33
CA TRP A 601 -7.12 -45.02 -32.65
C TRP A 601 -6.15 -44.01 -32.04
N LEU A 602 -5.65 -44.26 -30.83
CA LEU A 602 -4.67 -43.37 -30.23
C LEU A 602 -3.40 -43.29 -31.08
N ASN A 603 -2.98 -44.42 -31.65
CA ASN A 603 -1.82 -44.42 -32.54
C ASN A 603 -2.08 -43.55 -33.77
N ASN A 604 -3.24 -43.71 -34.39
CA ASN A 604 -3.58 -42.90 -35.56
C ASN A 604 -3.77 -41.43 -35.18
N PHE A 605 -4.37 -41.16 -34.01
CA PHE A 605 -4.61 -39.78 -33.61
C PHE A 605 -3.30 -39.08 -33.27
N TYR A 606 -2.35 -39.79 -32.66
CA TYR A 606 -1.11 -39.16 -32.21
C TYR A 606 -0.04 -39.14 -33.29
N PHE A 607 -0.02 -40.12 -34.20
CA PHE A 607 1.04 -40.23 -35.19
C PHE A 607 0.57 -40.00 -36.62
N GLY A 608 -0.72 -40.16 -36.91
CA GLY A 608 -1.25 -39.87 -38.22
C GLY A 608 -1.63 -41.12 -38.98
N GLY A 609 -1.86 -40.92 -40.28
CA GLY A 609 -2.27 -42.00 -41.17
C GLY A 609 -3.38 -41.58 -42.10
N GLU A 610 -3.36 -42.09 -43.34
CA GLU A 610 -4.36 -41.73 -44.33
C GLU A 610 -5.75 -42.25 -43.99
N HIS A 611 -5.91 -42.97 -42.88
CA HIS A 611 -7.22 -43.47 -42.45
C HIS A 611 -7.99 -42.46 -41.62
N GLY A 612 -8.01 -41.19 -42.05
CA GLY A 612 -8.80 -40.19 -41.35
C GLY A 612 -10.27 -40.26 -41.73
N VAL A 613 -11.11 -39.80 -40.80
CA VAL A 613 -12.55 -39.85 -41.00
C VAL A 613 -12.96 -38.75 -41.99
N GLU A 614 -12.81 -37.49 -41.60
CA GLU A 614 -13.08 -36.37 -42.48
C GLU A 614 -11.85 -35.50 -42.63
N GLY A 615 -11.68 -34.55 -41.72
CA GLY A 615 -10.46 -33.77 -41.64
C GLY A 615 -9.76 -33.99 -40.32
N SER A 616 -9.66 -35.25 -39.91
CA SER A 616 -9.15 -35.59 -38.60
C SER A 616 -7.65 -35.31 -38.50
N ILE A 617 -7.14 -35.43 -37.27
CA ILE A 617 -5.71 -35.22 -37.03
C ILE A 617 -4.90 -36.35 -37.65
N ALA A 618 -5.46 -37.55 -37.73
CA ALA A 618 -4.79 -38.64 -38.44
C ALA A 618 -4.55 -38.27 -39.90
N ARG A 619 -5.56 -37.71 -40.56
CA ARG A 619 -5.39 -37.21 -41.91
C ARG A 619 -4.50 -35.98 -41.97
N ALA A 620 -4.20 -35.36 -40.82
CA ALA A 620 -3.30 -34.23 -40.76
C ALA A 620 -1.86 -34.64 -40.44
N GLY A 621 -1.66 -35.78 -39.80
CA GLY A 621 -0.31 -36.26 -39.53
C GLY A 621 -0.03 -36.60 -38.09
N GLY A 622 -1.06 -36.58 -37.26
CA GLY A 622 -0.89 -36.91 -35.86
C GLY A 622 -0.72 -35.67 -34.99
N LEU A 623 -1.07 -35.81 -33.71
CA LEU A 623 -0.98 -34.67 -32.80
C LEU A 623 0.47 -34.30 -32.52
N LYS A 624 1.35 -35.30 -32.46
CA LYS A 624 2.77 -35.01 -32.22
C LYS A 624 3.36 -34.16 -33.32
N GLN A 625 3.09 -34.53 -34.58
CA GLN A 625 3.55 -33.71 -35.71
C GLN A 625 2.85 -32.36 -35.73
N LEU A 626 1.58 -32.31 -35.29
CA LEU A 626 0.84 -31.07 -35.27
C LEU A 626 1.27 -30.13 -34.15
N VAL A 627 2.17 -30.58 -33.27
CA VAL A 627 2.68 -29.77 -32.17
C VAL A 627 4.17 -29.47 -32.36
N GLY A 628 4.98 -30.50 -32.57
CA GLY A 628 6.42 -30.28 -32.71
C GLY A 628 6.80 -29.66 -34.04
N GLY A 629 6.05 -29.95 -35.10
CA GLY A 629 6.30 -29.39 -36.41
C GLY A 629 5.69 -28.03 -36.67
N ASN A 630 4.96 -27.47 -35.70
CA ASN A 630 4.35 -26.16 -35.84
C ASN A 630 4.95 -25.10 -34.92
N LEU A 631 5.69 -25.50 -33.89
CA LEU A 631 6.30 -24.54 -32.98
C LEU A 631 7.15 -23.52 -33.75
N GLU A 632 7.87 -23.98 -34.76
CA GLU A 632 8.63 -23.06 -35.61
C GLU A 632 7.71 -22.23 -36.49
N GLY A 633 6.53 -22.74 -36.83
CA GLY A 633 5.67 -22.08 -37.79
C GLY A 633 4.41 -21.44 -37.23
N ILE A 634 4.52 -20.83 -36.05
CA ILE A 634 3.44 -20.04 -35.47
C ILE A 634 3.96 -18.63 -35.24
N ASP A 635 3.22 -17.64 -35.73
CA ASP A 635 3.59 -16.23 -35.61
C ASP A 635 2.92 -15.66 -34.37
N ALA A 636 3.65 -15.65 -33.24
CA ALA A 636 3.08 -15.16 -32.00
C ALA A 636 2.69 -13.69 -32.09
N ARG A 637 3.36 -12.93 -32.96
CA ARG A 637 3.00 -11.53 -33.14
C ARG A 637 1.58 -11.40 -33.67
N GLU A 638 1.28 -12.11 -34.76
CA GLU A 638 -0.08 -12.08 -35.30
C GLU A 638 -1.06 -12.80 -34.39
N VAL A 639 -0.59 -13.77 -33.61
CA VAL A 639 -1.47 -14.48 -32.69
C VAL A 639 -1.92 -13.56 -31.56
N ASN A 640 -1.00 -12.77 -31.02
CA ASN A 640 -1.34 -11.84 -29.94
C ASN A 640 -1.89 -10.52 -30.47
N SER A 641 -1.81 -10.27 -31.77
CA SER A 641 -2.43 -9.10 -32.38
C SER A 641 -3.83 -9.48 -32.83
N ILE A 642 -4.84 -8.89 -32.20
CA ILE A 642 -6.23 -9.20 -32.47
C ILE A 642 -6.85 -8.01 -33.17
N LYS A 643 -6.96 -8.10 -34.50
CA LYS A 643 -7.59 -7.04 -35.28
C LYS A 643 -9.08 -7.02 -35.02
N VAL A 644 -9.60 -5.85 -34.65
CA VAL A 644 -11.02 -5.70 -34.32
C VAL A 644 -11.78 -5.05 -35.47
N PHE A 645 -11.24 -3.99 -36.05
CA PHE A 645 -11.86 -3.31 -37.18
C PHE A 645 -10.83 -2.42 -37.85
N ASP A 646 -11.27 -1.70 -38.87
CA ASP A 646 -10.48 -0.65 -39.51
C ASP A 646 -11.09 0.70 -39.19
N ASP A 647 -10.24 1.67 -38.90
CA ASP A 647 -10.70 3.00 -38.49
C ASP A 647 -11.30 3.72 -39.69
N SER A 648 -11.63 4.99 -39.51
CA SER A 648 -12.23 5.78 -40.58
C SER A 648 -11.28 6.00 -41.75
N GLU A 649 -9.97 5.92 -41.51
CA GLU A 649 -8.97 6.11 -42.56
C GLU A 649 -8.55 4.81 -43.23
N GLY A 650 -9.04 3.67 -42.75
CA GLY A 650 -8.70 2.38 -43.32
C GLY A 650 -7.56 1.64 -42.65
N ARG A 651 -6.94 2.24 -41.63
CA ARG A 651 -5.84 1.58 -40.94
C ARG A 651 -6.38 0.51 -39.99
N PRO A 652 -5.76 -0.66 -39.94
CA PRO A 652 -6.23 -1.71 -39.05
C PRO A 652 -5.91 -1.38 -37.59
N VAL A 653 -6.81 -1.83 -36.70
CA VAL A 653 -6.67 -1.60 -35.27
C VAL A 653 -6.53 -2.95 -34.60
N TYR A 654 -5.41 -3.15 -33.91
CA TYR A 654 -5.11 -4.40 -33.22
C TYR A 654 -5.31 -4.24 -31.71
N VAL A 655 -5.26 -5.36 -31.01
CA VAL A 655 -5.27 -5.40 -29.55
C VAL A 655 -4.15 -6.35 -29.13
N ARG A 656 -2.99 -5.79 -28.80
CA ARG A 656 -1.88 -6.62 -28.34
C ARG A 656 -2.20 -7.22 -26.97
N VAL A 657 -1.84 -8.49 -26.80
CA VAL A 657 -2.09 -9.22 -25.56
C VAL A 657 -0.76 -9.73 -25.04
N GLY A 658 -0.61 -9.72 -23.71
CA GLY A 658 0.59 -10.21 -23.06
C GLY A 658 1.73 -9.22 -22.98
N ARG A 659 1.71 -8.15 -23.79
CA ARG A 659 2.76 -7.14 -23.77
C ARG A 659 2.50 -6.16 -22.62
N ASN A 660 2.62 -6.69 -21.40
CA ASN A 660 2.42 -5.91 -20.17
C ASN A 660 1.03 -5.27 -20.14
N GLY A 661 0.01 -6.11 -20.29
CA GLY A 661 -1.36 -5.66 -20.28
C GLY A 661 -1.89 -5.41 -21.68
N PRO A 662 -3.19 -5.65 -21.88
CA PRO A 662 -3.77 -5.45 -23.21
C PRO A 662 -3.95 -3.98 -23.53
N TYR A 663 -3.70 -3.63 -24.79
CA TYR A 663 -3.77 -2.24 -25.23
C TYR A 663 -4.08 -2.22 -26.73
N LEU A 664 -4.52 -1.05 -27.19
CA LEU A 664 -4.77 -0.84 -28.61
C LEU A 664 -3.48 -0.50 -29.33
N GLU A 665 -3.44 -0.82 -30.63
CA GLU A 665 -2.28 -0.51 -31.46
C GLU A 665 -2.73 -0.40 -32.90
N ARG A 666 -2.14 0.54 -33.63
CA ARG A 666 -2.39 0.66 -35.06
C ARG A 666 -1.21 1.36 -35.71
N MET A 667 -0.97 1.01 -36.97
CA MET A 667 0.16 1.55 -37.73
C MET A 667 -0.30 2.77 -38.53
N VAL A 668 0.26 3.93 -38.20
CA VAL A 668 -0.07 5.19 -38.85
C VAL A 668 1.18 5.70 -39.55
N ASP A 669 0.99 6.63 -40.49
CA ASP A 669 2.11 7.22 -41.20
C ASP A 669 3.06 7.92 -40.23
N ASP A 670 4.35 7.85 -40.52
CA ASP A 670 5.35 8.43 -39.65
C ASP A 670 5.79 9.79 -40.17
N PRO A 671 5.99 10.77 -39.29
CA PRO A 671 6.41 12.10 -39.73
C PRO A 671 7.89 12.16 -40.11
N ASP A 672 8.73 11.46 -39.37
CA ASP A 672 10.17 11.51 -39.63
C ASP A 672 10.56 10.64 -40.83
N ASN A 673 10.18 9.37 -40.81
CA ASN A 673 10.52 8.45 -41.89
C ASN A 673 9.31 8.27 -42.80
N PRO A 674 9.38 8.68 -44.07
CA PRO A 674 8.22 8.53 -44.96
C PRO A 674 8.14 7.11 -45.52
N GLY A 675 6.96 6.52 -45.45
CA GLY A 675 6.77 5.15 -45.88
C GLY A 675 6.75 4.19 -44.70
N GLU A 676 7.83 4.18 -43.93
CA GLU A 676 7.89 3.38 -42.71
C GLU A 676 6.84 3.87 -41.72
N GLN A 677 5.84 3.05 -41.43
CA GLN A 677 4.75 3.47 -40.58
C GLN A 677 5.11 3.30 -39.10
N LYS A 678 4.64 4.24 -38.27
CA LYS A 678 4.90 4.23 -36.84
C LYS A 678 3.66 3.82 -36.06
N PRO A 679 3.82 3.01 -35.01
CA PRO A 679 2.65 2.58 -34.24
C PRO A 679 2.29 3.55 -33.13
N GLN A 680 1.02 3.95 -33.06
CA GLN A 680 0.49 4.66 -31.91
C GLN A 680 -0.32 3.69 -31.06
N ARG A 681 -0.22 3.85 -29.75
CA ARG A 681 -0.80 2.90 -28.81
C ARG A 681 -1.68 3.61 -27.81
N ALA A 682 -2.60 2.85 -27.21
CA ALA A 682 -3.53 3.38 -26.23
C ALA A 682 -3.85 2.29 -25.22
N ASN A 683 -3.51 2.53 -23.96
CA ASN A 683 -3.77 1.54 -22.92
C ASN A 683 -5.28 1.38 -22.72
N LEU A 684 -5.71 0.13 -22.56
CA LEU A 684 -7.11 -0.20 -22.36
C LEU A 684 -7.38 -0.52 -20.91
N LYS A 685 -8.51 -0.05 -20.40
CA LYS A 685 -8.88 -0.34 -19.02
C LYS A 685 -9.34 -1.79 -18.90
N GLU A 686 -9.00 -2.41 -17.77
CA GLU A 686 -9.30 -3.83 -17.58
C GLU A 686 -10.80 -4.10 -17.46
N ASP A 687 -11.60 -3.09 -17.12
CA ASP A 687 -13.03 -3.27 -16.93
C ASP A 687 -13.84 -3.07 -18.22
N LEU A 688 -13.16 -2.96 -19.36
CA LEU A 688 -13.84 -2.74 -20.63
C LEU A 688 -14.05 -4.08 -21.35
N THR A 689 -15.29 -4.35 -21.75
CA THR A 689 -15.63 -5.60 -22.39
C THR A 689 -15.36 -5.52 -23.89
N PRO A 690 -15.18 -6.67 -24.55
CA PRO A 690 -14.80 -6.64 -25.98
C PRO A 690 -15.85 -6.03 -26.90
N ASP A 691 -17.14 -6.17 -26.59
CA ASP A 691 -18.16 -5.61 -27.46
C ASP A 691 -18.30 -4.09 -27.31
N GLU A 692 -17.76 -3.53 -26.22
CA GLU A 692 -17.82 -2.09 -25.97
C GLU A 692 -16.66 -1.34 -26.62
N LEU A 693 -15.75 -2.03 -27.30
CA LEU A 693 -14.63 -1.38 -27.97
C LEU A 693 -15.05 -1.06 -29.41
N THR A 694 -15.73 0.07 -29.55
CA THR A 694 -16.26 0.65 -30.79
C THR A 694 -15.24 1.58 -31.42
N PRO A 695 -15.25 1.74 -32.75
CA PRO A 695 -14.31 2.67 -33.38
C PRO A 695 -14.43 4.10 -32.88
N GLU A 696 -15.61 4.50 -32.39
CA GLU A 696 -15.74 5.83 -31.80
C GLU A 696 -14.92 5.96 -30.53
N LEU A 697 -14.90 4.92 -29.70
CA LEU A 697 -14.10 4.92 -28.48
C LEU A 697 -12.62 4.73 -28.77
N ALA A 698 -12.28 4.11 -29.92
CA ALA A 698 -10.88 3.82 -30.22
C ALA A 698 -10.09 5.11 -30.46
N GLU A 699 -10.60 5.98 -31.34
CA GLU A 699 -9.89 7.21 -31.64
C GLU A 699 -9.83 8.14 -30.43
N LYS A 700 -10.86 8.12 -29.58
CA LYS A 700 -10.82 8.92 -28.36
C LYS A 700 -9.74 8.43 -27.41
N LEU A 701 -9.49 7.11 -27.38
CA LEU A 701 -8.42 6.56 -26.57
C LEU A 701 -7.05 6.81 -27.17
N PHE A 702 -6.97 7.00 -28.50
CA PHE A 702 -5.69 7.36 -29.12
C PHE A 702 -5.33 8.80 -28.80
N ALA A 703 -6.32 9.69 -28.72
CA ALA A 703 -6.06 11.09 -28.43
C ALA A 703 -5.70 11.32 -26.97
N THR A 704 -6.00 10.37 -26.09
CA THR A 704 -5.64 10.50 -24.68
C THR A 704 -4.12 10.63 -24.54
N PRO A 705 -3.65 11.28 -23.46
CA PRO A 705 -2.20 11.44 -23.28
C PRO A 705 -1.51 10.10 -23.10
N GLN A 706 -0.22 10.09 -23.46
CA GLN A 706 0.57 8.86 -23.40
C GLN A 706 0.74 8.39 -21.96
N GLU A 707 1.42 9.21 -21.14
CA GLU A 707 1.70 8.83 -19.76
C GLU A 707 1.39 9.91 -18.73
N GLY A 708 1.15 11.15 -19.15
CA GLY A 708 0.85 12.22 -18.23
C GLY A 708 -0.64 12.50 -18.11
N ARG A 709 -0.95 13.50 -17.29
CA ARG A 709 -2.33 13.95 -17.10
C ARG A 709 -2.63 15.09 -18.05
N SER A 710 -3.80 15.04 -18.67
CA SER A 710 -4.22 16.11 -19.56
C SER A 710 -4.83 17.25 -18.75
N LEU A 711 -4.49 18.48 -19.14
CA LEU A 711 -4.97 19.68 -18.46
C LEU A 711 -6.03 20.43 -19.25
N GLY A 712 -5.91 20.47 -20.57
CA GLY A 712 -6.90 21.16 -21.39
C GLY A 712 -6.33 21.49 -22.75
N ILE A 713 -6.97 22.46 -23.40
CA ILE A 713 -6.60 22.90 -24.74
C ILE A 713 -6.28 24.39 -24.67
N ASP A 714 -5.14 24.77 -25.24
CA ASP A 714 -4.75 26.18 -25.27
C ASP A 714 -5.45 26.89 -26.42
N PRO A 715 -6.25 27.92 -26.16
CA PRO A 715 -7.01 28.57 -27.25
C PRO A 715 -6.13 29.37 -28.20
N GLU A 716 -4.92 29.75 -27.80
CA GLU A 716 -4.08 30.56 -28.66
C GLU A 716 -3.56 29.76 -29.86
N THR A 717 -3.41 28.45 -29.71
CA THR A 717 -2.86 27.62 -30.77
C THR A 717 -3.76 26.43 -31.09
N GLY A 718 -4.48 25.94 -30.08
CA GLY A 718 -5.32 24.78 -30.24
C GLY A 718 -4.67 23.46 -29.89
N HIS A 719 -3.61 23.48 -29.07
CA HIS A 719 -2.90 22.28 -28.69
C HIS A 719 -3.34 21.81 -27.31
N GLU A 720 -3.30 20.49 -27.12
CA GLU A 720 -3.60 19.91 -25.82
C GLU A 720 -2.37 19.99 -24.93
N ILE A 721 -2.55 20.52 -23.72
CA ILE A 721 -1.48 20.68 -22.75
C ILE A 721 -1.59 19.56 -21.73
N VAL A 722 -0.45 18.94 -21.40
CA VAL A 722 -0.40 17.86 -20.43
C VAL A 722 0.74 18.11 -19.45
N ALA A 723 0.71 17.39 -18.34
CA ALA A 723 1.72 17.47 -17.29
C ALA A 723 2.27 16.08 -17.05
N LYS A 724 3.54 15.87 -17.41
CA LYS A 724 4.19 14.57 -17.30
C LYS A 724 5.32 14.65 -16.28
N ASP A 725 5.98 13.50 -16.08
CA ASP A 725 7.16 13.41 -15.22
C ASP A 725 8.28 12.79 -16.04
N GLY A 726 9.36 13.54 -16.21
CA GLY A 726 10.44 13.10 -17.08
C GLY A 726 11.77 12.88 -16.40
N ARG A 727 12.85 12.88 -17.20
CA ARG A 727 14.18 12.60 -16.68
C ARG A 727 14.61 13.64 -15.65
N PHE A 728 14.23 14.89 -15.85
CA PHE A 728 14.70 16.00 -15.03
C PHE A 728 13.73 16.33 -13.90
N GLY A 729 12.47 16.61 -14.23
CA GLY A 729 11.49 16.92 -13.22
C GLY A 729 10.09 16.98 -13.80
N PRO A 730 9.10 17.23 -12.94
CA PRO A 730 7.73 17.42 -13.44
C PRO A 730 7.65 18.64 -14.35
N TYR A 731 7.10 18.44 -15.54
CA TYR A 731 7.06 19.49 -16.55
C TYR A 731 5.69 19.51 -17.21
N VAL A 732 5.52 20.45 -18.14
CA VAL A 732 4.28 20.65 -18.87
C VAL A 732 4.61 20.84 -20.34
N THR A 733 3.88 20.18 -21.22
CA THR A 733 4.14 20.23 -22.65
C THR A 733 2.82 20.35 -23.40
N GLU A 734 2.93 20.80 -24.64
CA GLU A 734 1.85 20.78 -25.61
C GLU A 734 2.06 19.62 -26.58
N VAL A 735 0.97 19.22 -27.23
CA VAL A 735 1.02 18.19 -28.27
C VAL A 735 0.83 18.87 -29.62
N LEU A 736 1.43 18.28 -30.65
CA LEU A 736 1.41 18.87 -31.97
C LEU A 736 0.61 18.00 -32.94
N PRO A 737 -0.06 18.62 -33.93
CA PRO A 737 -0.74 17.83 -34.95
C PRO A 737 0.26 17.13 -35.86
N GLU A 738 0.13 15.81 -35.97
CA GLU A 738 1.07 15.01 -36.75
C GLU A 738 1.02 15.37 -38.22
N THR A 759 7.95 25.09 -41.25
CA THR A 759 8.91 25.72 -40.35
C THR A 759 9.56 24.71 -39.42
N GLY A 760 8.83 23.65 -39.12
CA GLY A 760 9.30 22.60 -38.23
C GLY A 760 9.45 23.09 -36.80
N PRO A 761 8.33 23.14 -36.07
CA PRO A 761 8.38 23.62 -34.69
C PRO A 761 8.50 22.49 -33.68
N LYS A 762 9.21 22.78 -32.56
CA LYS A 762 9.38 21.83 -31.47
C LYS A 762 8.28 22.01 -30.43
N PRO A 763 7.94 20.95 -29.69
CA PRO A 763 6.88 21.08 -28.67
C PRO A 763 7.37 21.92 -27.50
N ARG A 764 6.62 22.99 -27.20
CA ARG A 764 7.00 23.88 -26.12
C ARG A 764 6.81 23.19 -24.77
N THR A 765 7.83 23.29 -23.91
CA THR A 765 7.82 22.67 -22.60
C THR A 765 7.86 23.74 -21.52
N GLY A 766 7.86 23.29 -20.27
CA GLY A 766 7.89 24.18 -19.11
C GLY A 766 7.84 23.42 -17.80
N SER A 767 8.87 23.57 -16.98
CA SER A 767 9.00 22.84 -15.72
C SER A 767 8.25 23.59 -14.62
N LEU A 768 7.44 22.85 -13.86
CA LEU A 768 6.59 23.48 -12.86
C LEU A 768 7.39 23.87 -11.62
N PHE A 769 6.83 24.82 -10.86
CA PHE A 769 7.52 25.45 -9.74
C PHE A 769 7.49 24.54 -8.50
N ARG A 770 8.18 24.99 -7.46
CA ARG A 770 8.19 24.26 -6.19
C ARG A 770 6.83 24.30 -5.52
N SER A 771 6.05 25.36 -5.75
CA SER A 771 4.72 25.48 -5.17
C SER A 771 3.68 24.61 -5.87
N MET A 772 4.04 23.95 -6.96
CA MET A 772 3.11 23.15 -7.73
C MET A 772 3.31 21.67 -7.48
N ASP A 773 2.30 20.89 -7.84
CA ASP A 773 2.33 19.44 -7.71
C ASP A 773 1.95 18.81 -9.05
N LEU A 774 2.36 17.56 -9.24
CA LEU A 774 2.18 16.90 -10.53
C LEU A 774 0.70 16.67 -10.85
N GLU A 775 -0.14 16.50 -9.82
CA GLU A 775 -1.56 16.26 -10.03
C GLU A 775 -2.44 17.47 -9.74
N THR A 776 -1.87 18.54 -9.16
CA THR A 776 -2.65 19.72 -8.81
C THR A 776 -2.54 20.84 -9.83
N VAL A 777 -1.49 20.83 -10.67
CA VAL A 777 -1.31 21.89 -11.66
C VAL A 777 -2.54 22.00 -12.55
N THR A 778 -2.92 23.23 -12.86
CA THR A 778 -4.05 23.51 -13.73
C THR A 778 -3.57 23.91 -15.11
N LEU A 779 -4.52 24.04 -16.04
CA LEU A 779 -4.20 24.58 -17.35
C LEU A 779 -3.73 26.02 -17.27
N GLU A 780 -4.22 26.77 -16.28
CA GLU A 780 -3.81 28.16 -16.11
C GLU A 780 -2.34 28.24 -15.69
N ASP A 781 -1.96 27.51 -14.63
CA ASP A 781 -0.57 27.45 -14.22
C ASP A 781 0.31 26.97 -15.37
N ALA A 782 -0.18 25.99 -16.13
CA ALA A 782 0.60 25.45 -17.24
C ALA A 782 0.83 26.50 -18.31
N LEU A 783 -0.22 27.23 -18.68
CA LEU A 783 -0.10 28.20 -19.76
C LEU A 783 0.88 29.32 -19.42
N LYS A 784 1.10 29.59 -18.14
CA LYS A 784 2.13 30.55 -17.74
C LYS A 784 3.52 29.96 -17.89
N LEU A 785 3.68 28.67 -17.56
CA LEU A 785 5.00 28.04 -17.67
C LEU A 785 5.45 27.91 -19.12
N LEU A 786 4.51 27.77 -20.05
CA LEU A 786 4.86 27.62 -21.46
C LEU A 786 5.47 28.89 -22.05
N SER A 787 5.18 30.06 -21.48
CA SER A 787 5.81 31.30 -21.88
C SER A 787 6.71 31.86 -20.78
N LEU A 788 7.27 30.98 -19.96
CA LEU A 788 8.08 31.42 -18.83
C LEU A 788 9.31 32.22 -19.22
N PRO A 789 10.08 31.86 -20.26
CA PRO A 789 11.15 32.76 -20.71
C PRO A 789 10.59 34.10 -21.15
N ARG A 790 10.45 35.03 -20.21
CA ARG A 790 9.84 36.33 -20.46
C ARG A 790 10.93 37.40 -20.53
N VAL A 791 11.02 38.07 -21.67
CA VAL A 791 11.99 39.14 -21.86
C VAL A 791 11.41 40.40 -21.23
N VAL A 792 11.86 40.72 -20.01
CA VAL A 792 11.37 41.90 -19.32
C VAL A 792 11.88 43.19 -19.94
N GLY A 793 12.76 43.10 -20.92
CA GLY A 793 13.31 44.25 -21.59
C GLY A 793 14.78 44.06 -21.87
N VAL A 794 15.32 44.92 -22.72
CA VAL A 794 16.74 44.93 -23.04
C VAL A 794 17.44 45.95 -22.16
N ASP A 795 18.60 45.57 -21.62
CA ASP A 795 19.38 46.47 -20.77
C ASP A 795 20.29 47.32 -21.64
N PRO A 796 20.19 48.65 -21.56
CA PRO A 796 20.99 49.51 -22.46
C PRO A 796 22.48 49.49 -22.18
N THR A 797 22.92 48.95 -21.05
CA THR A 797 24.34 48.99 -20.72
C THR A 797 25.13 47.99 -21.57
N THR A 798 24.62 46.75 -21.69
CA THR A 798 25.34 45.69 -22.37
C THR A 798 24.59 45.14 -23.58
N ASN A 799 23.45 45.75 -23.94
CA ASN A 799 22.66 45.36 -25.10
C ASN A 799 22.06 43.95 -24.95
N GLU A 800 22.39 43.27 -23.86
CA GLU A 800 21.90 41.92 -23.66
C GLU A 800 20.46 41.95 -23.15
N GLU A 801 19.78 40.82 -23.29
CA GLU A 801 18.40 40.68 -22.85
C GLU A 801 18.34 40.13 -21.44
N ILE A 802 17.36 40.59 -20.67
CA ILE A 802 17.13 40.13 -19.30
C ILE A 802 15.85 39.31 -19.31
N THR A 803 15.96 38.05 -18.90
CA THR A 803 14.83 37.13 -18.87
C THR A 803 14.75 36.45 -17.52
N ALA A 804 13.54 36.35 -16.98
CA ALA A 804 13.29 35.74 -15.69
C ALA A 804 12.63 34.38 -15.88
N GLN A 805 13.21 33.35 -15.26
CA GLN A 805 12.68 31.99 -15.33
C GLN A 805 12.75 31.38 -13.93
N ASN A 806 12.50 30.08 -13.84
CA ASN A 806 12.60 29.33 -12.59
C ASN A 806 13.34 28.03 -12.87
N GLY A 807 14.31 27.71 -12.01
CA GLY A 807 15.08 26.49 -12.16
C GLY A 807 15.07 25.62 -10.92
N ARG A 808 16.11 24.80 -10.78
CA ARG A 808 16.21 23.91 -9.62
C ARG A 808 16.19 24.69 -8.31
N TYR A 809 16.81 25.87 -8.29
CA TYR A 809 17.01 26.64 -7.07
C TYR A 809 16.10 27.86 -7.02
N GLY A 810 14.87 27.72 -7.50
CA GLY A 810 13.89 28.77 -7.41
C GLY A 810 13.94 29.74 -8.59
N PRO A 811 13.25 30.87 -8.45
CA PRO A 811 13.22 31.84 -9.54
C PRO A 811 14.55 32.59 -9.65
N TYR A 812 14.83 33.03 -10.88
CA TYR A 812 16.09 33.71 -11.17
C TYR A 812 15.97 34.39 -12.53
N LEU A 813 16.66 35.51 -12.68
CA LEU A 813 16.77 36.20 -13.95
C LEU A 813 18.23 36.21 -14.41
N LYS A 814 18.43 36.13 -15.72
CA LYS A 814 19.76 36.06 -16.30
C LYS A 814 20.00 37.28 -17.18
N ARG A 815 21.17 37.90 -17.03
CA ARG A 815 21.56 39.04 -17.85
C ARG A 815 22.59 38.58 -18.88
N GLY A 816 22.12 37.79 -19.83
CA GLY A 816 22.99 37.16 -20.81
C GLY A 816 23.63 35.91 -20.25
N THR A 817 24.77 36.08 -19.58
CA THR A 817 25.43 34.99 -18.88
C THR A 817 25.49 35.18 -17.38
N ASP A 818 25.30 36.40 -16.88
CA ASP A 818 25.22 36.65 -15.45
C ASP A 818 23.77 36.51 -14.99
N SER A 819 23.55 35.74 -13.94
CA SER A 819 22.21 35.45 -13.45
C SER A 819 22.17 35.60 -11.94
N ARG A 820 21.19 36.36 -11.45
CA ARG A 820 21.00 36.59 -10.02
C ARG A 820 19.71 35.93 -9.55
N SER A 821 19.68 35.60 -8.25
CA SER A 821 18.56 34.86 -7.68
C SER A 821 17.45 35.80 -7.24
N LEU A 822 16.23 35.28 -7.29
CA LEU A 822 15.03 36.00 -6.86
C LEU A 822 14.45 35.33 -5.61
N ALA A 823 13.46 36.00 -5.01
CA ALA A 823 12.89 35.56 -3.74
C ALA A 823 11.40 35.29 -3.82
N THR A 824 10.82 35.24 -5.02
CA THR A 824 9.38 35.01 -5.16
C THR A 824 9.10 34.46 -6.55
N GLU A 825 8.32 33.39 -6.63
CA GLU A 825 7.91 32.86 -7.93
C GLU A 825 7.01 33.85 -8.66
N ASP A 826 6.05 34.44 -7.95
CA ASP A 826 5.14 35.40 -8.55
C ASP A 826 5.82 36.71 -8.94
N GLN A 827 7.06 36.95 -8.48
CA GLN A 827 7.72 38.21 -8.81
C GLN A 827 8.39 38.18 -10.17
N ILE A 828 8.55 37.00 -10.80
CA ILE A 828 9.09 36.98 -12.15
C ILE A 828 8.07 37.49 -13.15
N PHE A 829 6.80 37.56 -12.77
CA PHE A 829 5.77 38.19 -13.59
C PHE A 829 5.46 39.62 -13.18
N THR A 830 5.78 39.99 -11.94
CA THR A 830 5.58 41.35 -11.46
C THR A 830 6.87 42.17 -11.45
N ILE A 831 7.97 41.60 -11.93
CA ILE A 831 9.25 42.32 -11.95
C ILE A 831 9.21 43.33 -13.10
N THR A 832 9.55 44.57 -12.79
CA THR A 832 9.64 45.61 -13.80
C THR A 832 11.09 45.71 -14.31
N LEU A 833 11.24 46.32 -15.49
CA LEU A 833 12.57 46.50 -16.04
C LEU A 833 13.42 47.38 -15.13
N ASP A 834 12.81 48.35 -14.46
CA ASP A 834 13.56 49.21 -13.55
C ASP A 834 14.10 48.42 -12.36
N GLU A 835 13.26 47.56 -11.77
CA GLU A 835 13.69 46.79 -10.60
C GLU A 835 14.78 45.78 -10.96
N ALA A 836 14.79 45.30 -12.21
CA ALA A 836 15.80 44.33 -12.61
C ALA A 836 17.17 44.97 -12.80
N LEU A 837 17.21 46.24 -13.18
CA LEU A 837 18.48 46.92 -13.38
C LEU A 837 19.10 47.40 -12.07
N LYS A 838 18.30 47.59 -11.02
CA LYS A 838 18.83 48.08 -9.76
C LYS A 838 19.71 47.05 -9.07
N ILE A 839 19.43 45.76 -9.29
CA ILE A 839 20.23 44.71 -8.66
C ILE A 839 21.34 44.19 -9.59
N TYR A 840 21.18 44.36 -10.90
CA TYR A 840 22.16 43.89 -11.87
C TYR A 840 23.37 44.79 -11.99
N ALA A 841 23.51 45.79 -11.12
CA ALA A 841 24.66 46.68 -11.15
C ALA A 841 25.07 47.10 -9.75
N ASN B 16 47.74 50.63 -15.83
CA ASN B 16 46.69 50.30 -16.78
C ASN B 16 46.79 48.83 -17.21
N VAL B 17 47.14 47.97 -16.26
CA VAL B 17 47.27 46.54 -16.49
C VAL B 17 46.23 45.84 -15.64
N ARG B 18 45.22 45.25 -16.29
CA ARG B 18 44.10 44.67 -15.57
C ARG B 18 44.54 43.50 -14.71
N ARG B 19 44.01 43.44 -13.48
CA ARG B 19 44.30 42.38 -12.54
C ARG B 19 43.01 41.66 -12.18
N LEU B 20 43.13 40.36 -11.89
CA LEU B 20 41.98 39.52 -11.58
C LEU B 20 41.90 39.25 -10.09
N VAL B 21 40.68 39.31 -9.56
CA VAL B 21 40.42 39.09 -8.14
C VAL B 21 39.40 37.98 -8.00
N ILE B 22 39.71 36.99 -7.16
CA ILE B 22 38.84 35.84 -6.94
C ILE B 22 38.47 35.83 -5.46
N VAL B 23 37.16 35.84 -5.18
CA VAL B 23 36.66 35.79 -3.81
C VAL B 23 35.78 34.57 -3.63
N GLU B 24 35.20 34.42 -2.44
CA GLU B 24 34.32 33.28 -2.16
C GLU B 24 32.86 33.62 -2.41
N SER B 25 32.35 34.68 -1.76
CA SER B 25 30.94 35.03 -1.84
C SER B 25 30.68 35.93 -3.04
N PRO B 26 29.73 35.58 -3.90
CA PRO B 26 29.41 36.45 -5.04
C PRO B 26 28.88 37.81 -4.63
N THR B 27 28.25 37.91 -3.46
CA THR B 27 27.82 39.21 -2.97
C THR B 27 29.02 40.11 -2.66
N LYS B 28 30.08 39.53 -2.12
CA LYS B 28 31.32 40.28 -1.93
C LYS B 28 31.96 40.63 -3.26
N ALA B 29 31.80 39.77 -4.28
CA ALA B 29 32.36 40.05 -5.59
C ALA B 29 31.73 41.30 -6.20
N ARG B 30 30.39 41.38 -6.16
CA ARG B 30 29.70 42.54 -6.72
C ARG B 30 29.99 43.80 -5.92
N LYS B 31 30.23 43.68 -4.61
CA LYS B 31 30.50 44.86 -3.79
C LYS B 31 31.95 45.32 -3.91
N ILE B 32 32.89 44.37 -3.93
CA ILE B 32 34.30 44.75 -4.07
C ILE B 32 34.58 45.28 -5.48
N ALA B 33 33.91 44.72 -6.49
CA ALA B 33 34.11 45.19 -7.86
C ALA B 33 33.66 46.64 -8.06
N GLY B 34 32.79 47.15 -7.18
CA GLY B 34 32.35 48.53 -7.30
C GLY B 34 33.30 49.54 -6.70
N TYR B 35 34.12 49.13 -5.74
CA TYR B 35 35.06 50.05 -5.10
C TYR B 35 36.18 50.42 -6.06
N LEU B 36 37.07 49.48 -6.32
CA LEU B 36 38.10 49.62 -7.34
C LEU B 36 37.58 48.89 -8.58
N GLY B 37 36.95 49.63 -9.49
CA GLY B 37 36.20 49.01 -10.57
C GLY B 37 36.73 49.18 -11.97
N SER B 38 37.45 50.27 -12.23
CA SER B 38 37.88 50.57 -13.60
C SER B 38 38.82 49.50 -14.13
N ASN B 39 39.94 49.27 -13.44
CA ASN B 39 40.99 48.39 -13.92
C ASN B 39 40.93 47.00 -13.32
N TYR B 40 39.86 46.66 -12.60
CA TYR B 40 39.75 45.38 -11.91
C TYR B 40 38.51 44.63 -12.39
N VAL B 41 38.60 43.30 -12.30
CA VAL B 41 37.48 42.39 -12.55
C VAL B 41 37.46 41.37 -11.44
N VAL B 42 36.33 41.27 -10.74
CA VAL B 42 36.21 40.42 -9.57
C VAL B 42 35.20 39.31 -9.86
N GLU B 43 35.56 38.07 -9.51
CA GLU B 43 34.70 36.92 -9.64
C GLU B 43 34.75 36.10 -8.35
N SER B 44 33.81 35.17 -8.21
CA SER B 44 33.67 34.36 -7.02
C SER B 44 33.85 32.89 -7.33
N SER B 45 34.34 32.14 -6.36
CA SER B 45 34.54 30.70 -6.49
C SER B 45 33.43 29.89 -5.85
N ARG B 46 32.45 30.54 -5.22
CA ARG B 46 31.32 29.87 -4.57
C ARG B 46 31.81 28.85 -3.53
N GLY B 47 32.85 29.23 -2.78
CA GLY B 47 33.37 28.37 -1.74
C GLY B 47 34.57 27.55 -2.17
N HIS B 48 34.68 26.32 -1.66
CA HIS B 48 35.76 25.43 -2.06
C HIS B 48 35.61 25.02 -3.52
N ILE B 49 36.75 24.69 -4.14
CA ILE B 49 36.76 24.21 -5.51
C ILE B 49 37.01 22.72 -5.61
N ARG B 50 37.82 22.15 -4.71
CA ARG B 50 38.12 20.73 -4.73
C ARG B 50 37.91 20.14 -3.34
N ASP B 51 37.84 18.82 -3.28
CA ASP B 51 37.64 18.10 -2.04
C ASP B 51 37.98 16.64 -2.26
N LEU B 52 38.07 15.89 -1.17
CA LEU B 52 38.25 14.45 -1.27
C LEU B 52 37.00 13.81 -1.88
N PRO B 53 37.17 12.72 -2.62
CA PRO B 53 35.99 12.04 -3.21
C PRO B 53 35.08 11.49 -2.12
N ARG B 54 33.80 11.85 -2.19
CA ARG B 54 32.86 11.43 -1.16
C ARG B 54 32.61 9.92 -1.22
N ASN B 55 32.31 9.40 -2.41
CA ASN B 55 31.97 8.00 -2.59
C ASN B 55 32.95 7.36 -3.56
N ALA B 56 32.67 6.10 -3.91
CA ALA B 56 33.49 5.41 -4.90
C ALA B 56 33.25 5.92 -6.32
N ALA B 57 32.11 6.58 -6.55
CA ALA B 57 31.83 7.11 -7.88
C ALA B 57 32.68 8.33 -8.19
N ASP B 58 32.94 9.17 -7.18
CA ASP B 58 33.79 10.33 -7.38
C ASP B 58 35.26 9.94 -7.53
N VAL B 59 35.63 8.73 -7.11
CA VAL B 59 37.01 8.27 -7.28
C VAL B 59 37.35 8.25 -8.77
N PRO B 60 38.49 8.80 -9.18
CA PRO B 60 38.84 8.78 -10.61
C PRO B 60 38.91 7.36 -11.15
N ALA B 61 38.60 7.22 -12.44
CA ALA B 61 38.52 5.89 -13.05
C ALA B 61 39.88 5.20 -13.09
N LYS B 62 40.96 5.97 -13.25
CA LYS B 62 42.29 5.38 -13.38
C LYS B 62 42.92 5.01 -12.04
N PHE B 63 42.35 5.46 -10.93
CA PHE B 63 42.92 5.22 -9.61
C PHE B 63 42.05 4.33 -8.73
N LYS B 64 41.02 3.70 -9.30
CA LYS B 64 40.08 2.91 -8.51
C LYS B 64 40.62 1.54 -8.11
N SER B 65 41.89 1.24 -8.41
CA SER B 65 42.47 -0.06 -8.07
C SER B 65 43.28 -0.04 -6.78
N GLU B 66 43.70 1.13 -6.31
CA GLU B 66 44.47 1.20 -5.08
C GLU B 66 43.58 0.92 -3.88
N PRO B 67 44.13 0.31 -2.82
CA PRO B 67 43.31 -0.02 -1.66
C PRO B 67 42.83 1.19 -0.88
N TRP B 68 43.59 2.29 -0.88
CA TRP B 68 43.20 3.48 -0.15
C TRP B 68 42.26 4.39 -0.94
N ALA B 69 41.64 3.87 -2.01
CA ALA B 69 40.73 4.69 -2.80
C ALA B 69 39.52 5.15 -1.98
N ARG B 70 39.10 4.34 -1.01
CA ARG B 70 37.99 4.74 -0.16
C ARG B 70 38.39 5.85 0.80
N LEU B 71 39.66 5.87 1.23
CA LEU B 71 40.12 6.94 2.10
C LEU B 71 40.42 8.23 1.34
N GLY B 72 40.90 8.13 0.11
CA GLY B 72 41.31 9.30 -0.62
C GLY B 72 42.58 9.94 -0.13
N VAL B 73 43.29 9.29 0.80
CA VAL B 73 44.57 9.76 1.31
C VAL B 73 45.55 8.59 1.28
N ASN B 74 46.64 8.74 0.54
CA ASN B 74 47.65 7.68 0.43
C ASN B 74 48.41 7.61 1.76
N VAL B 75 47.83 6.88 2.71
CA VAL B 75 48.34 6.87 4.07
C VAL B 75 49.67 6.13 4.17
N ASP B 76 49.86 5.08 3.36
CA ASP B 76 51.11 4.31 3.46
C ASP B 76 52.28 5.06 2.84
N GLN B 77 52.05 5.83 1.79
CA GLN B 77 53.12 6.58 1.14
C GLN B 77 53.56 7.76 1.99
N ASN B 78 52.78 8.84 1.98
CA ASN B 78 53.15 10.04 2.72
C ASN B 78 51.92 10.90 3.03
N PHE B 79 50.79 10.25 3.30
CA PHE B 79 49.53 10.95 3.54
C PHE B 79 49.18 11.89 2.40
N GLU B 80 49.48 11.46 1.18
CA GLU B 80 49.22 12.26 0.00
C GLU B 80 47.72 12.33 -0.27
N PRO B 81 47.11 13.51 -0.26
CA PRO B 81 45.67 13.61 -0.50
C PRO B 81 45.34 13.48 -1.98
N LEU B 82 44.12 13.04 -2.24
CA LEU B 82 43.60 12.88 -3.60
C LEU B 82 42.48 13.89 -3.79
N TYR B 83 42.82 15.07 -4.30
CA TYR B 83 41.86 16.14 -4.51
C TYR B 83 41.28 16.03 -5.92
N ILE B 84 39.96 16.14 -6.02
CA ILE B 84 39.25 16.15 -7.29
C ILE B 84 38.24 17.29 -7.25
N VAL B 85 38.05 17.94 -8.41
CA VAL B 85 37.11 19.05 -8.48
C VAL B 85 35.69 18.54 -8.28
N SER B 86 34.86 19.35 -7.62
CA SER B 86 33.46 19.00 -7.48
C SER B 86 32.72 19.29 -8.77
N PRO B 87 31.83 18.39 -9.21
CA PRO B 87 31.14 18.59 -10.50
C PRO B 87 30.25 19.82 -10.52
N GLU B 88 29.79 20.30 -9.36
CA GLU B 88 29.00 21.52 -9.35
C GLU B 88 29.86 22.74 -9.67
N LYS B 89 31.07 22.78 -9.13
CA LYS B 89 32.00 23.88 -9.40
C LYS B 89 32.83 23.66 -10.66
N LYS B 90 32.44 22.70 -11.50
CA LYS B 90 33.17 22.46 -12.74
C LYS B 90 32.98 23.60 -13.73
N SER B 91 31.78 24.17 -13.77
CA SER B 91 31.54 25.31 -14.66
C SER B 91 32.24 26.56 -14.16
N THR B 92 32.49 26.65 -12.85
CA THR B 92 33.18 27.82 -12.30
C THR B 92 34.64 27.86 -12.74
N VAL B 93 35.31 26.71 -12.73
CA VAL B 93 36.71 26.65 -13.15
C VAL B 93 36.84 26.99 -14.63
N THR B 94 35.93 26.46 -15.46
CA THR B 94 35.97 26.77 -16.87
C THR B 94 35.68 28.24 -17.14
N GLU B 95 34.83 28.86 -16.32
CA GLU B 95 34.56 30.28 -16.46
C GLU B 95 35.76 31.12 -16.03
N LEU B 96 36.51 30.66 -15.02
CA LEU B 96 37.69 31.41 -14.57
C LEU B 96 38.89 31.13 -15.45
N LYS B 97 38.97 29.95 -16.05
CA LYS B 97 40.11 29.62 -16.91
C LYS B 97 40.10 30.45 -18.18
N GLY B 98 38.92 30.69 -18.75
CA GLY B 98 38.84 31.54 -19.93
C GLY B 98 38.96 33.01 -19.61
N LEU B 99 38.53 33.43 -18.41
CA LEU B 99 38.67 34.82 -18.01
C LEU B 99 40.10 35.18 -17.65
N LEU B 100 40.95 34.18 -17.36
CA LEU B 100 42.32 34.43 -16.97
C LEU B 100 43.21 34.76 -18.17
N LYS B 101 42.83 34.32 -19.37
CA LYS B 101 43.64 34.57 -20.56
C LYS B 101 43.60 36.03 -21.01
N ASP B 102 42.66 36.82 -20.50
CA ASP B 102 42.52 38.22 -20.90
C ASP B 102 43.01 39.18 -19.82
N VAL B 103 43.50 38.69 -18.69
CA VAL B 103 43.99 39.57 -17.63
C VAL B 103 45.50 39.37 -17.48
N ASP B 104 46.08 40.02 -16.48
CA ASP B 104 47.51 39.96 -16.26
C ASP B 104 47.75 39.35 -14.90
N GLU B 105 47.94 40.16 -13.84
CA GLU B 105 48.22 39.60 -12.52
C GLU B 105 46.98 38.92 -11.95
N LEU B 106 47.17 38.32 -10.78
CA LEU B 106 46.09 37.61 -10.09
C LEU B 106 46.26 37.79 -8.59
N TYR B 107 45.23 38.32 -7.93
CA TYR B 107 45.20 38.51 -6.49
C TYR B 107 44.15 37.61 -5.88
N LEU B 108 44.55 36.77 -4.93
CA LEU B 108 43.66 35.81 -4.31
C LEU B 108 43.04 36.47 -3.08
N ALA B 109 41.76 36.83 -3.19
CA ALA B 109 41.05 37.51 -2.10
C ALA B 109 40.09 36.53 -1.43
N THR B 110 40.66 35.59 -0.69
CA THR B 110 39.88 34.64 0.07
C THR B 110 39.60 35.21 1.46
N ASP B 111 39.26 34.36 2.42
CA ASP B 111 39.01 34.81 3.78
C ASP B 111 40.28 34.68 4.63
N GLY B 112 40.21 35.22 5.84
CA GLY B 112 41.35 35.23 6.74
C GLY B 112 41.38 34.05 7.69
N ASP B 113 40.83 32.93 7.26
CA ASP B 113 40.84 31.69 8.03
C ASP B 113 41.68 30.64 7.32
N ARG B 114 41.87 29.50 7.99
CA ARG B 114 42.70 28.45 7.41
C ARG B 114 42.02 27.79 6.22
N GLU B 115 40.69 27.81 6.17
CA GLU B 115 40.00 27.26 5.00
C GLU B 115 40.16 28.17 3.79
N GLY B 116 40.19 29.49 4.02
CA GLY B 116 40.46 30.41 2.92
C GLY B 116 41.86 30.26 2.37
N GLU B 117 42.82 29.90 3.23
CA GLU B 117 44.16 29.60 2.75
C GLU B 117 44.16 28.43 1.78
N ALA B 118 43.41 27.37 2.11
CA ALA B 118 43.34 26.21 1.24
C ALA B 118 42.62 26.53 -0.06
N ILE B 119 41.52 27.29 0.00
CA ILE B 119 40.81 27.67 -1.22
C ILE B 119 41.73 28.45 -2.14
N ALA B 120 42.61 29.29 -1.58
CA ALA B 120 43.61 29.96 -2.39
C ALA B 120 44.59 28.96 -2.98
N TRP B 121 45.06 28.00 -2.19
CA TRP B 121 46.02 27.01 -2.68
C TRP B 121 45.39 26.10 -3.72
N HIS B 122 44.11 25.75 -3.53
CA HIS B 122 43.44 24.89 -4.50
C HIS B 122 43.28 25.59 -5.84
N LEU B 123 43.00 26.88 -5.83
CA LEU B 123 42.93 27.64 -7.07
C LEU B 123 44.29 27.75 -7.76
N LEU B 124 45.38 27.61 -7.01
CA LEU B 124 46.71 27.66 -7.62
C LEU B 124 47.03 26.37 -8.36
N GLU B 125 46.69 25.22 -7.76
CA GLU B 125 47.00 23.94 -8.38
C GLU B 125 46.03 23.56 -9.49
N THR B 126 44.86 24.19 -9.54
CA THR B 126 43.86 23.85 -10.55
C THR B 126 43.94 24.77 -11.77
N LEU B 127 44.15 26.06 -11.57
CA LEU B 127 44.27 27.00 -12.67
C LEU B 127 45.71 27.06 -13.16
N LYS B 128 45.94 27.86 -14.22
CA LYS B 128 47.26 27.99 -14.81
C LYS B 128 47.88 29.32 -14.38
N PRO B 129 48.82 29.33 -13.44
CA PRO B 129 49.40 30.60 -12.98
C PRO B 129 50.24 31.27 -14.05
N ARG B 130 49.78 32.41 -14.57
CA ARG B 130 50.51 33.15 -15.58
C ARG B 130 51.43 34.18 -14.93
N VAL B 131 50.88 35.34 -14.58
CA VAL B 131 51.62 36.40 -13.92
C VAL B 131 51.81 36.02 -12.46
N PRO B 132 52.70 36.68 -11.70
CA PRO B 132 52.85 36.35 -10.28
C PRO B 132 51.54 36.50 -9.51
N VAL B 133 51.46 35.78 -8.39
CA VAL B 133 50.25 35.68 -7.59
C VAL B 133 50.49 36.33 -6.24
N LYS B 134 49.52 37.11 -5.79
CA LYS B 134 49.52 37.69 -4.45
C LYS B 134 48.19 37.38 -3.78
N ARG B 135 48.12 37.63 -2.48
CA ARG B 135 46.92 37.37 -1.70
C ARG B 135 46.59 38.60 -0.86
N MET B 136 45.35 39.06 -0.95
CA MET B 136 44.87 40.21 -0.19
C MET B 136 43.86 39.73 0.85
N VAL B 137 44.18 39.92 2.12
CA VAL B 137 43.34 39.49 3.23
C VAL B 137 42.80 40.73 3.94
N PHE B 138 41.52 40.69 4.32
CA PHE B 138 40.88 41.82 4.97
C PHE B 138 39.79 41.32 5.91
N HIS B 139 39.49 42.11 6.93
CA HIS B 139 38.52 41.74 7.96
C HIS B 139 37.22 42.52 7.89
N GLU B 140 37.15 43.59 7.09
CA GLU B 140 35.94 44.39 6.97
C GLU B 140 35.44 44.38 5.52
N ILE B 141 34.58 45.34 5.17
CA ILE B 141 33.95 45.32 3.85
C ILE B 141 33.91 46.73 3.27
N THR B 142 34.22 47.74 4.08
CA THR B 142 34.11 49.11 3.63
C THR B 142 35.24 49.45 2.66
N GLU B 143 35.18 50.66 2.12
CA GLU B 143 36.21 51.10 1.16
C GLU B 143 37.61 51.16 1.74
N PRO B 144 37.84 51.68 2.96
CA PRO B 144 39.22 51.66 3.49
C PRO B 144 39.78 50.27 3.67
N ALA B 145 38.93 49.28 3.96
CA ALA B 145 39.42 47.92 4.13
C ALA B 145 39.78 47.28 2.80
N ILE B 146 39.10 47.66 1.71
CA ILE B 146 39.40 47.08 0.41
C ILE B 146 40.55 47.81 -0.27
N ARG B 147 40.67 49.13 -0.06
CA ARG B 147 41.72 49.89 -0.73
C ARG B 147 43.08 49.60 -0.11
N ASN B 148 43.14 49.47 1.21
CA ASN B 148 44.40 49.18 1.89
C ASN B 148 44.85 47.73 1.70
N ALA B 149 43.91 46.82 1.43
CA ALA B 149 44.28 45.42 1.24
C ALA B 149 44.95 45.19 -0.10
N ALA B 150 44.51 45.90 -1.14
CA ALA B 150 45.13 45.78 -2.46
C ALA B 150 46.46 46.51 -2.55
N GLU B 151 46.73 47.45 -1.65
CA GLU B 151 47.99 48.19 -1.68
C GLU B 151 49.11 47.48 -0.95
N ASN B 152 48.79 46.60 0.00
CA ASN B 152 49.78 45.84 0.75
C ASN B 152 49.31 44.40 0.90
N PRO B 153 49.47 43.60 -0.14
CA PRO B 153 49.08 42.19 -0.06
C PRO B 153 50.19 41.34 0.54
N ARG B 154 49.87 40.06 0.76
CA ARG B 154 50.79 39.10 1.31
C ARG B 154 50.80 37.85 0.44
N ASP B 155 51.75 36.95 0.71
CA ASP B 155 51.85 35.71 -0.04
C ASP B 155 51.10 34.60 0.68
N LEU B 156 50.79 33.55 -0.08
CA LEU B 156 50.04 32.42 0.48
C LEU B 156 50.88 31.67 1.49
N ASP B 157 50.28 31.35 2.64
CA ASP B 157 50.96 30.67 3.73
C ASP B 157 50.84 29.17 3.50
N ILE B 158 51.94 28.55 3.01
CA ILE B 158 51.95 27.11 2.82
C ILE B 158 51.88 26.36 4.14
N ALA B 159 52.31 26.99 5.24
CA ALA B 159 52.21 26.35 6.54
C ALA B 159 50.77 26.29 7.03
N LEU B 160 49.95 27.28 6.68
CA LEU B 160 48.54 27.26 7.04
C LEU B 160 47.76 26.29 6.17
N VAL B 161 48.10 26.21 4.88
CA VAL B 161 47.43 25.26 3.99
C VAL B 161 47.72 23.83 4.42
N ASP B 162 48.97 23.56 4.81
CA ASP B 162 49.31 22.23 5.31
C ASP B 162 48.61 21.94 6.64
N ALA B 163 48.36 22.98 7.44
CA ALA B 163 47.57 22.80 8.65
C ALA B 163 46.11 22.57 8.34
N GLN B 164 45.64 23.02 7.18
CA GLN B 164 44.28 22.72 6.75
C GLN B 164 44.17 21.29 6.23
N GLU B 165 45.20 20.84 5.48
CA GLU B 165 45.20 19.48 4.99
C GLU B 165 45.20 18.47 6.13
N THR B 166 45.99 18.73 7.17
CA THR B 166 46.00 17.85 8.34
C THR B 166 44.63 17.82 9.01
N ARG B 167 43.95 18.97 9.03
CA ARG B 167 42.59 19.02 9.57
C ARG B 167 41.62 18.27 8.68
N ARG B 168 41.72 18.43 7.36
CA ARG B 168 40.82 17.75 6.45
C ARG B 168 41.05 16.25 6.44
N ILE B 169 42.32 15.84 6.49
CA ILE B 169 42.64 14.42 6.45
C ILE B 169 42.24 13.74 7.75
N LEU B 170 42.45 14.41 8.89
CA LEU B 170 42.10 13.80 10.17
C LEU B 170 40.60 13.56 10.29
N ASP B 171 39.78 14.45 9.73
CA ASP B 171 38.34 14.19 9.71
C ASP B 171 38.01 13.05 8.75
N ARG B 172 38.81 12.89 7.70
CA ARG B 172 38.62 11.75 6.79
C ARG B 172 39.14 10.45 7.38
N LEU B 173 40.21 10.52 8.19
CA LEU B 173 40.68 9.33 8.88
C LEU B 173 39.78 8.97 10.05
N TYR B 174 39.21 9.98 10.71
CA TYR B 174 38.22 9.73 11.76
C TYR B 174 36.96 9.11 11.17
N GLY B 175 36.38 9.75 10.17
CA GLY B 175 35.11 9.32 9.60
C GLY B 175 35.15 8.02 8.84
N TYR B 176 35.92 7.97 7.75
CA TYR B 176 35.89 6.84 6.84
C TYR B 176 36.67 5.62 7.37
N GLU B 177 37.11 5.64 8.62
CA GLU B 177 37.79 4.50 9.22
C GLU B 177 37.13 3.99 10.49
N VAL B 178 36.46 4.85 11.25
CA VAL B 178 35.77 4.42 12.46
C VAL B 178 34.35 3.96 12.16
N SER B 179 33.65 4.66 11.27
CA SER B 179 32.29 4.25 10.94
C SER B 179 32.19 2.84 10.34
N PRO B 180 33.17 2.33 9.58
CA PRO B 180 33.13 0.90 9.23
C PRO B 180 33.09 -0.02 10.44
N VAL B 181 33.70 0.38 11.56
CA VAL B 181 33.59 -0.42 12.78
C VAL B 181 32.14 -0.49 13.23
N LEU B 182 31.41 0.63 13.14
CA LEU B 182 30.00 0.63 13.49
C LEU B 182 29.19 -0.25 12.56
N TRP B 183 29.61 -0.37 11.30
CA TRP B 183 28.93 -1.26 10.36
C TRP B 183 29.09 -2.71 10.78
N LYS B 184 30.27 -3.09 11.25
CA LYS B 184 30.58 -4.48 11.56
C LYS B 184 30.23 -4.87 12.99
N LYS B 185 29.95 -3.90 13.87
CA LYS B 185 29.68 -4.21 15.27
C LYS B 185 28.38 -3.62 15.80
N VAL B 186 27.71 -2.74 15.07
CA VAL B 186 26.47 -2.15 15.54
C VAL B 186 25.37 -2.35 14.50
N ALA B 187 25.45 -1.60 13.40
CA ALA B 187 24.43 -1.65 12.36
C ALA B 187 25.02 -1.03 11.09
N PRO B 188 24.54 -1.44 9.91
CA PRO B 188 25.10 -0.89 8.67
C PRO B 188 24.68 0.56 8.45
N LYS B 189 25.42 1.22 7.56
CA LYS B 189 25.19 2.59 7.10
C LYS B 189 25.28 3.62 8.22
N LEU B 190 25.82 3.26 9.38
CA LEU B 190 25.99 4.22 10.47
C LEU B 190 27.20 5.11 10.21
N SER B 191 27.42 6.07 11.09
CA SER B 191 28.41 7.12 10.87
C SER B 191 29.09 7.49 12.17
N ALA B 192 30.28 8.10 12.04
CA ALA B 192 31.05 8.60 13.17
C ALA B 192 31.96 9.70 12.68
N GLY B 193 32.27 10.66 13.55
CA GLY B 193 33.08 11.78 13.16
C GLY B 193 33.54 12.58 14.35
N ARG B 194 34.47 13.51 14.08
CA ARG B 194 35.02 14.34 15.14
C ARG B 194 33.98 15.25 15.76
N VAL B 195 32.97 15.65 14.99
CA VAL B 195 32.01 16.66 15.45
C VAL B 195 30.70 16.01 15.85
N GLN B 196 30.11 15.23 14.94
CA GLN B 196 28.78 14.69 15.18
C GLN B 196 28.77 13.70 16.33
N SER B 197 29.86 12.94 16.53
CA SER B 197 29.90 11.96 17.61
C SER B 197 29.88 12.64 18.97
N VAL B 198 30.60 13.75 19.12
CA VAL B 198 30.61 14.45 20.41
C VAL B 198 29.26 15.09 20.68
N ALA B 199 28.66 15.70 19.65
CA ALA B 199 27.31 16.25 19.81
C ALA B 199 26.31 15.17 20.17
N THR B 200 26.49 13.96 19.62
CA THR B 200 25.64 12.84 20.02
C THR B 200 25.93 12.40 21.44
N ARG B 201 27.21 12.34 21.82
CA ARG B 201 27.58 11.91 23.16
C ARG B 201 27.00 12.82 24.23
N ILE B 202 27.02 14.13 23.97
CA ILE B 202 26.45 15.09 24.92
C ILE B 202 24.97 14.83 25.13
N ILE B 203 24.24 14.57 24.06
CA ILE B 203 22.81 14.30 24.17
C ILE B 203 22.55 12.98 24.90
N VAL B 204 23.45 12.01 24.72
CA VAL B 204 23.24 10.69 25.32
C VAL B 204 23.44 10.76 26.83
N GLN B 205 24.52 11.40 27.28
CA GLN B 205 24.78 11.45 28.72
C GLN B 205 23.76 12.31 29.44
N ARG B 206 23.29 13.39 28.79
CA ARG B 206 22.18 14.14 29.36
C ARG B 206 20.95 13.26 29.53
N GLU B 207 20.69 12.38 28.55
CA GLU B 207 19.59 11.43 28.69
C GLU B 207 19.89 10.41 29.79
N ARG B 208 21.17 10.06 29.97
CA ARG B 208 21.54 9.19 31.09
C ARG B 208 21.28 9.87 32.42
N GLU B 209 21.51 11.18 32.50
CA GLU B 209 21.25 11.92 33.73
C GLU B 209 19.76 11.97 34.02
N ARG B 210 18.93 12.12 32.99
CA ARG B 210 17.48 12.10 33.19
C ARG B 210 17.00 10.73 33.65
N MET B 211 17.60 9.66 33.11
CA MET B 211 17.20 8.32 33.51
C MET B 211 17.63 8.00 34.94
N ALA B 212 18.70 8.63 35.41
CA ALA B 212 19.21 8.40 36.76
C ALA B 212 18.64 9.36 37.79
N PHE B 213 17.74 10.25 37.39
CA PHE B 213 17.16 11.23 38.29
C PHE B 213 15.86 10.69 38.89
N HIS B 214 15.70 10.88 40.20
CA HIS B 214 14.50 10.46 40.92
C HIS B 214 13.87 11.68 41.57
N SER B 215 12.61 11.94 41.25
CA SER B 215 11.94 13.14 41.73
C SER B 215 11.56 13.01 43.20
N ALA B 216 11.34 14.16 43.82
CA ALA B 216 10.92 14.24 45.22
C ALA B 216 9.89 15.34 45.37
N SER B 217 8.79 15.05 46.05
CA SER B 217 7.69 15.99 46.20
C SER B 217 7.94 16.92 47.39
N TYR B 218 7.59 18.19 47.20
CA TYR B 218 7.67 19.19 48.26
C TYR B 218 6.50 20.15 48.13
N TRP B 219 6.26 20.91 49.19
CA TRP B 219 5.13 21.83 49.25
C TRP B 219 5.62 23.23 49.64
N ASP B 220 5.13 24.24 48.92
CA ASP B 220 5.44 25.63 49.19
C ASP B 220 4.17 26.38 49.56
N VAL B 221 4.31 27.38 50.41
CA VAL B 221 3.18 28.16 50.91
C VAL B 221 3.31 29.57 50.36
N THR B 222 2.49 29.89 49.36
CA THR B 222 2.44 31.23 48.79
C THR B 222 1.39 32.06 49.52
N ALA B 223 1.67 33.36 49.68
CA ALA B 223 0.76 34.24 50.38
C ALA B 223 0.83 35.64 49.79
N GLU B 224 -0.33 36.22 49.51
CA GLU B 224 -0.43 37.59 49.03
C GLU B 224 -0.48 38.52 50.25
N LEU B 225 0.59 39.28 50.46
CA LEU B 225 0.70 40.13 51.63
C LEU B 225 0.21 41.55 51.31
N ASP B 226 -0.70 42.04 52.13
CA ASP B 226 -1.24 43.39 52.00
C ASP B 226 -0.55 44.31 53.01
N ALA B 227 0.03 45.39 52.51
CA ALA B 227 0.72 46.37 53.35
C ALA B 227 0.04 47.73 53.35
N SER B 228 -1.13 47.85 52.70
CA SER B 228 -1.83 49.12 52.64
C SER B 228 -2.34 49.57 54.00
N VAL B 229 -2.52 48.65 54.95
CA VAL B 229 -3.00 49.01 56.27
C VAL B 229 -2.04 49.98 56.94
N SER B 230 -0.74 49.73 56.84
CA SER B 230 0.27 50.61 57.42
C SER B 230 0.36 51.90 56.62
N ASP B 231 0.87 51.83 55.40
CA ASP B 231 1.03 53.02 54.56
C ASP B 231 0.11 52.92 53.36
N PRO B 232 -0.99 53.68 53.32
CA PRO B 232 -1.86 53.66 52.13
C PRO B 232 -1.26 54.33 50.91
N SER B 233 -0.15 55.08 51.07
CA SER B 233 0.48 55.75 49.95
C SER B 233 1.44 54.81 49.23
N ALA B 234 0.96 53.62 48.87
CA ALA B 234 1.76 52.62 48.17
C ALA B 234 1.08 52.30 46.85
N SER B 235 1.79 52.55 45.74
CA SER B 235 1.21 52.31 44.43
C SER B 235 0.83 50.85 44.21
N PRO B 236 1.66 49.86 44.54
CA PRO B 236 1.19 48.48 44.58
C PRO B 236 0.59 48.17 45.94
N PRO B 237 -0.73 48.03 46.05
CA PRO B 237 -1.34 47.84 47.37
C PRO B 237 -0.93 46.53 48.03
N LYS B 238 -0.82 45.45 47.27
CA LYS B 238 -0.48 44.15 47.81
C LYS B 238 0.65 43.54 47.02
N PHE B 239 1.29 42.53 47.61
CA PHE B 239 2.39 41.82 46.96
C PHE B 239 2.44 40.40 47.48
N THR B 240 2.66 39.46 46.58
CA THR B 240 2.74 38.05 46.95
C THR B 240 4.13 37.72 47.47
N ALA B 241 4.16 36.80 48.43
CA ALA B 241 5.40 36.35 49.05
C ALA B 241 5.35 34.84 49.24
N LYS B 242 6.45 34.28 49.72
CA LYS B 242 6.56 32.85 49.96
C LYS B 242 7.10 32.61 51.36
N LEU B 243 6.61 31.53 51.99
CA LEU B 243 7.08 31.16 53.31
C LEU B 243 8.53 30.68 53.22
N ASN B 244 9.37 31.19 54.11
CA ASN B 244 10.79 30.88 54.08
C ASN B 244 11.18 29.88 55.15
N THR B 245 11.18 30.30 56.42
CA THR B 245 11.62 29.46 57.52
C THR B 245 10.49 29.27 58.53
N VAL B 246 10.53 28.14 59.24
CA VAL B 246 9.58 27.83 60.29
C VAL B 246 10.37 27.28 61.47
N ASP B 247 10.51 28.11 62.51
CA ASP B 247 11.19 27.72 63.76
C ASP B 247 12.62 27.26 63.48
N GLY B 248 13.41 28.17 62.91
CA GLY B 248 14.81 27.89 62.65
C GLY B 248 15.09 26.89 61.56
N ARG B 249 14.06 26.41 60.86
CA ARG B 249 14.22 25.46 59.77
C ARG B 249 13.50 26.00 58.54
N ARG B 250 14.25 26.23 57.48
CA ARG B 250 13.68 26.83 56.28
C ARG B 250 12.91 25.80 55.47
N VAL B 251 11.89 26.28 54.77
CA VAL B 251 11.09 25.42 53.90
C VAL B 251 11.95 24.94 52.74
N ALA B 252 12.04 23.62 52.57
CA ALA B 252 12.81 23.05 51.47
C ALA B 252 12.14 23.36 50.14
N THR B 253 12.96 23.64 49.12
CA THR B 253 12.49 23.91 47.77
C THR B 253 13.18 22.97 46.80
N GLY B 254 12.89 23.16 45.51
CA GLY B 254 13.44 22.26 44.50
C GLY B 254 14.95 22.24 44.45
N ARG B 255 15.59 23.32 44.90
CA ARG B 255 17.05 23.38 44.93
C ARG B 255 17.63 22.75 46.19
N ASP B 256 16.80 22.44 47.19
CA ASP B 256 17.28 21.82 48.41
C ASP B 256 17.44 20.31 48.27
N PHE B 257 16.79 19.70 47.30
CA PHE B 257 16.92 18.26 47.06
C PHE B 257 18.08 18.00 46.11
N ASP B 258 18.87 16.98 46.43
CA ASP B 258 20.13 16.75 45.74
C ASP B 258 19.91 16.32 44.29
N SER B 259 21.02 16.10 43.59
CA SER B 259 20.96 15.64 42.21
C SER B 259 20.32 14.26 42.09
N LEU B 260 20.26 13.50 43.18
CA LEU B 260 19.63 12.19 43.18
C LEU B 260 18.17 12.31 43.57
N GLY B 261 17.90 12.34 44.88
CA GLY B 261 16.54 12.44 45.36
C GLY B 261 16.45 12.66 46.86
N GLN B 262 17.59 12.55 47.54
CA GLN B 262 17.63 12.74 48.98
C GLN B 262 17.89 14.20 49.33
N LEU B 263 17.92 14.50 50.62
CA LEU B 263 18.16 15.86 51.08
C LEU B 263 19.66 16.15 51.11
N LYS B 264 20.02 17.37 50.71
CA LYS B 264 21.42 17.79 50.75
C LYS B 264 21.86 18.10 52.18
N ARG B 265 21.08 18.91 52.89
CA ARG B 265 21.36 19.24 54.29
C ARG B 265 20.06 19.05 55.07
N PRO B 266 19.92 17.95 55.82
CA PRO B 266 18.62 17.62 56.41
C PRO B 266 18.26 18.44 57.65
N ASP B 267 19.26 18.80 58.46
CA ASP B 267 18.96 19.56 59.67
C ASP B 267 18.58 21.00 59.36
N GLU B 268 19.07 21.55 58.25
CA GLU B 268 18.82 22.96 57.96
C GLU B 268 17.40 23.19 57.46
N VAL B 269 16.87 22.26 56.68
CA VAL B 269 15.58 22.43 56.03
C VAL B 269 14.54 21.55 56.71
N LEU B 270 13.28 21.72 56.28
CA LEU B 270 12.17 20.92 56.77
C LEU B 270 11.16 20.79 55.63
N VAL B 271 10.75 19.56 55.36
CA VAL B 271 9.84 19.28 54.25
C VAL B 271 8.41 19.49 54.69
N LEU B 272 7.60 20.03 53.78
CA LEU B 272 6.18 20.25 54.01
C LEU B 272 5.37 19.33 53.10
N ASP B 273 4.30 18.76 53.64
CA ASP B 273 3.39 17.92 52.87
C ASP B 273 2.03 18.62 52.76
N GLU B 274 1.00 17.84 52.39
CA GLU B 274 -0.34 18.42 52.26
C GLU B 274 -0.87 18.89 53.61
N ALA B 275 -0.54 18.18 54.69
CA ALA B 275 -1.00 18.57 56.01
C ALA B 275 -0.10 19.63 56.63
N SER B 276 1.19 19.62 56.32
CA SER B 276 2.08 20.66 56.82
C SER B 276 1.74 22.01 56.20
N ALA B 277 1.64 22.07 54.88
CA ALA B 277 1.29 23.33 54.22
C ALA B 277 -0.15 23.72 54.49
N GLY B 278 -1.03 22.74 54.74
CA GLY B 278 -2.42 23.06 55.01
C GLY B 278 -2.61 23.76 56.35
N ALA B 279 -1.78 23.43 57.34
CA ALA B 279 -1.89 24.06 58.65
C ALA B 279 -1.30 25.47 58.64
N LEU B 280 -0.22 25.68 57.88
CA LEU B 280 0.38 27.00 57.82
C LEU B 280 -0.44 27.96 56.96
N ALA B 281 -1.18 27.43 55.98
CA ALA B 281 -1.99 28.28 55.12
C ALA B 281 -3.23 28.79 55.86
N SER B 282 -3.98 27.88 56.48
CA SER B 282 -5.16 28.27 57.25
C SER B 282 -4.79 28.89 58.60
N GLY B 283 -3.56 28.66 59.08
CA GLY B 283 -3.15 29.22 60.36
C GLY B 283 -2.81 30.69 60.32
N LEU B 284 -2.58 31.24 59.13
CA LEU B 284 -2.29 32.66 58.95
C LEU B 284 -3.24 33.28 57.94
N ARG B 285 -4.54 32.93 58.04
CA ARG B 285 -5.52 33.44 57.10
C ARG B 285 -5.56 34.96 57.10
N GLY B 286 -5.54 35.57 58.28
CA GLY B 286 -5.52 37.02 58.40
C GLY B 286 -4.66 37.47 59.56
N ALA B 287 -3.36 37.21 59.48
CA ALA B 287 -2.44 37.51 60.56
C ALA B 287 -1.64 38.77 60.25
N GLN B 288 -1.32 39.52 61.29
CA GLN B 288 -0.54 40.75 61.17
C GLN B 288 0.94 40.41 61.35
N LEU B 289 1.69 40.47 60.26
CA LEU B 289 3.12 40.22 60.28
C LEU B 289 3.89 41.54 60.25
N ALA B 290 5.15 41.48 60.63
CA ALA B 290 6.01 42.65 60.68
C ALA B 290 7.26 42.43 59.84
N VAL B 291 7.86 43.54 59.41
CA VAL B 291 9.06 43.49 58.58
C VAL B 291 10.25 43.19 59.48
N THR B 292 10.89 42.03 59.28
CA THR B 292 12.00 41.63 60.13
C THR B 292 13.27 42.41 59.77
N SER B 293 13.62 42.45 58.48
CA SER B 293 14.83 43.11 58.04
C SER B 293 14.64 43.60 56.61
N VAL B 294 15.52 44.51 56.19
CA VAL B 294 15.49 45.08 54.86
C VAL B 294 16.93 45.16 54.34
N GLU B 295 17.15 44.65 53.14
CA GLU B 295 18.45 44.70 52.49
C GLU B 295 18.28 45.19 51.06
N GLN B 296 19.09 46.16 50.66
CA GLN B 296 19.01 46.72 49.32
C GLN B 296 20.32 46.48 48.57
N LYS B 297 20.20 46.34 47.25
CA LYS B 297 21.36 46.16 46.39
C LYS B 297 21.23 47.01 45.14
N PRO B 298 22.19 47.90 44.86
CA PRO B 298 22.19 48.61 43.59
C PRO B 298 22.78 47.76 42.47
N TYR B 299 21.91 47.15 41.66
CA TYR B 299 22.35 46.20 40.64
C TYR B 299 22.50 46.89 39.30
N THR B 300 23.32 46.26 38.44
CA THR B 300 23.61 46.77 37.11
C THR B 300 23.59 45.62 36.11
N ARG B 301 23.26 45.96 34.88
CA ARG B 301 23.25 44.99 33.78
C ARG B 301 23.92 45.60 32.57
N ARG B 302 24.86 44.87 31.97
CA ARG B 302 25.57 45.32 30.79
C ARG B 302 24.95 44.74 29.54
N PRO B 303 24.89 45.50 28.45
CA PRO B 303 24.32 44.98 27.21
C PRO B 303 25.17 43.84 26.66
N TYR B 304 24.58 43.11 25.71
CA TYR B 304 25.22 41.93 25.14
C TYR B 304 26.09 42.29 23.95
N ALA B 305 27.02 41.40 23.64
CA ALA B 305 27.91 41.59 22.51
C ALA B 305 27.13 41.42 21.19
N PRO B 306 27.64 42.00 20.10
CA PRO B 306 26.97 41.83 18.81
C PRO B 306 26.87 40.36 18.40
N PHE B 307 25.99 40.11 17.43
CA PHE B 307 25.68 38.74 17.05
C PHE B 307 26.80 38.12 16.23
N MET B 308 27.19 36.91 16.60
CA MET B 308 27.89 36.00 15.71
C MET B 308 26.88 34.97 15.20
N THR B 309 27.37 33.89 14.59
CA THR B 309 26.45 32.88 14.07
C THR B 309 25.75 32.13 15.21
N SER B 310 26.53 31.68 16.20
CA SER B 310 25.95 30.87 17.27
C SER B 310 24.99 31.68 18.13
N THR B 311 25.39 32.90 18.52
CA THR B 311 24.55 33.69 19.42
C THR B 311 23.26 34.12 18.73
N LEU B 312 23.32 34.46 17.45
CA LEU B 312 22.11 34.85 16.72
C LEU B 312 21.12 33.69 16.65
N GLN B 313 21.62 32.47 16.41
CA GLN B 313 20.74 31.32 16.34
C GLN B 313 20.08 31.04 17.69
N GLN B 314 20.82 31.24 18.77
CA GLN B 314 20.26 31.01 20.10
C GLN B 314 19.16 32.02 20.42
N GLU B 315 19.36 33.29 20.05
CA GLU B 315 18.36 34.31 20.34
C GLU B 315 17.19 34.28 19.37
N ALA B 316 17.43 33.91 18.10
CA ALA B 316 16.32 33.71 17.17
C ALA B 316 15.44 32.54 17.57
N ALA B 317 15.97 31.62 18.39
CA ALA B 317 15.16 30.51 18.87
C ALA B 317 14.41 30.87 20.14
N ARG B 318 14.91 31.83 20.92
CA ARG B 318 14.27 32.22 22.17
C ARG B 318 13.22 33.30 21.97
N LYS B 319 13.48 34.26 21.09
CA LYS B 319 12.56 35.38 20.89
C LYS B 319 11.68 35.24 19.66
N LEU B 320 12.07 34.42 18.68
CA LEU B 320 11.28 34.21 17.48
C LEU B 320 10.84 32.77 17.29
N ARG B 321 11.27 31.86 18.16
CA ARG B 321 10.96 30.43 18.04
C ARG B 321 11.41 29.86 16.69
N PHE B 322 12.51 30.38 16.15
CA PHE B 322 13.07 29.88 14.91
C PHE B 322 14.08 28.78 15.19
N SER B 323 14.35 27.98 14.17
CA SER B 323 15.37 26.94 14.24
C SER B 323 16.65 27.43 13.56
N SER B 324 17.73 26.67 13.78
CA SER B 324 19.00 27.03 13.17
C SER B 324 18.92 27.00 11.64
N GLU B 325 18.14 26.07 11.09
CA GLU B 325 17.95 26.01 9.64
C GLU B 325 17.19 27.23 9.14
N ARG B 326 16.17 27.67 9.87
CA ARG B 326 15.34 28.79 9.41
C ARG B 326 16.09 30.11 9.54
N THR B 327 16.83 30.30 10.62
CA THR B 327 17.54 31.56 10.83
C THR B 327 18.56 31.81 9.73
N MET B 328 19.34 30.77 9.38
CA MET B 328 20.40 30.95 8.40
C MET B 328 19.86 31.18 7.00
N SER B 329 18.69 30.64 6.68
CA SER B 329 18.08 30.88 5.38
C SER B 329 17.63 32.33 5.25
N ILE B 330 17.10 32.90 6.34
CA ILE B 330 16.70 34.30 6.34
C ILE B 330 17.94 35.20 6.33
N ALA B 331 18.95 34.85 7.12
CA ALA B 331 20.18 35.63 7.15
C ALA B 331 20.86 35.65 5.79
N GLN B 332 20.73 34.57 5.01
CA GLN B 332 21.27 34.55 3.66
C GLN B 332 20.58 35.58 2.78
N ARG B 333 19.26 35.73 2.91
CA ARG B 333 18.51 36.65 2.07
C ARG B 333 18.79 38.10 2.46
N LEU B 334 18.96 38.38 3.76
CA LEU B 334 19.30 39.73 4.18
C LEU B 334 20.70 40.13 3.74
N TYR B 335 21.61 39.16 3.66
CA TYR B 335 22.98 39.45 3.24
C TYR B 335 23.09 39.59 1.73
N GLU B 336 22.44 38.70 0.97
CA GLU B 336 22.51 38.79 -0.49
C GLU B 336 21.82 40.04 -1.02
N ASN B 337 20.80 40.54 -0.32
CA ASN B 337 20.14 41.78 -0.70
C ASN B 337 20.86 43.01 -0.18
N GLY B 338 21.97 42.84 0.51
CA GLY B 338 22.78 43.98 0.95
C GLY B 338 22.21 44.74 2.13
N TYR B 339 21.64 44.05 3.11
CA TYR B 339 21.08 44.70 4.29
C TYR B 339 21.87 44.45 5.57
N ILE B 340 22.52 43.30 5.70
CA ILE B 340 23.37 42.99 6.84
C ILE B 340 24.72 42.50 6.33
N THR B 341 25.63 42.23 7.26
CA THR B 341 26.95 41.73 6.93
C THR B 341 26.92 40.21 6.84
N TYR B 342 28.10 39.58 6.86
CA TYR B 342 28.18 38.15 6.67
C TYR B 342 27.62 37.41 7.90
N MET B 343 26.73 36.45 7.64
CA MET B 343 26.08 35.73 8.73
C MET B 343 26.95 34.62 9.30
N ARG B 344 27.76 33.97 8.45
CA ARG B 344 28.66 32.92 8.92
C ARG B 344 29.93 33.58 9.46
N THR B 345 29.97 33.78 10.76
CA THR B 345 31.10 34.42 11.41
C THR B 345 31.19 33.93 12.85
N ASP B 346 32.41 33.98 13.41
CA ASP B 346 32.63 33.61 14.81
C ASP B 346 33.20 34.78 15.61
N SER B 347 33.08 35.99 15.10
CA SER B 347 33.66 37.18 15.72
C SER B 347 32.57 38.13 16.17
N THR B 348 32.79 38.77 17.31
CA THR B 348 31.92 39.83 17.81
C THR B 348 32.50 41.21 17.55
N THR B 349 33.62 41.29 16.84
CA THR B 349 34.26 42.57 16.59
C THR B 349 33.46 43.40 15.60
N LEU B 350 33.37 44.70 15.87
CA LEU B 350 32.70 45.65 14.99
C LEU B 350 33.74 46.55 14.31
N SER B 351 33.46 46.92 13.08
CA SER B 351 34.33 47.84 12.36
C SER B 351 34.14 49.26 12.87
N GLU B 352 35.09 50.14 12.49
CA GLU B 352 34.97 51.54 12.88
C GLU B 352 33.77 52.20 12.22
N SER B 353 33.46 51.81 10.99
CA SER B 353 32.29 52.35 10.31
C SER B 353 30.99 51.89 10.95
N ALA B 354 31.00 50.70 11.55
CA ALA B 354 29.79 50.19 12.20
C ALA B 354 29.60 50.82 13.57
N ILE B 355 30.68 51.03 14.32
CA ILE B 355 30.58 51.67 15.62
C ILE B 355 30.16 53.13 15.47
N ASN B 356 30.75 53.83 14.50
CA ASN B 356 30.31 55.20 14.21
C ASN B 356 28.86 55.24 13.77
N ALA B 357 28.36 54.15 13.18
CA ALA B 357 26.96 54.11 12.77
C ALA B 357 26.04 53.71 13.91
N ALA B 358 26.42 52.71 14.70
CA ALA B 358 25.56 52.26 15.79
C ALA B 358 25.42 53.32 16.87
N ARG B 359 26.52 54.01 17.18
CA ARG B 359 26.46 55.07 18.20
C ARG B 359 25.66 56.26 17.71
N THR B 360 25.70 56.55 16.41
CA THR B 360 24.91 57.65 15.86
C THR B 360 23.42 57.33 15.93
N GLN B 361 23.05 56.09 15.64
CA GLN B 361 21.64 55.69 15.67
C GLN B 361 21.04 55.89 17.06
N ALA B 362 21.74 55.42 18.10
CA ALA B 362 21.24 55.61 19.46
C ALA B 362 21.30 57.06 19.89
N ARG B 363 22.29 57.82 19.39
CA ARG B 363 22.38 59.24 19.69
C ARG B 363 21.25 60.03 19.04
N GLN B 364 20.82 59.61 17.85
CA GLN B 364 19.77 60.34 17.14
C GLN B 364 18.38 59.93 17.62
N LEU B 365 18.17 58.64 17.88
CA LEU B 365 16.85 58.13 18.24
C LEU B 365 16.58 58.20 19.74
N TYR B 366 17.49 57.69 20.56
CA TYR B 366 17.29 57.64 22.00
C TYR B 366 17.92 58.81 22.74
N GLY B 367 18.96 59.42 22.19
CA GLY B 367 19.56 60.58 22.83
C GLY B 367 21.02 60.37 23.20
N GLU B 368 21.77 61.47 23.31
CA GLU B 368 23.18 61.36 23.67
C GLU B 368 23.37 60.78 25.07
N GLU B 369 22.35 60.89 25.92
CA GLU B 369 22.49 60.46 27.31
C GLU B 369 22.61 58.95 27.44
N TYR B 370 21.82 58.21 26.67
CA TYR B 370 21.78 56.76 26.80
C TYR B 370 22.97 56.06 26.14
N VAL B 371 23.83 56.78 25.45
CA VAL B 371 24.99 56.17 24.78
C VAL B 371 26.12 56.04 25.79
N HIS B 372 26.82 54.91 25.72
CA HIS B 372 27.96 54.69 26.60
C HIS B 372 29.03 55.75 26.35
N PRO B 373 29.74 56.19 27.40
CA PRO B 373 30.77 57.23 27.18
C PRO B 373 31.83 56.82 26.17
N SER B 374 32.42 55.64 26.35
CA SER B 374 33.40 55.11 25.40
C SER B 374 32.76 54.09 24.48
N PRO B 375 33.17 54.03 23.21
CA PRO B 375 32.63 53.00 22.31
C PRO B 375 32.96 51.61 22.82
N ARG B 376 31.92 50.80 23.04
CA ARG B 376 32.08 49.48 23.61
C ARG B 376 32.45 48.49 22.51
N GLN B 377 33.55 47.78 22.71
CA GLN B 377 33.99 46.73 21.78
C GLN B 377 34.16 45.43 22.55
N TYR B 378 33.52 44.37 22.07
CA TYR B 378 33.49 43.09 22.75
C TYR B 378 34.45 42.13 22.04
N THR B 379 35.57 41.84 22.68
CA THR B 379 36.58 40.93 22.14
C THR B 379 36.86 39.86 23.20
N ARG B 380 35.87 39.02 23.46
CA ARG B 380 36.00 37.93 24.41
C ARG B 380 36.56 36.69 23.72
N LYS B 381 37.41 35.96 24.43
CA LYS B 381 38.06 34.79 23.87
C LYS B 381 37.05 33.65 23.73
N VAL B 382 36.82 33.20 22.49
CA VAL B 382 35.93 32.09 22.24
C VAL B 382 36.73 30.81 22.00
N ASN B 384 37.98 28.34 19.70
CA ASN B 384 38.86 28.24 18.55
C ASN B 384 38.38 29.13 17.41
N ALA B 385 38.30 30.43 17.68
CA ALA B 385 37.82 31.38 16.69
C ALA B 385 38.88 31.64 15.63
N GLN B 386 38.42 32.10 14.47
CA GLN B 386 39.30 32.47 13.36
C GLN B 386 39.41 33.95 13.13
N GLU B 387 38.39 34.73 13.52
CA GLU B 387 38.39 36.19 13.39
C GLU B 387 38.62 36.61 11.94
N ALA B 388 37.84 36.03 11.04
CA ALA B 388 37.96 36.31 9.61
C ALA B 388 36.89 37.25 9.09
N HIS B 389 35.84 37.52 9.87
CA HIS B 389 34.74 38.37 9.44
C HIS B 389 34.36 39.33 10.56
N GLU B 390 33.45 40.23 10.23
CA GLU B 390 32.83 41.12 11.20
C GLU B 390 31.61 40.44 11.81
N ALA B 391 31.19 40.94 12.96
CA ALA B 391 29.95 40.45 13.56
C ALA B 391 28.76 40.77 12.65
N ILE B 392 27.63 40.12 12.93
CA ILE B 392 26.43 40.32 12.15
C ILE B 392 25.81 41.65 12.56
N ARG B 393 25.90 42.65 11.69
CA ARG B 393 25.43 44.00 11.96
C ARG B 393 24.81 44.56 10.69
N PRO B 394 23.96 45.58 10.81
CA PRO B 394 23.33 46.15 9.61
C PRO B 394 24.37 46.75 8.66
N ALA B 395 24.17 46.51 7.37
CA ALA B 395 25.12 46.95 6.36
C ALA B 395 25.05 48.47 6.17
N GLY B 396 26.08 49.00 5.51
CA GLY B 396 26.12 50.41 5.18
C GLY B 396 26.72 51.26 6.30
N ASP B 397 27.11 52.48 5.92
CA ASP B 397 27.63 53.44 6.90
C ASP B 397 26.53 54.06 7.74
N VAL B 398 25.27 53.94 7.31
CA VAL B 398 24.12 54.39 8.08
C VAL B 398 23.16 53.22 8.22
N PHE B 399 22.84 52.85 9.45
CA PHE B 399 21.95 51.72 9.69
C PHE B 399 20.53 52.08 9.28
N GLN B 400 19.98 51.33 8.33
CA GLN B 400 18.57 51.49 8.00
C GLN B 400 17.71 50.98 9.15
N THR B 401 16.85 51.84 9.66
CA THR B 401 15.97 51.44 10.75
C THR B 401 15.00 50.37 10.28
N PRO B 402 14.62 49.44 11.16
CA PRO B 402 13.61 48.44 10.77
C PRO B 402 12.31 49.04 10.30
N GLY B 403 11.90 50.18 10.88
CA GLY B 403 10.70 50.85 10.41
C GLY B 403 10.80 51.32 8.98
N GLN B 404 11.99 51.75 8.55
CA GLN B 404 12.18 52.15 7.16
C GLN B 404 12.15 50.95 6.21
N LEU B 405 12.33 49.73 6.72
CA LEU B 405 12.36 48.54 5.89
C LEU B 405 11.14 47.66 6.06
N HIS B 406 10.08 48.18 6.69
CA HIS B 406 8.86 47.40 6.85
C HIS B 406 8.18 47.15 5.52
N SER B 407 8.32 48.07 4.56
CA SER B 407 7.71 47.95 3.24
C SER B 407 8.61 47.20 2.27
N ALA B 408 9.64 46.53 2.74
CA ALA B 408 10.56 45.80 1.87
C ALA B 408 10.87 44.40 2.38
N LEU B 409 10.99 44.22 3.68
CA LEU B 409 11.30 42.92 4.24
C LEU B 409 10.03 42.09 4.42
N ASP B 410 10.21 40.79 4.58
CA ASP B 410 9.11 39.87 4.80
C ASP B 410 8.79 39.81 6.30
N THR B 411 7.86 38.93 6.66
CA THR B 411 7.52 38.77 8.08
C THR B 411 8.69 38.18 8.86
N ASP B 412 9.33 37.15 8.31
CA ASP B 412 10.46 36.54 8.99
C ASP B 412 11.74 37.34 8.81
N GLU B 413 11.89 38.03 7.68
CA GLU B 413 13.08 38.86 7.47
C GLU B 413 13.06 40.06 8.40
N PHE B 414 11.93 40.75 8.49
CA PHE B 414 11.84 41.94 9.34
C PHE B 414 12.08 41.60 10.80
N ARG B 415 11.47 40.51 11.28
CA ARG B 415 11.67 40.13 12.68
C ARG B 415 13.13 39.82 12.97
N LEU B 416 13.84 39.24 12.01
CA LEU B 416 15.25 38.92 12.22
C LEU B 416 16.13 40.15 12.10
N TYR B 417 15.87 41.01 11.11
CA TYR B 417 16.66 42.22 10.95
C TYR B 417 16.49 43.15 12.15
N GLU B 418 15.26 43.26 12.65
CA GLU B 418 15.01 44.04 13.85
C GLU B 418 15.84 43.53 15.02
N LEU B 419 15.91 42.21 15.18
CA LEU B 419 16.70 41.64 16.27
C LEU B 419 18.18 41.93 16.10
N ILE B 420 18.67 41.98 14.85
CA ILE B 420 20.07 42.30 14.61
C ILE B 420 20.32 43.79 14.82
N TRP B 421 19.39 44.64 14.39
CA TRP B 421 19.53 46.08 14.59
C TRP B 421 19.52 46.42 16.07
N GLN B 422 18.54 45.88 16.82
CA GLN B 422 18.49 46.10 18.25
C GLN B 422 19.77 45.65 18.93
N ARG B 423 20.26 44.47 18.57
CA ARG B 423 21.46 43.93 19.21
C ARG B 423 22.68 44.80 18.94
N THR B 424 22.80 45.30 17.70
CA THR B 424 23.98 46.09 17.35
C THR B 424 23.95 47.46 18.02
N VAL B 425 22.79 48.11 18.05
CA VAL B 425 22.69 49.43 18.65
C VAL B 425 22.83 49.36 20.16
N ALA B 426 22.21 48.35 20.78
CA ALA B 426 22.27 48.21 22.24
C ALA B 426 23.69 47.91 22.72
N SER B 427 24.55 47.34 21.87
CA SER B 427 25.92 47.06 22.25
C SER B 427 26.74 48.32 22.46
N GLN B 428 26.24 49.48 22.03
CA GLN B 428 26.96 50.75 22.14
C GLN B 428 26.31 51.71 23.12
N MET B 429 25.28 51.26 23.84
CA MET B 429 24.55 52.12 24.77
C MET B 429 25.01 51.87 26.20
N ALA B 430 24.58 52.74 27.10
CA ALA B 430 25.01 52.69 28.48
C ALA B 430 24.41 51.49 29.20
N ASP B 431 24.96 51.19 30.37
CA ASP B 431 24.48 50.08 31.18
C ASP B 431 23.13 50.43 31.81
N ALA B 432 22.48 49.40 32.34
CA ALA B 432 21.23 49.58 33.08
C ALA B 432 21.54 49.73 34.57
N ARG B 433 20.81 50.64 35.22
CA ARG B 433 21.00 50.93 36.63
C ARG B 433 19.70 50.73 37.37
N GLY B 434 19.78 50.16 38.57
CA GLY B 434 18.60 49.90 39.35
C GLY B 434 18.93 49.48 40.76
N THR B 435 17.88 49.15 41.51
CA THR B 435 18.00 48.79 42.91
C THR B 435 17.04 47.64 43.21
N THR B 436 17.53 46.66 43.96
CA THR B 436 16.71 45.52 44.38
C THR B 436 16.52 45.55 45.89
N LEU B 437 15.40 44.97 46.34
CA LEU B 437 15.07 44.89 47.76
C LEU B 437 14.90 43.43 48.16
N SER B 438 15.46 43.08 49.32
CA SER B 438 15.40 41.72 49.86
C SER B 438 14.99 41.83 51.33
N LEU B 439 13.70 42.00 51.57
CA LEU B 439 13.17 42.18 52.91
C LEU B 439 12.54 40.87 53.42
N ARG B 440 12.83 40.55 54.67
CA ARG B 440 12.26 39.38 55.33
C ARG B 440 11.12 39.81 56.24
N ILE B 441 10.08 38.99 56.30
CA ILE B 441 8.87 39.31 57.06
C ILE B 441 8.59 38.16 58.02
N GLY B 442 8.59 38.46 59.31
CA GLY B 442 8.43 37.46 60.35
C GLY B 442 7.09 37.53 61.05
N GLY B 443 6.84 36.53 61.88
CA GLY B 443 5.61 36.45 62.63
C GLY B 443 5.50 35.13 63.36
N SER B 444 4.27 34.78 63.73
CA SER B 444 3.99 33.55 64.44
C SER B 444 2.69 32.95 63.93
N ALA B 445 2.69 31.62 63.77
CA ALA B 445 1.49 30.92 63.34
C ALA B 445 0.48 30.84 64.48
N SER B 446 -0.72 30.34 64.15
CA SER B 446 -1.76 30.19 65.17
C SER B 446 -1.35 29.16 66.21
N SER B 447 -0.65 28.11 65.80
CA SER B 447 -0.20 27.07 66.72
C SER B 447 1.08 27.45 67.47
N GLY B 448 1.67 28.61 67.15
CA GLY B 448 2.90 29.05 67.79
C GLY B 448 4.14 28.90 66.96
N GLU B 449 4.03 28.39 65.73
CA GLU B 449 5.20 28.19 64.89
C GLU B 449 5.74 29.53 64.41
N GLN B 450 7.05 29.69 64.48
CA GLN B 450 7.72 30.95 64.12
C GLN B 450 7.96 30.95 62.62
N VAL B 451 7.04 31.56 61.89
CA VAL B 451 7.10 31.61 60.42
C VAL B 451 7.77 32.90 59.98
N VAL B 452 8.54 32.82 58.90
CA VAL B 452 9.23 33.97 58.32
C VAL B 452 9.04 33.93 56.81
N PHE B 453 8.67 35.06 56.22
CA PHE B 453 8.46 35.18 54.79
C PHE B 453 9.61 35.95 54.16
N ASN B 454 9.68 35.85 52.83
CA ASN B 454 10.71 36.54 52.05
C ASN B 454 10.09 37.09 50.77
N ALA B 455 10.56 38.25 50.34
CA ALA B 455 10.06 38.89 49.12
C ALA B 455 11.19 39.70 48.50
N SER B 456 11.35 39.56 47.19
CA SER B 456 12.38 40.27 46.44
C SER B 456 11.74 41.24 45.47
N GLY B 457 12.20 42.48 45.47
CA GLY B 457 11.71 43.49 44.56
C GLY B 457 12.82 44.00 43.67
N ARG B 458 12.46 44.45 42.47
CA ARG B 458 13.42 44.93 41.49
C ARG B 458 12.92 46.26 40.93
N THR B 459 13.71 47.31 41.08
CA THR B 459 13.37 48.64 40.60
C THR B 459 14.48 49.11 39.67
N ILE B 460 14.12 49.47 38.45
CA ILE B 460 15.07 49.99 37.47
C ILE B 460 15.03 51.51 37.53
N THR B 461 16.21 52.12 37.59
CA THR B 461 16.34 53.58 37.66
C THR B 461 16.69 54.20 36.31
N PHE B 462 17.74 53.69 35.66
CA PHE B 462 18.15 54.14 34.35
C PHE B 462 18.13 52.95 33.39
N PRO B 463 17.27 52.95 32.37
CA PRO B 463 17.19 51.78 31.48
C PRO B 463 18.42 51.63 30.59
N GLY B 464 18.83 52.72 29.94
CA GLY B 464 19.99 52.68 29.07
C GLY B 464 19.78 51.86 27.81
N PHE B 465 20.56 50.78 27.66
CA PHE B 465 20.46 49.94 26.48
C PHE B 465 19.13 49.20 26.41
N LEU B 466 18.40 49.11 27.52
CA LEU B 466 17.17 48.33 27.59
C LEU B 466 16.05 48.95 26.77
N LYS B 467 16.31 50.14 26.20
CA LYS B 467 15.37 50.80 25.33
C LYS B 467 15.32 50.20 23.92
N ALA B 468 16.03 49.10 23.69
CA ALA B 468 16.02 48.45 22.38
C ALA B 468 15.88 46.94 22.51
N TYR B 469 16.90 46.27 23.00
CA TYR B 469 16.95 44.82 23.02
C TYR B 469 17.08 44.31 24.47
N VAL B 470 17.35 43.01 24.60
CA VAL B 470 17.49 42.39 25.90
C VAL B 470 18.47 41.22 25.81
N SER B 486 9.50 41.71 40.42
CA SER B 486 9.57 43.02 39.79
C SER B 486 9.50 44.13 40.84
N ARG B 487 8.60 45.09 40.63
CA ARG B 487 8.48 46.25 41.51
C ARG B 487 7.53 45.96 42.67
N LEU B 488 7.84 46.55 43.82
CA LEU B 488 7.11 46.35 45.06
C LEU B 488 6.83 47.69 45.70
N PRO B 489 5.84 47.75 46.60
CA PRO B 489 5.64 48.99 47.36
C PRO B 489 6.75 49.20 48.37
N ASN B 490 7.25 50.43 48.43
CA ASN B 490 8.35 50.77 49.32
C ASN B 490 7.93 50.58 50.78
N LEU B 491 8.45 49.54 51.42
CA LEU B 491 8.16 49.23 52.81
C LEU B 491 9.21 49.87 53.71
N THR B 492 9.16 49.56 55.01
CA THR B 492 10.05 50.15 55.98
C THR B 492 10.33 49.14 57.08
N GLN B 493 11.52 49.24 57.66
CA GLN B 493 11.93 48.36 58.76
C GLN B 493 10.91 48.39 59.89
N GLY B 494 10.37 47.22 60.23
CA GLY B 494 9.39 47.10 61.29
C GLY B 494 7.96 47.37 60.88
N GLN B 495 7.70 47.61 59.60
CA GLN B 495 6.35 47.92 59.14
C GLN B 495 5.45 46.70 59.26
N ARG B 496 4.25 46.90 59.79
CA ARG B 496 3.29 45.81 59.95
C ARG B 496 2.60 45.53 58.63
N VAL B 497 2.57 44.24 58.25
CA VAL B 497 1.91 43.81 57.02
C VAL B 497 0.90 42.73 57.37
N ASP B 498 -0.14 42.62 56.54
CA ASP B 498 -1.20 41.65 56.75
C ASP B 498 -1.24 40.67 55.58
N ALA B 499 -1.78 39.49 55.84
CA ALA B 499 -1.92 38.44 54.84
C ALA B 499 -3.34 38.46 54.28
N ALA B 500 -3.45 38.34 52.96
CA ALA B 500 -4.74 38.36 52.29
C ALA B 500 -5.17 36.96 51.88
N ASP B 501 -4.59 36.43 50.82
CA ASP B 501 -4.93 35.12 50.28
C ASP B 501 -3.71 34.22 50.37
N LEU B 502 -3.87 33.07 51.04
CA LEU B 502 -2.79 32.10 51.22
C LEU B 502 -3.12 30.85 50.43
N SER B 503 -2.20 30.45 49.55
CA SER B 503 -2.36 29.26 48.73
C SER B 503 -1.24 28.28 49.03
N ALA B 504 -1.59 27.01 49.16
CA ALA B 504 -0.64 25.94 49.43
C ALA B 504 -0.65 24.97 48.25
N ASP B 505 0.46 24.92 47.51
CA ASP B 505 0.58 24.07 46.35
C ASP B 505 1.72 23.07 46.55
N GLY B 506 1.69 22.00 45.77
CA GLY B 506 2.70 20.96 45.83
C GLY B 506 3.44 20.83 44.51
N HIS B 507 4.74 20.61 44.60
CA HIS B 507 5.58 20.44 43.42
C HIS B 507 6.48 19.23 43.62
N GLN B 508 7.13 18.82 42.54
CA GLN B 508 8.10 17.74 42.58
C GLN B 508 9.26 18.09 41.66
N THR B 509 10.48 17.75 42.10
CA THR B 509 11.68 18.13 41.35
C THR B 509 11.67 17.52 39.96
N SER B 510 12.11 18.31 38.98
CA SER B 510 12.17 17.98 37.58
C SER B 510 13.58 17.54 37.17
N PRO B 511 13.68 16.61 36.23
CA PRO B 511 15.01 16.16 35.77
C PRO B 511 15.70 17.23 34.95
N PRO B 512 17.01 17.11 34.75
CA PRO B 512 17.71 18.05 33.87
C PRO B 512 17.08 18.10 32.48
N ALA B 513 16.86 19.31 31.98
CA ALA B 513 16.18 19.50 30.72
C ALA B 513 17.03 18.98 29.56
N ARG B 514 16.35 18.51 28.51
CA ARG B 514 17.04 18.04 27.33
C ARG B 514 17.65 19.22 26.57
N TYR B 515 18.56 18.89 25.65
CA TYR B 515 19.17 19.90 24.82
C TYR B 515 18.24 20.30 23.67
N THR B 516 18.23 21.58 23.35
CA THR B 516 17.57 22.09 22.16
C THR B 516 18.61 22.40 21.10
N GLU B 517 18.16 22.91 19.96
CA GLU B 517 19.10 23.32 18.92
C GLU B 517 19.99 24.45 19.41
N ALA B 518 19.45 25.35 20.23
CA ALA B 518 20.22 26.47 20.75
C ALA B 518 21.15 26.02 21.88
N SER B 519 20.62 25.25 22.84
CA SER B 519 21.42 24.85 23.99
C SER B 519 22.55 23.90 23.60
N LEU B 520 22.38 23.13 22.52
CA LEU B 520 23.43 22.23 22.09
C LEU B 520 24.57 22.99 21.41
N ILE B 521 24.25 23.92 20.51
CA ILE B 521 25.26 24.74 19.87
C ILE B 521 26.01 25.56 20.91
N LYS B 522 25.29 26.05 21.93
CA LYS B 522 25.94 26.75 23.03
C LYS B 522 26.91 25.83 23.77
N ALA B 523 26.51 24.56 23.96
CA ALA B 523 27.41 23.61 24.60
C ALA B 523 28.57 23.22 23.69
N LEU B 524 28.34 23.22 22.38
CA LEU B 524 29.43 22.93 21.44
C LEU B 524 30.42 24.09 21.37
N GLU B 525 29.93 25.33 21.46
CA GLU B 525 30.81 26.49 21.38
C GLU B 525 31.71 26.58 22.62
N GLU B 526 31.14 26.33 23.80
CA GLU B 526 31.96 26.30 25.01
C GLU B 526 33.07 25.28 24.93
N LEU B 527 32.92 24.26 24.08
CA LEU B 527 33.98 23.29 23.83
C LEU B 527 34.78 23.58 22.56
N GLY B 528 34.29 24.47 21.70
CA GLY B 528 34.98 24.85 20.48
C GLY B 528 35.05 23.73 19.45
N ILE B 529 33.90 23.15 19.13
CA ILE B 529 33.82 21.95 18.29
C ILE B 529 33.32 22.27 16.89
N GLY B 530 32.11 22.82 16.78
CA GLY B 530 31.53 23.12 15.49
C GLY B 530 32.14 24.37 14.86
N ARG B 531 31.53 24.76 13.74
CA ARG B 531 31.89 25.94 12.99
C ARG B 531 30.63 26.70 12.61
N PRO B 532 30.73 28.01 12.36
CA PRO B 532 29.53 28.75 11.92
C PRO B 532 28.87 28.16 10.69
N SER B 533 29.65 27.67 9.74
CA SER B 533 29.10 27.05 8.54
C SER B 533 28.62 25.63 8.76
N THR B 534 28.72 25.10 9.99
CA THR B 534 28.38 23.72 10.28
C THR B 534 27.32 23.55 11.36
N TYR B 535 27.08 24.57 12.20
CA TYR B 535 26.17 24.43 13.32
C TYR B 535 24.80 23.91 12.90
N SER B 536 24.13 24.62 11.98
CA SER B 536 22.80 24.22 11.56
C SER B 536 22.80 22.90 10.80
N SER B 537 23.94 22.48 10.27
CA SER B 537 24.03 21.20 9.56
C SER B 537 24.29 20.02 10.48
N ILE B 538 24.86 20.26 11.67
CA ILE B 538 25.10 19.17 12.61
C ILE B 538 23.78 18.57 13.06
N ILE B 539 22.76 19.40 13.24
CA ILE B 539 21.47 18.92 13.74
C ILE B 539 20.83 17.98 12.73
N LYS B 540 20.84 18.37 11.45
CA LYS B 540 20.24 17.53 10.42
C LYS B 540 21.01 16.24 10.22
N THR B 541 22.34 16.28 10.39
CA THR B 541 23.15 15.08 10.18
C THR B 541 22.83 14.01 11.21
N ILE B 542 22.81 14.37 12.50
CA ILE B 542 22.50 13.39 13.53
C ILE B 542 21.03 12.99 13.50
N GLN B 543 20.18 13.77 12.85
CA GLN B 543 18.78 13.38 12.67
C GLN B 543 18.64 12.41 11.51
N ASP B 544 19.11 12.80 10.32
CA ASP B 544 19.04 11.93 9.15
C ASP B 544 19.77 10.61 9.37
N ARG B 545 20.72 10.56 10.30
CA ARG B 545 21.42 9.35 10.64
C ARG B 545 20.70 8.53 11.70
N GLY B 546 19.55 8.99 12.19
CA GLY B 546 18.77 8.24 13.15
C GLY B 546 19.30 8.25 14.56
N TYR B 547 20.22 9.15 14.89
CA TYR B 547 20.75 9.24 16.24
C TYR B 547 19.90 10.07 17.17
N VAL B 548 19.15 11.04 16.65
CA VAL B 548 18.36 11.95 17.45
C VAL B 548 17.00 12.16 16.81
N GLN B 549 15.94 11.99 17.59
CA GLN B 549 14.59 12.39 17.19
C GLN B 549 14.24 13.68 17.91
N LYS B 550 13.57 14.58 17.18
CA LYS B 550 13.24 15.91 17.70
C LYS B 550 11.82 15.89 18.24
N LYS B 551 11.69 15.88 19.56
CA LYS B 551 10.38 15.87 20.22
C LYS B 551 9.90 17.32 20.36
N GLY B 552 9.36 17.83 19.25
CA GLY B 552 8.89 19.21 19.23
C GLY B 552 10.03 20.20 19.26
N SER B 553 10.46 20.59 20.45
CA SER B 553 11.55 21.56 20.63
C SER B 553 12.69 20.99 21.45
N ALA B 554 12.79 19.67 21.56
CA ALA B 554 13.85 19.01 22.32
C ALA B 554 14.50 17.94 21.48
N LEU B 555 15.77 17.69 21.74
CA LEU B 555 16.53 16.65 21.07
C LEU B 555 16.55 15.39 21.94
N VAL B 556 15.96 14.32 21.44
CA VAL B 556 15.89 13.05 22.15
C VAL B 556 16.77 12.05 21.43
N PRO B 557 17.70 11.39 22.13
CA PRO B 557 18.58 10.43 21.46
C PRO B 557 17.88 9.09 21.21
N SER B 558 18.41 8.37 20.21
CA SER B 558 17.90 7.05 19.88
C SER B 558 18.67 5.97 20.63
N TRP B 559 18.12 4.76 20.62
CA TRP B 559 18.81 3.63 21.24
C TRP B 559 20.07 3.28 20.46
N VAL B 560 20.02 3.39 19.13
CA VAL B 560 21.20 3.20 18.31
C VAL B 560 22.31 4.14 18.77
N ALA B 561 21.95 5.38 19.09
CA ALA B 561 22.94 6.35 19.57
C ALA B 561 23.54 5.91 20.90
N PHE B 562 22.74 5.31 21.77
CA PHE B 562 23.26 4.80 23.02
C PHE B 562 24.32 3.72 22.79
N ALA B 563 24.12 2.89 21.76
CA ALA B 563 25.11 1.87 21.43
C ALA B 563 26.35 2.50 20.82
N VAL B 564 26.17 3.41 19.87
CA VAL B 564 27.30 4.04 19.19
C VAL B 564 28.15 4.82 20.18
N VAL B 565 27.53 5.73 20.93
CA VAL B 565 28.26 6.47 21.96
C VAL B 565 28.85 5.52 22.98
N GLY B 566 28.06 4.54 23.44
CA GLY B 566 28.57 3.56 24.39
C GLY B 566 29.71 2.74 23.84
N LEU B 567 29.76 2.55 22.52
CA LEU B 567 30.89 1.88 21.91
C LEU B 567 32.13 2.77 21.91
N LEU B 568 31.99 3.99 21.40
CA LEU B 568 33.14 4.89 21.32
C LEU B 568 33.64 5.29 22.70
N GLU B 569 32.76 5.27 23.72
CA GLU B 569 33.21 5.56 25.07
C GLU B 569 34.13 4.48 25.63
N GLN B 570 34.04 3.25 25.12
CA GLN B 570 34.81 2.14 25.65
C GLN B 570 35.94 1.68 24.74
N HIS B 571 35.92 2.04 23.46
CA HIS B 571 36.94 1.59 22.52
C HIS B 571 37.66 2.70 21.77
N PHE B 572 37.07 3.89 21.68
CA PHE B 572 37.70 5.05 21.06
C PHE B 572 37.46 6.28 21.93
N GLY B 573 37.69 6.12 23.24
CA GLY B 573 37.36 7.17 24.18
C GLY B 573 38.04 8.49 23.87
N ARG B 574 39.32 8.43 23.52
CA ARG B 574 40.07 9.63 23.18
C ARG B 574 39.51 10.35 21.95
N LEU B 575 38.65 9.68 21.17
CA LEU B 575 38.06 10.30 19.99
C LEU B 575 36.78 11.06 20.28
N VAL B 576 36.10 10.77 21.39
CA VAL B 576 34.87 11.46 21.77
C VAL B 576 35.07 12.34 23.00
N ASP B 577 36.30 12.49 23.46
CA ASP B 577 36.57 13.44 24.54
C ASP B 577 36.32 14.86 24.06
N TYR B 578 35.67 15.67 24.91
CA TYR B 578 35.32 17.03 24.51
C TYR B 578 36.56 17.86 24.21
N ASP B 579 37.65 17.63 24.92
CA ASP B 579 38.89 18.35 24.68
C ASP B 579 39.68 17.82 23.49
N PHE B 580 39.21 16.76 22.83
CA PHE B 580 39.94 16.24 21.68
C PHE B 580 39.94 17.23 20.53
N THR B 581 38.81 17.90 20.28
CA THR B 581 38.77 18.93 19.25
C THR B 581 39.69 20.09 19.61
N ALA B 582 39.70 20.48 20.89
CA ALA B 582 40.59 21.55 21.33
C ALA B 582 42.05 21.11 21.29
N ALA B 583 42.31 19.86 21.69
CA ALA B 583 43.69 19.37 21.68
C ALA B 583 44.25 19.27 20.26
N MET B 584 43.37 19.05 19.27
CA MET B 584 43.83 19.05 17.87
C MET B 584 44.22 20.44 17.42
N GLU B 585 43.42 21.45 17.78
CA GLU B 585 43.72 22.82 17.36
C GLU B 585 45.04 23.32 17.94
N ASP B 586 45.42 22.84 19.12
CA ASP B 586 46.72 23.19 19.66
C ASP B 586 47.85 22.62 18.80
N GLU B 587 47.66 21.40 18.29
CA GLU B 587 48.67 20.78 17.45
C GLU B 587 48.66 21.37 16.03
N LEU B 588 47.53 21.86 15.57
CA LEU B 588 47.49 22.52 14.27
C LEU B 588 48.11 23.91 14.32
N ASP B 589 48.06 24.56 15.48
CA ASP B 589 48.71 25.86 15.62
C ASP B 589 50.23 25.73 15.51
N GLU B 590 50.78 24.62 16.01
CA GLU B 590 52.21 24.39 15.84
C GLU B 590 52.57 24.16 14.37
N ILE B 591 51.67 23.53 13.61
CA ILE B 591 51.89 23.42 12.17
C ILE B 591 51.81 24.78 11.50
N ALA B 592 50.86 25.61 11.95
CA ALA B 592 50.72 26.95 11.38
C ALA B 592 51.91 27.83 11.72
N ASN B 593 52.40 27.75 12.96
CA ASN B 593 53.55 28.56 13.35
C ASN B 593 54.82 28.10 12.63
N GLY B 594 54.92 26.81 12.32
CA GLY B 594 56.09 26.26 11.66
C GLY B 594 56.89 25.27 12.47
N GLN B 595 56.42 24.88 13.66
CA GLN B 595 57.18 23.96 14.50
C GLN B 595 57.15 22.54 13.93
N GLU B 596 55.94 21.97 13.80
CA GLU B 596 55.77 20.60 13.36
C GLU B 596 55.26 20.58 11.92
N GLN B 597 55.75 19.62 11.14
CA GLN B 597 55.30 19.45 9.77
C GLN B 597 53.93 18.78 9.75
N ARG B 598 53.27 18.88 8.59
CA ARG B 598 51.93 18.31 8.45
C ARG B 598 51.97 16.80 8.60
N THR B 599 52.89 16.13 7.91
CA THR B 599 52.98 14.68 7.98
C THR B 599 53.49 14.21 9.34
N ASN B 600 54.21 15.05 10.07
CA ASN B 600 54.79 14.63 11.34
C ASN B 600 53.72 14.21 12.35
N TRP B 601 52.74 15.08 12.58
CA TRP B 601 51.71 14.78 13.57
C TRP B 601 50.70 13.77 13.06
N LEU B 602 50.52 13.65 11.75
CA LEU B 602 49.59 12.64 11.23
C LEU B 602 50.18 11.24 11.33
N ASN B 603 51.50 11.10 11.14
CA ASN B 603 52.12 9.78 11.17
C ASN B 603 52.02 9.17 12.56
N ASN B 604 52.37 9.94 13.59
CA ASN B 604 52.21 9.48 14.97
C ASN B 604 50.76 9.35 15.38
N PHE B 605 49.83 9.95 14.63
CA PHE B 605 48.41 9.82 14.94
C PHE B 605 47.83 8.54 14.38
N TYR B 606 48.29 8.12 13.19
CA TYR B 606 47.76 6.94 12.53
C TYR B 606 48.44 5.66 12.98
N PHE B 607 49.76 5.72 13.24
CA PHE B 607 50.52 4.53 13.59
C PHE B 607 51.02 4.52 15.03
N GLY B 608 51.14 5.66 15.67
CA GLY B 608 51.59 5.74 17.05
C GLY B 608 53.02 6.23 17.17
N GLY B 609 53.52 6.18 18.40
CA GLY B 609 54.88 6.60 18.69
C GLY B 609 55.02 7.28 20.03
N GLU B 610 55.68 8.44 20.05
CA GLU B 610 55.83 9.19 21.28
C GLU B 610 54.47 9.69 21.76
N HIS B 611 54.32 9.72 23.09
CA HIS B 611 53.06 10.16 23.70
C HIS B 611 52.97 11.67 23.63
N GLY B 612 52.25 12.18 22.63
CA GLY B 612 52.04 13.61 22.49
C GLY B 612 51.25 14.20 23.64
N VAL B 613 49.99 13.80 23.76
CA VAL B 613 49.15 14.20 24.89
C VAL B 613 49.27 13.12 25.96
N GLU B 614 48.63 13.33 27.11
CA GLU B 614 48.74 12.38 28.21
C GLU B 614 48.23 11.00 27.81
N GLY B 615 47.02 10.93 27.26
CA GLY B 615 46.47 9.68 26.81
C GLY B 615 46.04 9.72 25.36
N SER B 616 46.92 10.20 24.48
CA SER B 616 46.59 10.36 23.09
C SER B 616 46.56 9.01 22.38
N ILE B 617 46.11 9.03 21.12
CA ILE B 617 46.10 7.81 20.31
C ILE B 617 47.53 7.34 20.05
N ALA B 618 48.47 8.28 19.96
CA ALA B 618 49.87 7.90 19.75
C ALA B 618 50.39 7.04 20.90
N ARG B 619 49.94 7.33 22.12
CA ARG B 619 50.28 6.51 23.28
C ARG B 619 49.40 5.27 23.41
N ALA B 620 48.55 5.00 22.42
CA ALA B 620 47.67 3.85 22.43
C ALA B 620 47.99 2.82 21.36
N GLY B 621 48.59 3.23 20.25
CA GLY B 621 48.95 2.30 19.19
C GLY B 621 48.58 2.78 17.80
N GLY B 622 48.15 4.02 17.68
CA GLY B 622 47.74 4.57 16.41
C GLY B 622 46.30 4.24 16.07
N LEU B 623 45.74 5.04 15.15
CA LEU B 623 44.36 4.83 14.75
C LEU B 623 44.19 3.56 13.91
N LYS B 624 45.23 3.17 13.18
CA LYS B 624 45.11 1.98 12.33
C LYS B 624 44.99 0.72 13.17
N GLN B 625 45.77 0.62 14.25
CA GLN B 625 45.72 -0.58 15.08
C GLN B 625 44.44 -0.66 15.90
N LEU B 626 43.89 0.48 16.30
CA LEU B 626 42.65 0.50 17.08
C LEU B 626 41.42 0.25 16.23
N VAL B 627 41.50 0.52 14.93
CA VAL B 627 40.40 0.21 14.01
C VAL B 627 40.52 -1.20 13.47
N GLY B 628 41.72 -1.59 13.03
CA GLY B 628 41.95 -2.89 12.44
C GLY B 628 42.08 -4.00 13.47
N GLY B 629 42.83 -5.03 13.10
CA GLY B 629 42.94 -6.21 13.95
C GLY B 629 41.68 -7.03 14.02
N ASN B 630 40.80 -6.92 13.03
CA ASN B 630 39.55 -7.68 12.92
C ASN B 630 38.55 -7.27 14.02
N LEU B 631 39.01 -6.51 15.01
CA LEU B 631 38.17 -6.08 16.13
C LEU B 631 37.53 -7.27 16.84
N GLU B 632 38.30 -8.35 16.96
CA GLU B 632 37.83 -9.53 17.68
C GLU B 632 37.67 -9.26 19.17
N GLY B 633 38.44 -8.33 19.72
CA GLY B 633 38.31 -7.88 21.10
C GLY B 633 37.06 -7.07 21.37
N ILE B 634 36.19 -6.92 20.39
CA ILE B 634 34.93 -6.19 20.57
C ILE B 634 33.81 -7.22 20.72
N ASP B 635 32.79 -6.87 21.50
CA ASP B 635 31.69 -7.78 21.80
C ASP B 635 30.41 -7.15 21.27
N ALA B 636 30.10 -7.43 20.00
CA ALA B 636 28.93 -6.83 19.36
C ALA B 636 27.64 -7.14 20.11
N ARG B 637 27.59 -8.28 20.80
CA ARG B 637 26.43 -8.62 21.60
C ARG B 637 26.25 -7.63 22.75
N GLU B 638 27.28 -7.48 23.58
CA GLU B 638 27.23 -6.53 24.68
C GLU B 638 27.16 -5.08 24.21
N VAL B 639 27.59 -4.81 22.98
CA VAL B 639 27.51 -3.45 22.45
C VAL B 639 26.06 -3.08 22.13
N ASN B 640 25.37 -3.97 21.43
CA ASN B 640 23.96 -3.74 21.08
C ASN B 640 23.01 -4.04 22.23
N SER B 641 23.54 -4.50 23.37
CA SER B 641 22.73 -4.73 24.57
C SER B 641 22.94 -3.56 25.51
N ILE B 642 21.85 -2.89 25.85
CA ILE B 642 21.88 -1.68 26.67
C ILE B 642 21.14 -1.97 27.97
N LYS B 643 21.88 -2.27 29.03
CA LYS B 643 21.28 -2.50 30.33
C LYS B 643 20.72 -1.19 30.89
N VAL B 644 19.48 -1.24 31.35
CA VAL B 644 18.78 -0.06 31.87
C VAL B 644 18.61 -0.13 33.37
N PHE B 645 18.15 -1.27 33.88
CA PHE B 645 17.92 -1.45 35.31
C PHE B 645 17.76 -2.94 35.60
N ASP B 646 17.51 -3.25 36.87
CA ASP B 646 17.12 -4.58 37.30
C ASP B 646 15.66 -4.54 37.74
N ASP B 647 14.90 -5.57 37.36
CA ASP B 647 13.47 -5.58 37.63
C ASP B 647 13.22 -5.80 39.12
N SER B 648 11.93 -5.85 39.49
CA SER B 648 11.57 -6.05 40.89
C SER B 648 12.04 -7.40 41.40
N GLU B 649 12.15 -8.40 40.52
CA GLU B 649 12.63 -9.72 40.91
C GLU B 649 14.14 -9.81 40.98
N GLY B 650 14.86 -8.84 40.44
CA GLY B 650 16.31 -8.81 40.48
C GLY B 650 16.99 -9.14 39.17
N ARG B 651 16.24 -9.53 38.14
CA ARG B 651 16.84 -9.87 36.86
C ARG B 651 17.13 -8.60 36.06
N PRO B 652 18.28 -8.52 35.40
CA PRO B 652 18.61 -7.32 34.62
C PRO B 652 17.76 -7.23 33.37
N VAL B 653 17.46 -5.99 32.98
CA VAL B 653 16.60 -5.71 31.83
C VAL B 653 17.43 -4.92 30.82
N TYR B 654 17.73 -5.53 29.68
CA TYR B 654 18.53 -4.91 28.65
C TYR B 654 17.61 -4.24 27.61
N VAL B 655 18.24 -3.58 26.63
CA VAL B 655 17.57 -3.09 25.43
C VAL B 655 18.43 -3.49 24.25
N ARG B 656 17.92 -4.39 23.41
CA ARG B 656 18.66 -4.92 22.28
C ARG B 656 18.41 -4.04 21.05
N VAL B 657 19.49 -3.71 20.34
CA VAL B 657 19.43 -2.84 19.17
C VAL B 657 20.00 -3.64 18.00
N GLY B 658 19.13 -4.29 17.23
CA GLY B 658 19.58 -5.11 16.12
C GLY B 658 18.73 -4.97 14.87
N ARG B 659 18.85 -5.95 13.96
CA ARG B 659 18.10 -5.90 12.72
C ARG B 659 16.61 -6.10 12.92
N ASN B 660 16.20 -6.75 14.02
CA ASN B 660 14.80 -6.99 14.32
C ASN B 660 14.14 -5.82 15.04
N GLY B 661 14.68 -4.60 14.89
CA GLY B 661 14.15 -3.45 15.57
C GLY B 661 14.53 -3.41 17.03
N PRO B 662 14.58 -2.23 17.61
CA PRO B 662 14.93 -2.11 19.04
C PRO B 662 13.80 -2.66 19.92
N TYR B 663 14.15 -3.61 20.78
CA TYR B 663 13.17 -4.28 21.62
C TYR B 663 13.74 -4.47 23.02
N LEU B 664 12.85 -4.72 23.97
CA LEU B 664 13.21 -4.99 25.35
C LEU B 664 13.41 -6.49 25.54
N GLU B 665 14.34 -6.85 26.43
CA GLU B 665 14.65 -8.25 26.65
C GLU B 665 15.28 -8.44 28.02
N ARG B 666 15.04 -9.62 28.60
CA ARG B 666 15.64 -9.98 29.87
C ARG B 666 15.70 -11.50 29.97
N MET B 667 16.57 -11.98 30.86
CA MET B 667 16.80 -13.41 31.06
C MET B 667 16.15 -13.86 32.35
N VAL B 668 15.17 -14.76 32.24
CA VAL B 668 14.50 -15.35 33.39
C VAL B 668 14.80 -16.85 33.38
N ASP B 669 14.56 -17.49 34.52
CA ASP B 669 14.85 -18.91 34.67
C ASP B 669 13.99 -19.73 33.72
N ASP B 670 14.64 -20.69 33.01
CA ASP B 670 14.03 -21.56 32.02
C ASP B 670 13.45 -22.81 32.67
N PRO B 671 12.35 -23.34 32.14
CA PRO B 671 11.77 -24.57 32.71
C PRO B 671 12.65 -25.79 32.49
N ASP B 672 13.41 -25.84 31.40
CA ASP B 672 14.30 -26.96 31.13
C ASP B 672 15.72 -26.66 31.61
N ASN B 673 15.83 -26.46 32.93
CA ASN B 673 17.12 -26.16 33.55
C ASN B 673 17.12 -26.57 35.02
N GLN B 677 18.43 -20.61 31.94
CA GLN B 677 17.75 -19.33 31.78
C GLN B 677 17.07 -19.23 30.42
N LYS B 678 15.95 -18.51 30.37
CA LYS B 678 15.18 -18.35 29.15
C LYS B 678 15.02 -16.87 28.81
N PRO B 679 15.15 -16.51 27.53
CA PRO B 679 15.04 -15.10 27.15
C PRO B 679 13.57 -14.69 26.94
N GLN B 680 13.18 -13.61 27.60
CA GLN B 680 11.85 -13.01 27.40
C GLN B 680 12.03 -11.67 26.71
N ARG B 681 11.32 -11.48 25.61
CA ARG B 681 11.46 -10.29 24.78
C ARG B 681 10.12 -9.57 24.68
N ALA B 682 10.18 -8.30 24.28
CA ALA B 682 9.00 -7.49 24.08
C ALA B 682 9.35 -6.34 23.14
N ASN B 683 8.45 -6.07 22.20
CA ASN B 683 8.68 -5.01 21.22
C ASN B 683 8.41 -3.64 21.84
N LEU B 684 9.24 -2.67 21.47
CA LEU B 684 9.13 -1.31 21.98
C LEU B 684 8.52 -0.40 20.92
N LYS B 685 7.62 0.48 21.36
CA LYS B 685 7.07 1.48 20.47
C LYS B 685 8.16 2.46 20.03
N GLU B 686 8.14 2.82 18.75
CA GLU B 686 9.15 3.71 18.21
C GLU B 686 9.11 5.10 18.84
N ASP B 687 7.96 5.52 19.38
CA ASP B 687 7.82 6.84 19.97
C ASP B 687 8.30 6.89 21.42
N LEU B 688 8.73 5.77 22.00
CA LEU B 688 9.17 5.74 23.39
C LEU B 688 10.56 6.34 23.52
N THR B 689 10.70 7.30 24.45
CA THR B 689 11.97 7.93 24.76
C THR B 689 12.67 7.18 25.90
N PRO B 690 14.00 7.22 25.95
CA PRO B 690 14.72 6.41 26.95
C PRO B 690 14.32 6.69 28.40
N ASP B 691 14.09 7.96 28.75
CA ASP B 691 13.76 8.26 30.14
C ASP B 691 12.38 7.75 30.53
N GLU B 692 11.51 7.47 29.55
CA GLU B 692 10.17 6.97 29.84
C GLU B 692 10.13 5.46 30.06
N LEU B 693 11.25 4.76 29.84
CA LEU B 693 11.31 3.31 30.04
C LEU B 693 11.51 3.04 31.53
N THR B 694 10.41 2.99 32.26
CA THR B 694 10.40 2.78 33.71
C THR B 694 10.19 1.30 34.02
N PRO B 695 10.72 0.83 35.16
CA PRO B 695 10.48 -0.56 35.55
C PRO B 695 9.01 -0.90 35.72
N GLU B 696 8.17 0.08 36.07
CA GLU B 696 6.73 -0.17 36.16
C GLU B 696 6.12 -0.42 34.79
N LEU B 697 6.63 0.24 33.76
CA LEU B 697 6.14 0.00 32.40
C LEU B 697 6.73 -1.27 31.80
N ALA B 698 7.95 -1.64 32.21
CA ALA B 698 8.58 -2.85 31.67
C ALA B 698 7.77 -4.09 32.04
N GLU B 699 7.37 -4.21 33.30
CA GLU B 699 6.58 -5.37 33.72
C GLU B 699 5.23 -5.40 33.02
N LYS B 700 4.61 -4.23 32.84
CA LYS B 700 3.35 -4.17 32.09
C LYS B 700 3.57 -4.44 30.61
N LEU B 701 4.71 -4.04 30.06
CA LEU B 701 5.00 -4.29 28.66
C LEU B 701 5.35 -5.76 28.41
N PHE B 702 5.81 -6.48 29.43
CA PHE B 702 6.01 -7.92 29.30
C PHE B 702 4.70 -8.68 29.43
N ALA B 703 3.73 -8.15 30.18
CA ALA B 703 2.43 -8.80 30.29
C ALA B 703 1.71 -8.84 28.95
N THR B 704 2.00 -7.88 28.06
CA THR B 704 1.46 -7.92 26.72
C THR B 704 1.96 -9.18 25.99
N PRO B 705 1.17 -9.72 25.07
CA PRO B 705 1.58 -10.95 24.40
C PRO B 705 2.82 -10.75 23.54
N GLN B 706 3.59 -11.83 23.39
CA GLN B 706 4.81 -11.77 22.60
C GLN B 706 4.50 -11.44 21.14
N GLU B 707 3.60 -12.21 20.53
CA GLU B 707 3.19 -11.99 19.15
C GLU B 707 1.70 -12.18 19.03
N GLY B 708 1.16 -11.84 17.86
CA GLY B 708 -0.26 -12.00 17.62
C GLY B 708 -1.09 -10.94 18.34
N ARG B 709 -2.39 -11.19 18.34
CA ARG B 709 -3.35 -10.29 18.96
C ARG B 709 -3.80 -10.84 20.31
N SER B 710 -4.12 -9.93 21.23
CA SER B 710 -4.59 -10.26 22.56
C SER B 710 -6.11 -10.13 22.61
N LEU B 711 -6.79 -11.22 22.97
CA LEU B 711 -8.26 -11.24 23.01
C LEU B 711 -8.77 -10.68 24.33
N GLY B 712 -8.51 -11.38 25.42
CA GLY B 712 -8.95 -10.92 26.72
C GLY B 712 -8.75 -12.00 27.76
N ILE B 713 -9.41 -11.82 28.90
CA ILE B 713 -9.38 -12.78 29.99
C ILE B 713 -10.66 -13.61 29.94
N ASP B 714 -10.55 -14.88 30.30
CA ASP B 714 -11.75 -15.71 30.26
C ASP B 714 -12.51 -15.59 31.57
N PRO B 715 -13.83 -15.42 31.53
CA PRO B 715 -14.60 -15.34 32.78
C PRO B 715 -14.63 -16.64 33.58
N GLU B 716 -14.15 -17.75 33.01
CA GLU B 716 -14.20 -19.03 33.70
C GLU B 716 -13.08 -19.17 34.72
N THR B 717 -11.85 -18.86 34.31
CA THR B 717 -10.70 -19.04 35.20
C THR B 717 -9.90 -17.75 35.35
N GLY B 718 -9.89 -16.91 34.31
CA GLY B 718 -9.18 -15.65 34.37
C GLY B 718 -7.79 -15.72 33.76
N HIS B 719 -7.65 -16.41 32.63
CA HIS B 719 -6.38 -16.54 31.94
C HIS B 719 -6.35 -15.64 30.72
N GLU B 720 -5.15 -15.20 30.35
CA GLU B 720 -4.97 -14.32 29.21
C GLU B 720 -5.01 -15.14 27.92
N ILE B 721 -6.10 -15.04 27.19
CA ILE B 721 -6.25 -15.72 25.91
C ILE B 721 -5.73 -14.82 24.81
N VAL B 722 -4.83 -15.34 23.97
CA VAL B 722 -4.24 -14.60 22.87
C VAL B 722 -4.55 -15.31 21.57
N ALA B 723 -4.73 -14.52 20.51
CA ALA B 723 -5.00 -15.03 19.18
C ALA B 723 -3.80 -14.76 18.28
N LYS B 724 -3.40 -15.78 17.52
CA LYS B 724 -2.25 -15.67 16.62
C LYS B 724 -2.56 -16.44 15.35
N ASP B 725 -1.53 -16.63 14.52
CA ASP B 725 -1.64 -17.40 13.28
C ASP B 725 -0.48 -18.39 13.26
N GLY B 726 -0.79 -19.68 13.41
CA GLY B 726 0.23 -20.71 13.49
C GLY B 726 0.81 -21.08 12.15
N ARG B 727 1.47 -22.23 12.12
CA ARG B 727 2.17 -22.71 10.93
C ARG B 727 1.24 -23.43 9.95
N PHE B 728 -0.03 -23.61 10.29
CA PHE B 728 -0.98 -24.24 9.38
C PHE B 728 -2.39 -23.75 9.71
N GLY B 729 -2.58 -22.43 9.69
CA GLY B 729 -3.89 -21.86 9.89
C GLY B 729 -3.95 -20.91 11.06
N PRO B 730 -5.15 -20.41 11.36
CA PRO B 730 -5.30 -19.47 12.48
C PRO B 730 -5.16 -20.18 13.82
N TYR B 731 -4.92 -19.39 14.86
CA TYR B 731 -4.53 -19.91 16.16
C TYR B 731 -5.24 -19.17 17.27
N VAL B 732 -5.66 -19.91 18.29
CA VAL B 732 -6.20 -19.36 19.53
C VAL B 732 -5.64 -20.18 20.68
N THR B 733 -4.98 -19.51 21.63
CA THR B 733 -4.29 -20.20 22.71
C THR B 733 -4.44 -19.43 24.01
N GLU B 734 -4.32 -20.17 25.11
CA GLU B 734 -4.23 -19.60 26.44
C GLU B 734 -2.79 -19.59 26.92
N VAL B 735 -2.51 -18.77 27.92
CA VAL B 735 -1.17 -18.63 28.47
C VAL B 735 -1.22 -18.98 29.95
N LEU B 736 -0.08 -19.47 30.47
CA LEU B 736 0.05 -19.84 31.87
C LEU B 736 1.43 -19.41 32.36
N PRO B 737 1.60 -18.12 32.67
CA PRO B 737 2.89 -17.63 33.17
C PRO B 737 3.18 -18.22 34.55
N GLU B 738 4.37 -18.81 34.70
CA GLU B 738 4.78 -19.41 35.95
C GLU B 738 5.03 -18.34 37.03
N THR B 759 3.20 -35.27 32.46
CA THR B 759 4.01 -34.42 33.33
C THR B 759 3.28 -33.11 33.65
N GLY B 760 2.35 -32.74 32.78
CA GLY B 760 1.60 -31.53 32.95
C GLY B 760 0.66 -31.25 31.78
N PRO B 761 -0.12 -30.17 31.88
CA PRO B 761 -1.05 -29.83 30.80
C PRO B 761 -0.44 -28.87 29.78
N LYS B 762 -0.71 -29.16 28.51
CA LYS B 762 -0.21 -28.32 27.43
C LYS B 762 -1.16 -27.15 27.19
N PRO B 763 -0.65 -26.05 26.62
CA PRO B 763 -1.54 -24.93 26.27
C PRO B 763 -2.61 -25.35 25.28
N ARG B 764 -3.87 -25.36 25.72
CA ARG B 764 -4.96 -25.81 24.86
C ARG B 764 -5.11 -24.88 23.67
N THR B 765 -5.36 -25.48 22.51
CA THR B 765 -5.40 -24.78 21.23
C THR B 765 -6.79 -24.86 20.61
N GLY B 766 -6.94 -24.17 19.48
CA GLY B 766 -8.19 -24.16 18.75
C GLY B 766 -8.08 -23.33 17.48
N SER B 767 -8.52 -23.88 16.36
CA SER B 767 -8.46 -23.20 15.08
C SER B 767 -9.79 -22.54 14.76
N LEU B 768 -9.73 -21.41 14.08
CA LEU B 768 -10.94 -20.68 13.74
C LEU B 768 -11.76 -21.43 12.69
N PHE B 769 -13.01 -21.01 12.53
CA PHE B 769 -13.87 -21.54 11.48
C PHE B 769 -13.58 -20.80 10.19
N ARG B 770 -14.51 -20.88 9.22
CA ARG B 770 -14.29 -20.22 7.94
C ARG B 770 -14.50 -18.71 8.04
N SER B 771 -15.34 -18.26 8.97
CA SER B 771 -15.72 -16.86 9.05
C SER B 771 -14.79 -16.02 9.93
N MET B 772 -14.20 -16.61 10.96
CA MET B 772 -13.43 -15.84 11.93
C MET B 772 -12.14 -15.31 11.33
N ASP B 773 -11.62 -14.24 11.93
CA ASP B 773 -10.39 -13.60 11.49
C ASP B 773 -9.55 -13.21 12.69
N LEU B 774 -8.31 -12.81 12.42
CA LEU B 774 -7.37 -12.53 13.50
C LEU B 774 -7.81 -11.34 14.34
N GLU B 775 -8.35 -10.30 13.70
CA GLU B 775 -8.76 -9.10 14.41
C GLU B 775 -10.23 -9.09 14.80
N THR B 776 -11.06 -9.89 14.13
CA THR B 776 -12.49 -9.91 14.40
C THR B 776 -12.87 -10.91 15.48
N VAL B 777 -11.95 -11.74 15.94
CA VAL B 777 -12.28 -12.77 16.92
C VAL B 777 -12.49 -12.15 18.29
N THR B 778 -13.59 -12.52 18.93
CA THR B 778 -13.87 -12.14 20.31
C THR B 778 -13.49 -13.27 21.25
N LEU B 779 -13.42 -12.95 22.54
CA LEU B 779 -13.12 -13.98 23.53
C LEU B 779 -14.21 -15.04 23.61
N GLU B 780 -15.44 -14.71 23.19
CA GLU B 780 -16.48 -15.72 23.15
C GLU B 780 -16.21 -16.74 22.06
N ASP B 781 -15.78 -16.29 20.88
CA ASP B 781 -15.39 -17.21 19.83
C ASP B 781 -14.15 -18.00 20.24
N ALA B 782 -13.24 -17.36 20.98
CA ALA B 782 -12.03 -18.05 21.42
C ALA B 782 -12.35 -19.09 22.50
N LEU B 783 -13.29 -18.76 23.40
CA LEU B 783 -13.60 -19.68 24.50
C LEU B 783 -14.36 -20.91 24.03
N LYS B 784 -15.16 -20.78 22.96
CA LYS B 784 -15.86 -21.96 22.45
C LYS B 784 -14.91 -22.89 21.71
N LEU B 785 -13.90 -22.34 21.04
CA LEU B 785 -12.95 -23.18 20.31
C LEU B 785 -11.99 -23.91 21.24
N LEU B 786 -11.70 -23.32 22.41
CA LEU B 786 -10.84 -23.99 23.37
C LEU B 786 -11.54 -25.14 24.07
N SER B 787 -12.88 -25.14 24.08
CA SER B 787 -13.66 -26.23 24.65
C SER B 787 -14.31 -27.08 23.56
N LEU B 788 -13.85 -26.96 22.31
CA LEU B 788 -14.47 -27.68 21.21
C LEU B 788 -14.28 -29.19 21.29
N PRO B 789 -13.05 -29.73 21.45
CA PRO B 789 -12.91 -31.19 21.42
C PRO B 789 -13.56 -31.89 22.61
N ARG B 790 -14.88 -31.99 22.59
CA ARG B 790 -15.62 -32.64 23.66
C ARG B 790 -17.05 -32.90 23.18
N VAL B 791 -17.84 -33.55 24.02
CA VAL B 791 -19.23 -33.82 23.71
C VAL B 791 -20.09 -32.60 24.04
N THR B 797 -23.39 -49.89 19.54
CA THR B 797 -22.28 -48.98 19.82
C THR B 797 -21.22 -49.64 20.69
N THR B 798 -19.95 -49.30 20.45
CA THR B 798 -18.86 -49.85 21.23
C THR B 798 -18.65 -49.01 22.49
N ASN B 799 -17.68 -49.44 23.31
CA ASN B 799 -17.38 -48.73 24.55
C ASN B 799 -16.65 -47.41 24.32
N GLU B 800 -16.32 -47.07 23.08
CA GLU B 800 -15.65 -45.81 22.80
C GLU B 800 -16.65 -44.65 22.87
N GLU B 801 -16.11 -43.45 23.03
CA GLU B 801 -16.92 -42.25 23.12
C GLU B 801 -17.03 -41.57 21.76
N ILE B 802 -18.08 -40.75 21.62
CA ILE B 802 -18.35 -40.02 20.39
C ILE B 802 -18.19 -38.53 20.66
N THR B 803 -17.36 -37.86 19.87
CA THR B 803 -17.04 -36.47 20.06
C THR B 803 -17.37 -35.67 18.79
N ALA B 804 -17.50 -34.36 18.97
CA ALA B 804 -17.76 -33.43 17.88
C ALA B 804 -16.71 -32.32 17.89
N GLN B 805 -16.26 -31.93 16.71
CA GLN B 805 -15.19 -30.95 16.58
C GLN B 805 -15.20 -30.42 15.15
N ASN B 806 -14.23 -29.56 14.84
CA ASN B 806 -14.10 -28.94 13.53
C ASN B 806 -12.74 -29.26 12.92
N GLY B 807 -12.70 -29.31 11.59
CA GLY B 807 -11.46 -29.61 10.89
C GLY B 807 -11.31 -28.85 9.58
N ARG B 808 -10.34 -29.27 8.76
CA ARG B 808 -10.09 -28.57 7.49
C ARG B 808 -11.31 -28.56 6.59
N TYR B 809 -12.16 -29.59 6.67
CA TYR B 809 -13.33 -29.72 5.80
C TYR B 809 -14.62 -29.49 6.58
N GLY B 810 -14.59 -28.56 7.53
CA GLY B 810 -15.77 -28.20 8.28
C GLY B 810 -15.97 -29.08 9.50
N PRO B 811 -17.14 -28.97 10.13
CA PRO B 811 -17.42 -29.76 11.33
C PRO B 811 -17.64 -31.23 10.99
N TYR B 812 -17.51 -32.07 12.01
CA TYR B 812 -17.67 -33.51 11.86
C TYR B 812 -17.71 -34.14 13.24
N LEU B 813 -18.40 -35.27 13.35
CA LEU B 813 -18.39 -36.08 14.55
C LEU B 813 -17.52 -37.32 14.34
N LYS B 814 -17.17 -37.96 15.44
CA LYS B 814 -16.24 -39.10 15.41
C LYS B 814 -16.77 -40.18 16.35
N ARG B 815 -17.36 -41.22 15.79
CA ARG B 815 -17.86 -42.36 16.57
C ARG B 815 -16.77 -43.43 16.58
N GLY B 816 -15.86 -43.33 17.54
CA GLY B 816 -14.75 -44.25 17.64
C GLY B 816 -13.80 -44.12 16.46
N THR B 817 -14.05 -44.86 15.40
CA THR B 817 -13.26 -44.77 14.18
C THR B 817 -14.06 -44.26 12.98
N ASP B 818 -15.38 -44.33 13.03
CA ASP B 818 -16.23 -43.82 11.96
C ASP B 818 -16.55 -42.35 12.20
N SER B 819 -16.47 -41.55 11.13
CA SER B 819 -16.66 -40.12 11.22
C SER B 819 -17.60 -39.66 10.11
N ARG B 820 -18.67 -38.96 10.48
CA ARG B 820 -19.62 -38.41 9.54
C ARG B 820 -19.55 -36.88 9.57
N SER B 821 -20.00 -36.26 8.49
CA SER B 821 -19.72 -34.86 8.21
C SER B 821 -20.90 -33.95 8.55
N LEU B 822 -20.59 -32.66 8.67
CA LEU B 822 -21.56 -31.57 8.74
C LEU B 822 -21.05 -30.45 7.86
N ALA B 823 -21.96 -29.82 7.12
CA ALA B 823 -21.59 -28.90 6.04
C ALA B 823 -22.09 -27.49 6.35
N THR B 824 -21.42 -26.84 7.32
CA THR B 824 -21.58 -25.42 7.59
C THR B 824 -20.56 -25.00 8.63
N GLU B 825 -19.85 -23.89 8.38
CA GLU B 825 -18.75 -23.49 9.26
C GLU B 825 -19.23 -23.21 10.68
N ASP B 826 -20.36 -22.50 10.82
CA ASP B 826 -20.91 -22.19 12.12
C ASP B 826 -21.84 -23.28 12.64
N GLN B 827 -21.96 -24.40 11.93
CA GLN B 827 -22.82 -25.48 12.39
C GLN B 827 -22.23 -26.18 13.61
N ILE B 828 -20.91 -26.25 13.71
CA ILE B 828 -20.27 -26.89 14.86
C ILE B 828 -20.72 -26.22 16.16
N PHE B 829 -20.73 -24.88 16.18
CA PHE B 829 -21.24 -24.17 17.34
C PHE B 829 -22.74 -24.34 17.51
N THR B 830 -23.44 -24.62 16.41
CA THR B 830 -24.88 -24.86 16.47
C THR B 830 -25.22 -26.32 16.68
N ILE B 831 -24.42 -27.24 16.14
CA ILE B 831 -24.69 -28.66 16.31
C ILE B 831 -24.37 -29.17 17.71
N THR B 832 -23.55 -28.44 18.47
CA THR B 832 -23.31 -28.84 19.86
C THR B 832 -24.57 -28.73 20.70
N LEU B 833 -25.54 -27.93 20.28
CA LEU B 833 -26.86 -27.90 20.89
C LEU B 833 -27.76 -28.99 20.32
N ASP B 834 -27.66 -29.26 19.02
CA ASP B 834 -28.37 -30.35 18.38
C ASP B 834 -27.56 -31.64 18.38
N GLU B 835 -26.67 -31.82 19.37
CA GLU B 835 -25.79 -32.98 19.39
C GLU B 835 -26.47 -34.22 19.93
N ALA B 836 -27.22 -34.08 21.03
CA ALA B 836 -27.85 -35.23 21.66
C ALA B 836 -28.97 -35.85 20.82
N LEU B 837 -29.27 -35.30 19.64
CA LEU B 837 -30.34 -35.80 18.81
C LEU B 837 -29.92 -37.01 17.99
N LYS B 838 -29.25 -36.77 16.86
CA LYS B 838 -28.94 -37.83 15.91
C LYS B 838 -27.52 -38.35 16.02
N ILE B 839 -26.70 -37.79 16.90
CA ILE B 839 -25.35 -38.32 17.10
C ILE B 839 -25.41 -39.68 17.77
N TYR B 840 -26.23 -39.79 18.83
CA TYR B 840 -26.44 -41.09 19.47
C TYR B 840 -27.20 -42.04 18.56
N ALA B 841 -28.02 -41.50 17.66
CA ALA B 841 -28.79 -42.35 16.75
C ALA B 841 -27.96 -42.80 15.57
N GLU B 842 -27.07 -41.94 15.07
CA GLU B 842 -26.27 -42.27 13.90
C GLU B 842 -24.78 -42.25 14.22
S SO4 E . -46.79 -38.47 -21.84
O1 SO4 E . -47.94 -38.93 -22.61
O2 SO4 E . -46.24 -39.58 -21.07
O3 SO4 E . -47.21 -37.41 -20.93
O4 SO4 E . -45.77 -37.95 -22.74
S SO4 F . -25.36 -53.87 -16.99
O1 SO4 F . -25.67 -54.36 -18.33
O2 SO4 F . -24.25 -54.63 -16.43
O3 SO4 F . -24.98 -52.45 -17.08
O4 SO4 F . -26.54 -53.99 -16.14
S SO4 G . -36.85 -46.45 2.71
O1 SO4 G . -36.16 -46.49 1.42
O2 SO4 G . -36.77 -47.77 3.33
O3 SO4 G . -36.20 -45.47 3.57
O4 SO4 G . -38.24 -46.09 2.51
S SO4 H . -40.22 -7.85 -31.37
O1 SO4 H . -39.19 -7.59 -32.36
O2 SO4 H . -40.88 -9.12 -31.66
O3 SO4 H . -41.22 -6.78 -31.41
O4 SO4 H . -39.63 -7.89 -30.04
S SO4 I . 6.97 31.53 -3.41
O1 SO4 I . 6.63 30.21 -3.91
O2 SO4 I . 7.69 31.40 -2.14
O3 SO4 I . 5.74 32.29 -3.19
O4 SO4 I . 7.81 32.23 -4.37
S SO4 J . -27.15 -6.37 -23.46
O1 SO4 J . -27.28 -7.78 -23.14
O2 SO4 J . -27.84 -6.08 -24.71
O3 SO4 J . -27.74 -5.57 -22.39
O4 SO4 J . -25.73 -6.03 -23.59
S SO4 K . -25.39 -16.88 -10.83
O1 SO4 K . -25.34 -18.30 -11.14
O2 SO4 K . -24.65 -16.13 -11.84
O3 SO4 K . -26.79 -16.43 -10.83
O4 SO4 K . -24.81 -16.64 -9.51
S SO4 L . 5.74 -5.84 -31.12
O1 SO4 L . 5.52 -7.12 -30.43
O2 SO4 L . 5.91 -6.09 -32.55
O3 SO4 L . 4.58 -4.98 -30.91
O4 SO4 L . 6.92 -5.19 -30.58
S SO4 M . 3.84 -1.32 -44.09
O1 SO4 M . 3.43 -1.80 -42.77
O2 SO4 M . 3.72 -2.42 -45.05
O3 SO4 M . 2.97 -0.23 -44.50
O4 SO4 M . 5.22 -0.86 -44.05
S SO4 N . -35.49 -16.39 -38.19
O1 SO4 N . -34.99 -16.88 -36.91
O2 SO4 N . -36.26 -17.43 -38.85
O3 SO4 N . -36.34 -15.22 -37.96
O4 SO4 N . -34.36 -16.01 -39.04
S SO4 O . 28.75 17.94 -0.83
O1 SO4 O . 28.11 16.82 -1.51
O2 SO4 O . 30.19 17.70 -0.74
O3 SO4 O . 28.19 18.06 0.52
O4 SO4 O . 28.50 19.16 -1.56
S SO4 P . 10.43 17.50 31.71
O1 SO4 P . 11.41 18.06 30.79
O2 SO4 P . 9.99 16.19 31.23
O3 SO4 P . 9.27 18.40 31.79
O4 SO4 P . 11.03 17.37 33.03
S SO4 Q . 10.93 25.87 11.79
O1 SO4 Q . 10.45 24.92 12.78
O2 SO4 Q . 11.47 25.13 10.64
O3 SO4 Q . 9.83 26.72 11.35
O4 SO4 Q . 11.98 26.69 12.37
S SO4 R . 22.84 64.73 13.22
O1 SO4 R . 23.65 64.32 14.37
O2 SO4 R . 23.05 63.79 12.12
O3 SO4 R . 21.43 64.72 13.61
O4 SO4 R . 23.22 66.08 12.81
S SO4 S . 26.99 51.55 1.64
O1 SO4 S . 27.44 50.28 2.22
O2 SO4 S . 26.76 51.37 0.21
O3 SO4 S . 25.74 51.96 2.29
O4 SO4 S . 28.00 52.57 1.84
S SO4 T . 5.61 17.34 18.22
O1 SO4 T . 4.33 16.65 18.30
O2 SO4 T . 6.64 16.42 17.76
O3 SO4 T . 5.50 18.46 17.29
O4 SO4 T . 5.97 17.85 19.55
S SO4 U . 42.39 13.57 24.23
O1 SO4 U . 42.69 13.09 25.58
O2 SO4 U . 42.06 12.44 23.38
O3 SO4 U . 41.25 14.49 24.28
O4 SO4 U . 43.56 14.26 23.70
S SO4 V . 38.87 9.91 -14.54
O1 SO4 V . 40.10 9.32 -14.00
O2 SO4 V . 38.70 9.49 -15.92
O3 SO4 V . 37.73 9.45 -13.75
O4 SO4 V . 38.96 11.37 -14.48
S SO4 W . 14.32 -10.73 -9.69
O1 SO4 W . 14.04 -11.59 -8.54
O2 SO4 W . 14.38 -11.53 -10.90
O3 SO4 W . 15.60 -10.06 -9.48
O4 SO4 W . 13.26 -9.73 -9.82
S SO4 X . -6.99 -32.21 -11.30
O1 SO4 X . -5.65 -32.10 -11.84
O2 SO4 X . -7.35 -33.62 -11.15
O3 SO4 X . -7.05 -31.55 -9.99
O4 SO4 X . -7.95 -31.57 -12.20
S SO4 Y . 16.51 -10.78 -2.98
O1 SO4 Y . 16.69 -11.40 -4.29
O2 SO4 Y . 15.52 -11.53 -2.21
O3 SO4 Y . 17.77 -10.78 -2.26
O4 SO4 Y . 16.05 -9.40 -3.15
S SO4 Z . 21.59 22.49 -0.98
O1 SO4 Z . 22.00 21.14 -1.37
O2 SO4 Z . 20.17 22.66 -1.28
O3 SO4 Z . 22.37 23.46 -1.75
O4 SO4 Z . 21.82 22.67 0.44
#